data_6XFX
# 
_entry.id   6XFX 
# 
_audit_conform.dict_name       mmcif_pdbx.dic 
_audit_conform.dict_version    5.380 
_audit_conform.dict_location   http://mmcif.pdb.org/dictionaries/ascii/mmcif_pdbx.dic 
# 
loop_
_database_2.database_id 
_database_2.database_code 
_database_2.pdbx_database_accession 
_database_2.pdbx_DOI 
PDB   6XFX         pdb_00006xfx 10.2210/pdb6xfx/pdb 
WWPDB D_1000249224 ?            ?                   
# 
_pdbx_database_status.status_code                     REL 
_pdbx_database_status.status_code_sf                  REL 
_pdbx_database_status.status_code_mr                  ? 
_pdbx_database_status.entry_id                        6XFX 
_pdbx_database_status.recvd_initial_deposition_date   2020-06-16 
_pdbx_database_status.SG_entry                        N 
_pdbx_database_status.deposit_site                    RCSB 
_pdbx_database_status.process_site                    RCSB 
_pdbx_database_status.status_code_cs                  ? 
_pdbx_database_status.status_code_nmr_data            ? 
_pdbx_database_status.methods_development_category    ? 
_pdbx_database_status.pdb_format_compatible           Y 
# 
loop_
_audit_author.name 
_audit_author.pdbx_ordinal 
_audit_author.identifier_ORCID 
'Simmons, C.R.'      1 0000-0002-2290-6132 
'MacCulloch, T.'     2 0000-0001-5875-3361 
'Stephanopoulos, N.' 3 0000-0001-7859-410X 
'Yan, H.'            4 0000-0001-7397-9852 
# 
_citation.abstract                  ? 
_citation.abstract_id_CAS           ? 
_citation.book_id_ISBN              ? 
_citation.book_publisher            ? 
_citation.book_publisher_city       ? 
_citation.book_title                ? 
_citation.coordinate_linkage        ? 
_citation.country                   UK 
_citation.database_id_Medline       ? 
_citation.details                   ? 
_citation.id                        primary 
_citation.journal_abbrev            'Nat Commun' 
_citation.journal_id_ASTM           ? 
_citation.journal_id_CSD            ? 
_citation.journal_id_ISSN           2041-1723 
_citation.journal_full              ? 
_citation.journal_issue             ? 
_citation.journal_volume            13 
_citation.language                  ? 
_citation.page_first                3112 
_citation.page_last                 3112 
_citation.title                     'The influence of Holliday junction sequence and dynamics on DNA crystal self-assembly.' 
_citation.year                      2022 
_citation.database_id_CSD           ? 
_citation.pdbx_database_id_DOI      10.1038/s41467-022-30779-6 
_citation.pdbx_database_id_PubMed   35662248 
_citation.unpublished_flag          ? 
# 
loop_
_citation_author.citation_id 
_citation_author.name 
_citation_author.ordinal 
_citation_author.identifier_ORCID 
primary 'Simmons, C.R.'      1  ?                   
primary 'MacCulloch, T.'     2  ?                   
primary 'Krepl, M.'          3  0000-0002-9833-4281 
primary 'Matthies, M.'       4  ?                   
primary 'Buchberger, A.'     5  ?                   
primary 'Crawford, I.'       6  ?                   
primary 'Sponer, J.'         7  0000-0001-6558-6186 
primary 'Sulc, P.'           8  0000-0003-1565-6769 
primary 'Stephanopoulos, N.' 9  0000-0001-7859-410X 
primary 'Yan, H.'            10 0000-0001-7397-9852 
# 
_cell.angle_alpha                  90.000 
_cell.angle_alpha_esd              ? 
_cell.angle_beta                   90.000 
_cell.angle_beta_esd               ? 
_cell.angle_gamma                  120.000 
_cell.angle_gamma_esd              ? 
_cell.entry_id                     6XFX 
_cell.details                      ? 
_cell.formula_units_Z              ? 
_cell.length_a                     67.634 
_cell.length_a_esd                 ? 
_cell.length_b                     67.634 
_cell.length_b_esd                 ? 
_cell.length_c                     60.662 
_cell.length_c_esd                 ? 
_cell.volume                       ? 
_cell.volume_esd                   ? 
_cell.Z_PDB                        6 
_cell.reciprocal_angle_alpha       ? 
_cell.reciprocal_angle_beta        ? 
_cell.reciprocal_angle_gamma       ? 
_cell.reciprocal_angle_alpha_esd   ? 
_cell.reciprocal_angle_beta_esd    ? 
_cell.reciprocal_angle_gamma_esd   ? 
_cell.reciprocal_length_a          ? 
_cell.reciprocal_length_b          ? 
_cell.reciprocal_length_c          ? 
_cell.reciprocal_length_a_esd      ? 
_cell.reciprocal_length_b_esd      ? 
_cell.reciprocal_length_c_esd      ? 
_cell.pdbx_unique_axis             ? 
# 
_symmetry.entry_id                         6XFX 
_symmetry.cell_setting                     ? 
_symmetry.Int_Tables_number                154 
_symmetry.space_group_name_Hall            ? 
_symmetry.space_group_name_H-M             'P 32 2 1' 
_symmetry.pdbx_full_space_group_name_H-M   ? 
# 
loop_
_entity.id 
_entity.type 
_entity.src_method 
_entity.pdbx_description 
_entity.formula_weight 
_entity.pdbx_number_of_molecules 
_entity.pdbx_ec 
_entity.pdbx_mutation 
_entity.pdbx_fragment 
_entity.details 
1 polymer syn 
;DNA (5'-D(*GP*AP*GP*CP*AP*GP*AP*CP*TP*TP*G)-3')
;
3398.235 1 ? ? ? ? 
2 polymer syn 
;DNA (5'-D(P*AP*CP*AP*CP*CP*AP*CP*TP*CP*A)-3')
;
2957.972 1 ? ? ? ? 
3 polymer syn 
;DNA (5'-D(P*CP*AP*TP*GP*T)-3')
;
1495.023 1 ? ? ? ? 
4 polymer syn 
;DNA (5'-D(*TP*CP*TP*GP*AP*GP*TP*GP*AP*GP*GP*TP*CP*TP*GP*C)-3')
;
4945.200 1 ? ? ? ? 
# 
loop_
_entity_poly.entity_id 
_entity_poly.type 
_entity_poly.nstd_linkage 
_entity_poly.nstd_monomer 
_entity_poly.pdbx_seq_one_letter_code 
_entity_poly.pdbx_seq_one_letter_code_can 
_entity_poly.pdbx_strand_id 
_entity_poly.pdbx_target_identifier 
1 polydeoxyribonucleotide no no '(DG)(DA)(DG)(DC)(DA)(DG)(DA)(DC)(DT)(DT)(DG)'                     GAGCAGACTTG      A ? 
2 polydeoxyribonucleotide no no '(DA)(DC)(DA)(DC)(DC)(DA)(DC)(DT)(DC)(DA)'                         ACACCACTCA       B ? 
3 polydeoxyribonucleotide no no '(DC)(DA)(DT)(DG)(DT)'                                             CATGT            C ? 
4 polydeoxyribonucleotide no no '(DT)(DC)(DT)(DG)(DA)(DG)(DT)(DG)(DA)(DG)(DG)(DT)(DC)(DT)(DG)(DC)' TCTGAGTGAGGTCTGC D ? 
# 
loop_
_entity_poly_seq.entity_id 
_entity_poly_seq.num 
_entity_poly_seq.mon_id 
_entity_poly_seq.hetero 
1 1  DG n 
1 2  DA n 
1 3  DG n 
1 4  DC n 
1 5  DA n 
1 6  DG n 
1 7  DA n 
1 8  DC n 
1 9  DT n 
1 10 DT n 
1 11 DG n 
2 1  DA n 
2 2  DC n 
2 3  DA n 
2 4  DC n 
2 5  DC n 
2 6  DA n 
2 7  DC n 
2 8  DT n 
2 9  DC n 
2 10 DA n 
3 1  DC n 
3 2  DA n 
3 3  DT n 
3 4  DG n 
3 5  DT n 
4 1  DT n 
4 2  DC n 
4 3  DT n 
4 4  DG n 
4 5  DA n 
4 6  DG n 
4 7  DT n 
4 8  DG n 
4 9  DA n 
4 10 DG n 
4 11 DG n 
4 12 DT n 
4 13 DC n 
4 14 DT n 
4 15 DG n 
4 16 DC n 
# 
loop_
_pdbx_entity_src_syn.entity_id 
_pdbx_entity_src_syn.pdbx_src_id 
_pdbx_entity_src_syn.pdbx_alt_source_flag 
_pdbx_entity_src_syn.pdbx_beg_seq_num 
_pdbx_entity_src_syn.pdbx_end_seq_num 
_pdbx_entity_src_syn.organism_scientific 
_pdbx_entity_src_syn.organism_common_name 
_pdbx_entity_src_syn.ncbi_taxonomy_id 
_pdbx_entity_src_syn.details 
1 1 sample 1 11 'synthetic construct' ? 32630 ? 
2 1 sample 1 10 'synthetic construct' ? 32630 ? 
3 1 sample 1 5  'synthetic construct' ? 32630 ? 
4 1 sample 1 16 'synthetic construct' ? 32630 ? 
# 
loop_
_struct_ref.id 
_struct_ref.db_name 
_struct_ref.db_code 
_struct_ref.pdbx_db_accession 
_struct_ref.pdbx_db_isoform 
_struct_ref.entity_id 
_struct_ref.pdbx_seq_one_letter_code 
_struct_ref.pdbx_align_begin 
1 PDB 6XFX 6XFX ? 1 ? 1 
2 PDB 6XFX 6XFX ? 2 ? 1 
3 PDB 6XFX 6XFX ? 3 ? 1 
4 PDB 6XFX 6XFX ? 4 ? 1 
# 
loop_
_struct_ref_seq.align_id 
_struct_ref_seq.ref_id 
_struct_ref_seq.pdbx_PDB_id_code 
_struct_ref_seq.pdbx_strand_id 
_struct_ref_seq.seq_align_beg 
_struct_ref_seq.pdbx_seq_align_beg_ins_code 
_struct_ref_seq.seq_align_end 
_struct_ref_seq.pdbx_seq_align_end_ins_code 
_struct_ref_seq.pdbx_db_accession 
_struct_ref_seq.db_align_beg 
_struct_ref_seq.pdbx_db_align_beg_ins_code 
_struct_ref_seq.db_align_end 
_struct_ref_seq.pdbx_db_align_end_ins_code 
_struct_ref_seq.pdbx_auth_seq_align_beg 
_struct_ref_seq.pdbx_auth_seq_align_end 
1 1 6XFX A 1 ? 11 ? 6XFX 1  ? 11 ? 1  11 
2 2 6XFX B 1 ? 10 ? 6XFX 12 ? 21 ? 12 21 
3 3 6XFX C 1 ? 5  ? 6XFX 1  ? 5  ? 1  5  
4 4 6XFX D 1 ? 16 ? 6XFX 1  ? 16 ? 1  16 
# 
loop_
_chem_comp.id 
_chem_comp.type 
_chem_comp.mon_nstd_flag 
_chem_comp.name 
_chem_comp.pdbx_synonyms 
_chem_comp.formula 
_chem_comp.formula_weight 
DA 'DNA linking' y "2'-DEOXYADENOSINE-5'-MONOPHOSPHATE" ? 'C10 H14 N5 O6 P' 331.222 
DC 'DNA linking' y "2'-DEOXYCYTIDINE-5'-MONOPHOSPHATE"  ? 'C9 H14 N3 O7 P'  307.197 
DG 'DNA linking' y "2'-DEOXYGUANOSINE-5'-MONOPHOSPHATE" ? 'C10 H14 N5 O7 P' 347.221 
DT 'DNA linking' y "THYMIDINE-5'-MONOPHOSPHATE"         ? 'C10 H15 N2 O8 P' 322.208 
# 
_exptl.absorpt_coefficient_mu     ? 
_exptl.absorpt_correction_T_max   ? 
_exptl.absorpt_correction_T_min   ? 
_exptl.absorpt_correction_type    ? 
_exptl.absorpt_process_details    ? 
_exptl.entry_id                   6XFX 
_exptl.crystals_number            1 
_exptl.details                    ? 
_exptl.method                     'X-RAY DIFFRACTION' 
_exptl.method_details             ? 
# 
_exptl_crystal.colour                      ? 
_exptl_crystal.density_diffrn              ? 
_exptl_crystal.density_Matthews            3.13 
_exptl_crystal.density_method              ? 
_exptl_crystal.density_percent_sol         60.70 
_exptl_crystal.description                 ? 
_exptl_crystal.F_000                       ? 
_exptl_crystal.id                          1 
_exptl_crystal.preparation                 ? 
_exptl_crystal.size_max                    ? 
_exptl_crystal.size_mid                    ? 
_exptl_crystal.size_min                    ? 
_exptl_crystal.size_rad                    ? 
_exptl_crystal.colour_lustre               ? 
_exptl_crystal.colour_modifier             ? 
_exptl_crystal.colour_primary              ? 
_exptl_crystal.density_meas                ? 
_exptl_crystal.density_meas_esd            ? 
_exptl_crystal.density_meas_gt             ? 
_exptl_crystal.density_meas_lt             ? 
_exptl_crystal.density_meas_temp           ? 
_exptl_crystal.density_meas_temp_esd       ? 
_exptl_crystal.density_meas_temp_gt        ? 
_exptl_crystal.density_meas_temp_lt        ? 
_exptl_crystal.pdbx_crystal_image_url      ? 
_exptl_crystal.pdbx_crystal_image_format   ? 
_exptl_crystal.pdbx_mosaicity              ? 
_exptl_crystal.pdbx_mosaicity_esd          ? 
# 
_exptl_crystal_grow.apparatus       ? 
_exptl_crystal_grow.atmosphere      ? 
_exptl_crystal_grow.crystal_id      1 
_exptl_crystal_grow.details         ? 
_exptl_crystal_grow.method          'VAPOR DIFFUSION, SITTING DROP' 
_exptl_crystal_grow.method_ref      ? 
_exptl_crystal_grow.pH              ? 
_exptl_crystal_grow.pressure        ? 
_exptl_crystal_grow.pressure_esd    ? 
_exptl_crystal_grow.seeding         ? 
_exptl_crystal_grow.seeding_ref     ? 
_exptl_crystal_grow.temp            298 
_exptl_crystal_grow.temp_details    'temperature gradient generated from 60 to 25 C at 0.3 degrees per hour' 
_exptl_crystal_grow.temp_esd        ? 
_exptl_crystal_grow.time            ? 
_exptl_crystal_grow.pdbx_details    
;0.5 mL of 0.05 M Cacodylate pH 6.0 with 10 mM MgCl2, 2.5 mM spermine, 5 mM CaCl2, and 10% Isopropanol was added to the reservoir with 2 uL added to the drop containing 4 uL of DNA stock
;
_exptl_crystal_grow.pdbx_pH_range   ? 
# 
_diffrn.ambient_environment              ? 
_diffrn.ambient_temp                     100 
_diffrn.ambient_temp_details             ? 
_diffrn.ambient_temp_esd                 ? 
_diffrn.crystal_id                       1 
_diffrn.crystal_support                  ? 
_diffrn.crystal_treatment                ? 
_diffrn.details                          ? 
_diffrn.id                               1 
_diffrn.ambient_pressure                 ? 
_diffrn.ambient_pressure_esd             ? 
_diffrn.ambient_pressure_gt              ? 
_diffrn.ambient_pressure_lt              ? 
_diffrn.ambient_temp_gt                  ? 
_diffrn.ambient_temp_lt                  ? 
_diffrn.pdbx_serial_crystal_experiment   N 
# 
_diffrn_detector.details                      ? 
_diffrn_detector.detector                     PIXEL 
_diffrn_detector.diffrn_id                    1 
_diffrn_detector.type                         'DECTRIS PILATUS3 6M' 
_diffrn_detector.area_resol_mean              ? 
_diffrn_detector.dtime                        ? 
_diffrn_detector.pdbx_frames_total            ? 
_diffrn_detector.pdbx_collection_time_total   ? 
_diffrn_detector.pdbx_collection_date         2018-05-15 
_diffrn_detector.pdbx_frequency               ? 
# 
_diffrn_radiation.collimation                      ? 
_diffrn_radiation.diffrn_id                        1 
_diffrn_radiation.filter_edge                      ? 
_diffrn_radiation.inhomogeneity                    ? 
_diffrn_radiation.monochromator                    ? 
_diffrn_radiation.polarisn_norm                    ? 
_diffrn_radiation.polarisn_ratio                   ? 
_diffrn_radiation.probe                            ? 
_diffrn_radiation.type                             ? 
_diffrn_radiation.xray_symbol                      ? 
_diffrn_radiation.wavelength_id                    1 
_diffrn_radiation.pdbx_monochromatic_or_laue_m_l   M 
_diffrn_radiation.pdbx_wavelength_list             ? 
_diffrn_radiation.pdbx_wavelength                  ? 
_diffrn_radiation.pdbx_diffrn_protocol             'SINGLE WAVELENGTH' 
_diffrn_radiation.pdbx_analyzer                    ? 
_diffrn_radiation.pdbx_scattering_type             x-ray 
# 
_diffrn_radiation_wavelength.id           1 
_diffrn_radiation_wavelength.wavelength   1 
_diffrn_radiation_wavelength.wt           1.0 
# 
_diffrn_source.current                     ? 
_diffrn_source.details                     ? 
_diffrn_source.diffrn_id                   1 
_diffrn_source.power                       ? 
_diffrn_source.size                        ? 
_diffrn_source.source                      SYNCHROTRON 
_diffrn_source.target                      ? 
_diffrn_source.type                        'ALS BEAMLINE 5.0.2' 
_diffrn_source.voltage                     ? 
_diffrn_source.take-off_angle              ? 
_diffrn_source.pdbx_wavelength_list        1 
_diffrn_source.pdbx_wavelength             ? 
_diffrn_source.pdbx_synchrotron_beamline   5.0.2 
_diffrn_source.pdbx_synchrotron_site       ALS 
# 
_reflns.B_iso_Wilson_estimate            95.550 
_reflns.entry_id                         6XFX 
_reflns.data_reduction_details           ? 
_reflns.data_reduction_method            ? 
_reflns.d_resolution_high                3.100 
_reflns.d_resolution_low                 50.000 
_reflns.details                          ? 
_reflns.limit_h_max                      ? 
_reflns.limit_h_min                      ? 
_reflns.limit_k_max                      ? 
_reflns.limit_k_min                      ? 
_reflns.limit_l_max                      ? 
_reflns.limit_l_min                      ? 
_reflns.number_all                       ? 
_reflns.number_obs                       2902 
_reflns.observed_criterion               ? 
_reflns.observed_criterion_F_max         ? 
_reflns.observed_criterion_F_min         ? 
_reflns.observed_criterion_I_max         ? 
_reflns.observed_criterion_I_min         ? 
_reflns.observed_criterion_sigma_F       ? 
_reflns.observed_criterion_sigma_I       ? 
_reflns.percent_possible_obs             96.300 
_reflns.R_free_details                   ? 
_reflns.Rmerge_F_all                     ? 
_reflns.Rmerge_F_obs                     ? 
_reflns.Friedel_coverage                 ? 
_reflns.number_gt                        ? 
_reflns.threshold_expression             ? 
_reflns.pdbx_redundancy                  17.000 
_reflns.pdbx_Rmerge_I_obs                0.077 
_reflns.pdbx_Rmerge_I_all                ? 
_reflns.pdbx_Rsym_value                  ? 
_reflns.pdbx_netI_over_av_sigmaI         ? 
_reflns.pdbx_netI_over_sigmaI            6.400 
_reflns.pdbx_res_netI_over_av_sigmaI_2   ? 
_reflns.pdbx_res_netI_over_sigmaI_2      ? 
_reflns.pdbx_chi_squared                 0.733 
_reflns.pdbx_scaling_rejects             ? 
_reflns.pdbx_d_res_high_opt              ? 
_reflns.pdbx_d_res_low_opt               ? 
_reflns.pdbx_d_res_opt_method            ? 
_reflns.phase_calculation_details        ? 
_reflns.pdbx_Rrim_I_all                  0.080 
_reflns.pdbx_Rpim_I_all                  0.020 
_reflns.pdbx_d_opt                       ? 
_reflns.pdbx_number_measured_all         ? 
_reflns.pdbx_diffrn_id                   1 
_reflns.pdbx_ordinal                     1 
_reflns.pdbx_CC_half                     1 
_reflns.pdbx_CC_star                     ? 
_reflns.pdbx_R_split                     ? 
# 
loop_
_reflns_shell.d_res_high 
_reflns_shell.d_res_low 
_reflns_shell.meanI_over_sigI_all 
_reflns_shell.meanI_over_sigI_obs 
_reflns_shell.number_measured_all 
_reflns_shell.number_measured_obs 
_reflns_shell.number_possible 
_reflns_shell.number_unique_all 
_reflns_shell.number_unique_obs 
_reflns_shell.percent_possible_all 
_reflns_shell.percent_possible_obs 
_reflns_shell.Rmerge_F_all 
_reflns_shell.Rmerge_F_obs 
_reflns_shell.Rmerge_I_all 
_reflns_shell.Rmerge_I_obs 
_reflns_shell.meanI_over_sigI_gt 
_reflns_shell.meanI_over_uI_all 
_reflns_shell.meanI_over_uI_gt 
_reflns_shell.number_measured_gt 
_reflns_shell.number_unique_gt 
_reflns_shell.percent_possible_gt 
_reflns_shell.Rmerge_F_gt 
_reflns_shell.Rmerge_I_gt 
_reflns_shell.pdbx_redundancy 
_reflns_shell.pdbx_Rsym_value 
_reflns_shell.pdbx_chi_squared 
_reflns_shell.pdbx_netI_over_sigmaI_all 
_reflns_shell.pdbx_netI_over_sigmaI_obs 
_reflns_shell.pdbx_Rrim_I_all 
_reflns_shell.pdbx_Rpim_I_all 
_reflns_shell.pdbx_rejects 
_reflns_shell.pdbx_ordinal 
_reflns_shell.pdbx_diffrn_id 
_reflns_shell.pdbx_CC_half 
_reflns_shell.pdbx_CC_star 
_reflns_shell.pdbx_R_split 
3.100 3.150  ? ? ? ? ? ? 95  66.900  ? ? ? ? 0.326 ? ? ? ? ? ? ? ? 13.100 ? 0.593 ? ? 0.338 0.083 ? 1  1 0.991 ? ? 
3.150 3.210  ? ? ? ? ? ? 124 83.200  ? ? ? ? 0.202 ? ? ? ? ? ? ? ? 11.300 ? 0.575 ? ? 0.210 0.055 ? 2  1 0.994 ? ? 
3.210 3.270  ? ? ? ? ? ? 137 95.800  ? ? ? ? 0.349 ? ? ? ? ? ? ? ? 11.900 ? 0.534 ? ? 0.363 0.092 ? 3  1 0.983 ? ? 
3.270 3.340  ? ? ? ? ? ? 156 98.100  ? ? ? ? 0.290 ? ? ? ? ? ? ? ? 14.100 ? 0.572 ? ? 0.300 0.075 ? 4  1 0.989 ? ? 
3.340 3.410  ? ? ? ? ? ? 133 100.000 ? ? ? ? 0.355 ? ? ? ? ? ? ? ? 15.200 ? 0.535 ? ? 0.367 0.091 ? 5  1 0.991 ? ? 
3.410 3.490  ? ? ? ? ? ? 152 100.000 ? ? ? ? 0.419 ? ? ? ? ? ? ? ? 17.100 ? 0.513 ? ? 0.432 0.102 ? 6  1 0.988 ? ? 
3.490 3.580  ? ? ? ? ? ? 142 100.000 ? ? ? ? 0.505 ? ? ? ? ? ? ? ? 18.000 ? 0.490 ? ? 0.519 0.121 ? 7  1 0.982 ? ? 
3.580 3.680  ? ? ? ? ? ? 145 100.000 ? ? ? ? 0.543 ? ? ? ? ? ? ? ? 17.800 ? 0.485 ? ? 0.559 0.131 ? 8  1 0.967 ? ? 
3.680 3.780  ? ? ? ? ? ? 148 100.000 ? ? ? ? 0.440 ? ? ? ? ? ? ? ? 17.500 ? 0.474 ? ? 0.453 0.108 ? 9  1 0.981 ? ? 
3.780 3.910  ? ? ? ? ? ? 154 100.000 ? ? ? ? 0.367 ? ? ? ? ? ? ? ? 18.900 ? 0.512 ? ? 0.378 0.086 ? 10 1 0.988 ? ? 
3.910 4.040  ? ? ? ? ? ? 143 100.000 ? ? ? ? 0.278 ? ? ? ? ? ? ? ? 18.900 ? 0.556 ? ? 0.286 0.065 ? 11 1 0.991 ? ? 
4.040 4.210  ? ? ? ? ? ? 154 100.000 ? ? ? ? 0.196 ? ? ? ? ? ? ? ? 19.600 ? 0.653 ? ? 0.202 0.046 ? 12 1 0.995 ? ? 
4.210 4.400  ? ? ? ? ? ? 145 100.000 ? ? ? ? 0.185 ? ? ? ? ? ? ? ? 19.300 ? 0.581 ? ? 0.190 0.043 ? 13 1 0.992 ? ? 
4.400 4.630  ? ? ? ? ? ? 156 100.000 ? ? ? ? 0.151 ? ? ? ? ? ? ? ? 19.300 ? 0.630 ? ? 0.155 0.035 ? 14 1 0.997 ? ? 
4.630 4.920  ? ? ? ? ? ? 153 100.000 ? ? ? ? 0.116 ? ? ? ? ? ? ? ? 18.500 ? 0.718 ? ? 0.119 0.028 ? 15 1 0.997 ? ? 
4.920 5.300  ? ? ? ? ? ? 149 100.000 ? ? ? ? 0.078 ? ? ? ? ? ? ? ? 18.300 ? 0.986 ? ? 0.081 0.019 ? 16 1 0.997 ? ? 
5.300 5.830  ? ? ? ? ? ? 149 99.300  ? ? ? ? 0.063 ? ? ? ? ? ? ? ? 18.500 ? 1.145 ? ? 0.065 0.015 ? 17 1 0.997 ? ? 
5.830 6.670  ? ? ? ? ? ? 160 99.400  ? ? ? ? 0.057 ? ? ? ? ? ? ? ? 18.100 ? 1.077 ? ? 0.059 0.014 ? 18 1 0.999 ? ? 
6.670 8.400  ? ? ? ? ? ? 151 95.600  ? ? ? ? 0.046 ? ? ? ? ? ? ? ? 15.900 ? 1.324 ? ? 0.048 0.012 ? 19 1 0.998 ? ? 
8.400 50.000 ? ? ? ? ? ? 156 88.100  ? ? ? ? 0.040 ? ? ? ? ? ? ? ? 15.600 ? 1.504 ? ? 0.041 0.011 ? 20 1 0.999 ? ? 
# 
_refine.aniso_B[1][1]                            ? 
_refine.aniso_B[1][2]                            ? 
_refine.aniso_B[1][3]                            ? 
_refine.aniso_B[2][2]                            ? 
_refine.aniso_B[2][3]                            ? 
_refine.aniso_B[3][3]                            ? 
_refine.B_iso_max                                176.570 
_refine.B_iso_mean                               134.0087 
_refine.B_iso_min                                97.090 
_refine.correlation_coeff_Fo_to_Fc               ? 
_refine.correlation_coeff_Fo_to_Fc_free          ? 
_refine.details                                  ? 
_refine.diff_density_max                         ? 
_refine.diff_density_max_esd                     ? 
_refine.diff_density_min                         ? 
_refine.diff_density_min_esd                     ? 
_refine.diff_density_rms                         ? 
_refine.diff_density_rms_esd                     ? 
_refine.entry_id                                 6XFX 
_refine.pdbx_refine_id                           'X-RAY DIFFRACTION' 
_refine.ls_abs_structure_details                 ? 
_refine.ls_abs_structure_Flack                   ? 
_refine.ls_abs_structure_Flack_esd               ? 
_refine.ls_abs_structure_Rogers                  ? 
_refine.ls_abs_structure_Rogers_esd              ? 
_refine.ls_d_res_high                            3.1290 
_refine.ls_d_res_low                             42.1360 
_refine.ls_extinction_coef                       ? 
_refine.ls_extinction_coef_esd                   ? 
_refine.ls_extinction_expression                 ? 
_refine.ls_extinction_method                     ? 
_refine.ls_goodness_of_fit_all                   ? 
_refine.ls_goodness_of_fit_all_esd               ? 
_refine.ls_goodness_of_fit_obs                   ? 
_refine.ls_goodness_of_fit_obs_esd               ? 
_refine.ls_hydrogen_treatment                    ? 
_refine.ls_matrix_type                           ? 
_refine.ls_number_constraints                    ? 
_refine.ls_number_parameters                     ? 
_refine.ls_number_reflns_all                     ? 
_refine.ls_number_reflns_obs                     2846 
_refine.ls_number_reflns_R_free                  144 
_refine.ls_number_reflns_R_work                  2702 
_refine.ls_number_restraints                     ? 
_refine.ls_percent_reflns_obs                    94.3600 
_refine.ls_percent_reflns_R_free                 5.0600 
_refine.ls_R_factor_all                          ? 
_refine.ls_R_factor_obs                          0.2292 
_refine.ls_R_factor_R_free                       0.2707 
_refine.ls_R_factor_R_free_error                 ? 
_refine.ls_R_factor_R_free_error_details         ? 
_refine.ls_R_factor_R_work                       0.2265 
_refine.ls_R_Fsqd_factor_obs                     ? 
_refine.ls_R_I_factor_obs                        ? 
_refine.ls_redundancy_reflns_all                 ? 
_refine.ls_redundancy_reflns_obs                 ? 
_refine.ls_restrained_S_all                      ? 
_refine.ls_restrained_S_obs                      ? 
_refine.ls_shift_over_esd_max                    ? 
_refine.ls_shift_over_esd_mean                   ? 
_refine.ls_structure_factor_coef                 ? 
_refine.ls_weighting_details                     ? 
_refine.ls_weighting_scheme                      ? 
_refine.ls_wR_factor_all                         ? 
_refine.ls_wR_factor_obs                         ? 
_refine.ls_wR_factor_R_free                      ? 
_refine.ls_wR_factor_R_work                      ? 
_refine.occupancy_max                            ? 
_refine.occupancy_min                            ? 
_refine.solvent_model_details                    'FLAT BULK SOLVENT MODEL' 
_refine.solvent_model_param_bsol                 ? 
_refine.solvent_model_param_ksol                 ? 
_refine.pdbx_R_complete                          ? 
_refine.ls_R_factor_gt                           ? 
_refine.ls_goodness_of_fit_gt                    ? 
_refine.ls_goodness_of_fit_ref                   ? 
_refine.ls_shift_over_su_max                     ? 
_refine.ls_shift_over_su_max_lt                  ? 
_refine.ls_shift_over_su_mean                    ? 
_refine.ls_shift_over_su_mean_lt                 ? 
_refine.pdbx_ls_sigma_I                          ? 
_refine.pdbx_ls_sigma_F                          1.370 
_refine.pdbx_ls_sigma_Fsqd                       ? 
_refine.pdbx_data_cutoff_high_absF               ? 
_refine.pdbx_data_cutoff_high_rms_absF           ? 
_refine.pdbx_data_cutoff_low_absF                ? 
_refine.pdbx_isotropic_thermal_model             ? 
_refine.pdbx_ls_cross_valid_method               THROUGHOUT 
_refine.pdbx_method_to_determine_struct          'MOLECULAR REPLACEMENT' 
_refine.pdbx_starting_model                      6x8c 
_refine.pdbx_stereochemistry_target_values       ML 
_refine.pdbx_R_Free_selection_details            ? 
_refine.pdbx_stereochem_target_val_spec_case     ? 
_refine.pdbx_overall_ESU_R                       ? 
_refine.pdbx_overall_ESU_R_Free                  ? 
_refine.pdbx_solvent_vdw_probe_radii             1.1100 
_refine.pdbx_solvent_ion_probe_radii             ? 
_refine.pdbx_solvent_shrinkage_radii             0.9000 
_refine.pdbx_real_space_R                        ? 
_refine.pdbx_density_correlation                 ? 
_refine.pdbx_pd_number_of_powder_patterns        ? 
_refine.pdbx_pd_number_of_points                 ? 
_refine.pdbx_pd_meas_number_of_points            ? 
_refine.pdbx_pd_proc_ls_prof_R_factor            ? 
_refine.pdbx_pd_proc_ls_prof_wR_factor           ? 
_refine.pdbx_pd_Marquardt_correlation_coeff      ? 
_refine.pdbx_pd_Fsqrd_R_factor                   ? 
_refine.pdbx_pd_ls_matrix_band_width             ? 
_refine.pdbx_overall_phase_error                 28.3000 
_refine.pdbx_overall_SU_R_free_Cruickshank_DPI   ? 
_refine.pdbx_overall_SU_R_free_Blow_DPI          ? 
_refine.pdbx_overall_SU_R_Blow_DPI               ? 
_refine.pdbx_TLS_residual_ADP_flag               ? 
_refine.pdbx_diffrn_id                           1 
_refine.overall_SU_B                             ? 
_refine.overall_SU_ML                            0.3500 
_refine.overall_SU_R_Cruickshank_DPI             ? 
_refine.overall_SU_R_free                        ? 
_refine.overall_FOM_free_R_set                   ? 
_refine.overall_FOM_work_R_set                   ? 
_refine.pdbx_average_fsc_overall                 ? 
_refine.pdbx_average_fsc_work                    ? 
_refine.pdbx_average_fsc_free                    ? 
# 
_refine_hist.pdbx_refine_id                   'X-RAY DIFFRACTION' 
_refine_hist.cycle_id                         final 
_refine_hist.details                          ? 
_refine_hist.d_res_high                       3.1290 
_refine_hist.d_res_low                        42.1360 
_refine_hist.number_atoms_solvent             0 
_refine_hist.number_atoms_total               855 
_refine_hist.number_reflns_all                ? 
_refine_hist.number_reflns_obs                ? 
_refine_hist.number_reflns_R_free             ? 
_refine_hist.number_reflns_R_work             ? 
_refine_hist.R_factor_all                     ? 
_refine_hist.R_factor_obs                     ? 
_refine_hist.R_factor_R_free                  ? 
_refine_hist.R_factor_R_work                  ? 
_refine_hist.pdbx_number_residues_total       42 
_refine_hist.pdbx_B_iso_mean_ligand           ? 
_refine_hist.pdbx_B_iso_mean_solvent          ? 
_refine_hist.pdbx_number_atoms_protein        0 
_refine_hist.pdbx_number_atoms_nucleic_acid   855 
_refine_hist.pdbx_number_atoms_ligand         0 
_refine_hist.pdbx_number_atoms_lipid          ? 
_refine_hist.pdbx_number_atoms_carb           ? 
_refine_hist.pdbx_pseudo_atom_details         ? 
# 
loop_
_refine_ls_restr.pdbx_refine_id 
_refine_ls_restr.criterion 
_refine_ls_restr.dev_ideal 
_refine_ls_restr.dev_ideal_target 
_refine_ls_restr.number 
_refine_ls_restr.rejects 
_refine_ls_restr.type 
_refine_ls_restr.weight 
_refine_ls_restr.pdbx_restraint_function 
'X-RAY DIFFRACTION' ? 0.005  ? 956  ? f_bond_d           ? ? 
'X-RAY DIFFRACTION' ? 0.724  ? 1467 ? f_angle_d          ? ? 
'X-RAY DIFFRACTION' ? 0.033  ? 166  ? f_chiral_restr     ? ? 
'X-RAY DIFFRACTION' ? 0.003  ? 42   ? f_plane_restr      ? ? 
'X-RAY DIFFRACTION' ? 36.661 ? 406  ? f_dihedral_angle_d ? ? 
# 
_refine_ls_shell.pdbx_refine_id                   'X-RAY DIFFRACTION' 
_refine_ls_shell.d_res_high                       3.1295 
_refine_ls_shell.d_res_low                        42.136 
_refine_ls_shell.number_reflns_all                ? 
_refine_ls_shell.number_reflns_obs                ? 
_refine_ls_shell.number_reflns_R_free             144 
_refine_ls_shell.number_reflns_R_work             2702 
_refine_ls_shell.percent_reflns_obs               94.0000 
_refine_ls_shell.percent_reflns_R_free            ? 
_refine_ls_shell.R_factor_all                     ? 
_refine_ls_shell.R_factor_obs                     ? 
_refine_ls_shell.R_factor_R_free                  0.2707 
_refine_ls_shell.R_factor_R_free_error            0.0000 
_refine_ls_shell.R_factor_R_work                  0.2265 
_refine_ls_shell.redundancy_reflns_all            ? 
_refine_ls_shell.redundancy_reflns_obs            ? 
_refine_ls_shell.wR_factor_all                    ? 
_refine_ls_shell.wR_factor_obs                    ? 
_refine_ls_shell.wR_factor_R_free                 ? 
_refine_ls_shell.wR_factor_R_work                 ? 
_refine_ls_shell.pdbx_R_complete                  ? 
_refine_ls_shell.pdbx_total_number_of_bins_used   ? 
_refine_ls_shell.pdbx_phase_error                 ? 
_refine_ls_shell.pdbx_fsc_work                    ? 
_refine_ls_shell.pdbx_fsc_free                    ? 
# 
_struct.entry_id                     6XFX 
_struct.title                        
'Self-assembly of a 3D DNA crystal lattice (4x5 junction version) containing the J26 immobile Holliday junction' 
_struct.pdbx_model_details           ? 
_struct.pdbx_formula_weight          ? 
_struct.pdbx_formula_weight_method   ? 
_struct.pdbx_model_type_details      ? 
_struct.pdbx_CASP_flag               N 
# 
_struct_keywords.entry_id        6XFX 
_struct_keywords.text            
'Structural DNA nanotechnology, immobile Holliday junctions, 3D DNA self-assembly, designer DNA crystals, DNA' 
_struct_keywords.pdbx_keywords   DNA 
# 
loop_
_struct_asym.id 
_struct_asym.pdbx_blank_PDB_chainid_flag 
_struct_asym.pdbx_modified 
_struct_asym.entity_id 
_struct_asym.details 
A N N 1 ? 
B N N 2 ? 
C N N 3 ? 
D N N 4 ? 
# 
loop_
_struct_conn.id 
_struct_conn.conn_type_id 
_struct_conn.pdbx_leaving_atom_flag 
_struct_conn.pdbx_PDB_id 
_struct_conn.ptnr1_label_asym_id 
_struct_conn.ptnr1_label_comp_id 
_struct_conn.ptnr1_label_seq_id 
_struct_conn.ptnr1_label_atom_id 
_struct_conn.pdbx_ptnr1_label_alt_id 
_struct_conn.pdbx_ptnr1_PDB_ins_code 
_struct_conn.pdbx_ptnr1_standard_comp_id 
_struct_conn.ptnr1_symmetry 
_struct_conn.ptnr2_label_asym_id 
_struct_conn.ptnr2_label_comp_id 
_struct_conn.ptnr2_label_seq_id 
_struct_conn.ptnr2_label_atom_id 
_struct_conn.pdbx_ptnr2_label_alt_id 
_struct_conn.pdbx_ptnr2_PDB_ins_code 
_struct_conn.ptnr1_auth_asym_id 
_struct_conn.ptnr1_auth_comp_id 
_struct_conn.ptnr1_auth_seq_id 
_struct_conn.ptnr2_auth_asym_id 
_struct_conn.ptnr2_auth_comp_id 
_struct_conn.ptnr2_auth_seq_id 
_struct_conn.ptnr2_symmetry 
_struct_conn.pdbx_ptnr3_label_atom_id 
_struct_conn.pdbx_ptnr3_label_seq_id 
_struct_conn.pdbx_ptnr3_label_comp_id 
_struct_conn.pdbx_ptnr3_label_asym_id 
_struct_conn.pdbx_ptnr3_label_alt_id 
_struct_conn.pdbx_ptnr3_PDB_ins_code 
_struct_conn.details 
_struct_conn.pdbx_dist_value 
_struct_conn.pdbx_value_order 
_struct_conn.pdbx_role 
hydrog1  hydrog ? ? A DG 3  N1 ? ? ? 1_555 D DC 16 N3 ? ? A DG 3  D DC 16 1_555 ? ? ? ? ? ? WATSON-CRICK    ? ? ? 
hydrog2  hydrog ? ? A DG 3  N2 ? ? ? 1_555 D DC 16 O2 ? ? A DG 3  D DC 16 1_555 ? ? ? ? ? ? WATSON-CRICK    ? ? ? 
hydrog3  hydrog ? ? A DG 3  O6 ? ? ? 1_555 D DC 16 N4 ? ? A DG 3  D DC 16 1_555 ? ? ? ? ? ? WATSON-CRICK    ? ? ? 
hydrog4  hydrog ? ? A DC 4  N3 ? ? ? 1_555 D DG 15 N1 ? ? A DC 4  D DG 15 1_555 ? ? ? ? ? ? WATSON-CRICK    ? ? ? 
hydrog5  hydrog ? ? A DC 4  N4 ? ? ? 1_555 D DG 15 O6 ? ? A DC 4  D DG 15 1_555 ? ? ? ? ? ? WATSON-CRICK    ? ? ? 
hydrog6  hydrog ? ? A DC 4  O2 ? ? ? 1_555 D DG 15 N2 ? ? A DC 4  D DG 15 1_555 ? ? ? ? ? ? WATSON-CRICK    ? ? ? 
hydrog7  hydrog ? ? A DA 5  N1 ? ? ? 1_555 D DT 14 N3 ? ? A DA 5  D DT 14 1_555 ? ? ? ? ? ? WATSON-CRICK    ? ? ? 
hydrog8  hydrog ? ? A DA 5  N6 ? ? ? 1_555 D DT 14 O4 ? ? A DA 5  D DT 14 1_555 ? ? ? ? ? ? WATSON-CRICK    ? ? ? 
hydrog9  hydrog ? ? A DG 6  N1 ? ? ? 1_555 D DC 13 N3 ? ? A DG 6  D DC 13 1_555 ? ? ? ? ? ? WATSON-CRICK    ? ? ? 
hydrog10 hydrog ? ? A DG 6  N2 ? ? ? 1_555 D DC 13 O2 ? ? A DG 6  D DC 13 1_555 ? ? ? ? ? ? WATSON-CRICK    ? ? ? 
hydrog11 hydrog ? ? A DG 6  O6 ? ? ? 1_555 D DC 13 N4 ? ? A DG 6  D DC 13 1_555 ? ? ? ? ? ? WATSON-CRICK    ? ? ? 
hydrog12 hydrog ? ? A DA 7  N1 ? ? ? 1_555 D DT 12 N3 ? ? A DA 7  D DT 12 1_555 ? ? ? ? ? ? WATSON-CRICK    ? ? ? 
hydrog13 hydrog ? ? A DA 7  N6 ? ? ? 1_555 D DT 12 O4 ? ? A DA 7  D DT 12 1_555 ? ? ? ? ? ? WATSON-CRICK    ? ? ? 
hydrog14 hydrog ? ? A DC 8  N3 ? ? ? 1_555 D DG 11 N1 ? ? A DC 8  D DG 11 1_555 ? ? ? ? ? ? WATSON-CRICK    ? ? ? 
hydrog15 hydrog ? ? A DC 8  N4 ? ? ? 1_555 D DG 11 O6 ? ? A DC 8  D DG 11 1_555 ? ? ? ? ? ? WATSON-CRICK    ? ? ? 
hydrog16 hydrog ? ? A DC 8  O2 ? ? ? 1_555 D DG 11 N2 ? ? A DC 8  D DG 11 1_555 ? ? ? ? ? ? WATSON-CRICK    ? ? ? 
hydrog17 hydrog ? ? A DT 9  O2 ? ? ? 1_555 D DG 10 N2 ? ? A DT 9  D DG 10 1_555 ? ? ? ? ? ? 'DT-DG MISPAIR' ? ? ? 
hydrog18 hydrog ? ? A DT 10 N3 ? ? ? 1_555 C DA 2  N1 ? ? A DT 10 C DA 2  1_555 ? ? ? ? ? ? WATSON-CRICK    ? ? ? 
hydrog19 hydrog ? ? A DT 10 O4 ? ? ? 1_555 C DA 2  N6 ? ? A DT 10 C DA 2  1_555 ? ? ? ? ? ? WATSON-CRICK    ? ? ? 
hydrog20 hydrog ? ? A DG 11 N1 ? ? ? 1_555 C DC 1  N3 ? ? A DG 11 C DC 1  1_555 ? ? ? ? ? ? WATSON-CRICK    ? ? ? 
hydrog21 hydrog ? ? A DG 11 N2 ? ? ? 1_555 C DC 1  O2 ? ? A DG 11 C DC 1  1_555 ? ? ? ? ? ? WATSON-CRICK    ? ? ? 
hydrog22 hydrog ? ? A DG 11 O6 ? ? ? 1_555 C DC 1  N4 ? ? A DG 11 C DC 1  1_555 ? ? ? ? ? ? WATSON-CRICK    ? ? ? 
hydrog23 hydrog ? ? B DA 1  N1 ? ? ? 1_555 C DT 5  N3 ? ? B DA 12 C DT 5  1_555 ? ? ? ? ? ? WATSON-CRICK    ? ? ? 
hydrog24 hydrog ? ? B DA 1  N6 ? ? ? 1_555 C DT 5  O4 ? ? B DA 12 C DT 5  1_555 ? ? ? ? ? ? WATSON-CRICK    ? ? ? 
hydrog25 hydrog ? ? B DC 2  N3 ? ? ? 1_555 C DG 4  N1 ? ? B DC 13 C DG 4  1_555 ? ? ? ? ? ? WATSON-CRICK    ? ? ? 
hydrog26 hydrog ? ? B DC 2  N4 ? ? ? 1_555 C DG 4  O6 ? ? B DC 13 C DG 4  1_555 ? ? ? ? ? ? WATSON-CRICK    ? ? ? 
hydrog27 hydrog ? ? B DC 2  O2 ? ? ? 1_555 C DG 4  N2 ? ? B DC 13 C DG 4  1_555 ? ? ? ? ? ? WATSON-CRICK    ? ? ? 
hydrog28 hydrog ? ? B DA 3  N1 ? ? ? 1_555 C DT 3  N3 ? ? B DA 14 C DT 3  1_555 ? ? ? ? ? ? WATSON-CRICK    ? ? ? 
hydrog29 hydrog ? ? B DA 3  N6 ? ? ? 1_555 C DT 3  O4 ? ? B DA 14 C DT 3  1_555 ? ? ? ? ? ? WATSON-CRICK    ? ? ? 
hydrog30 hydrog ? ? B DC 5  N3 ? ? ? 1_555 D DG 8  N1 ? ? B DC 16 D DG 8  1_555 ? ? ? ? ? ? WATSON-CRICK    ? ? ? 
hydrog31 hydrog ? ? B DC 5  N4 ? ? ? 1_555 D DG 8  O6 ? ? B DC 16 D DG 8  1_555 ? ? ? ? ? ? WATSON-CRICK    ? ? ? 
hydrog32 hydrog ? ? B DC 5  O2 ? ? ? 1_555 D DG 8  N2 ? ? B DC 16 D DG 8  1_555 ? ? ? ? ? ? WATSON-CRICK    ? ? ? 
hydrog33 hydrog ? ? B DA 6  N1 ? ? ? 1_555 D DT 7  N3 ? ? B DA 17 D DT 7  1_555 ? ? ? ? ? ? WATSON-CRICK    ? ? ? 
hydrog34 hydrog ? ? B DA 6  N6 ? ? ? 1_555 D DT 7  O4 ? ? B DA 17 D DT 7  1_555 ? ? ? ? ? ? WATSON-CRICK    ? ? ? 
hydrog35 hydrog ? ? B DC 7  N3 ? ? ? 1_555 D DG 6  N1 ? ? B DC 18 D DG 6  1_555 ? ? ? ? ? ? WATSON-CRICK    ? ? ? 
hydrog36 hydrog ? ? B DC 7  N4 ? ? ? 1_555 D DG 6  O6 ? ? B DC 18 D DG 6  1_555 ? ? ? ? ? ? WATSON-CRICK    ? ? ? 
hydrog37 hydrog ? ? B DC 7  O2 ? ? ? 1_555 D DG 6  N2 ? ? B DC 18 D DG 6  1_555 ? ? ? ? ? ? WATSON-CRICK    ? ? ? 
hydrog38 hydrog ? ? B DT 8  N3 ? ? ? 1_555 D DA 5  N1 ? ? B DT 19 D DA 5  1_555 ? ? ? ? ? ? WATSON-CRICK    ? ? ? 
hydrog39 hydrog ? ? B DT 8  O4 ? ? ? 1_555 D DA 5  N6 ? ? B DT 19 D DA 5  1_555 ? ? ? ? ? ? WATSON-CRICK    ? ? ? 
hydrog40 hydrog ? ? B DC 9  N3 ? ? ? 1_555 D DG 4  N1 ? ? B DC 20 D DG 4  1_555 ? ? ? ? ? ? WATSON-CRICK    ? ? ? 
hydrog41 hydrog ? ? B DC 9  N4 ? ? ? 1_555 D DG 4  O6 ? ? B DC 20 D DG 4  1_555 ? ? ? ? ? ? WATSON-CRICK    ? ? ? 
hydrog42 hydrog ? ? B DC 9  O2 ? ? ? 1_555 D DG 4  N2 ? ? B DC 20 D DG 4  1_555 ? ? ? ? ? ? WATSON-CRICK    ? ? ? 
hydrog43 hydrog ? ? B DA 10 N1 ? ? ? 1_555 D DT 3  N3 ? ? B DA 21 D DT 3  1_555 ? ? ? ? ? ? WATSON-CRICK    ? ? ? 
hydrog44 hydrog ? ? B DA 10 N6 ? ? ? 1_555 D DT 3  O4 ? ? B DA 21 D DT 3  1_555 ? ? ? ? ? ? WATSON-CRICK    ? ? ? 
# 
_struct_conn_type.id          hydrog 
_struct_conn_type.criteria    ? 
_struct_conn_type.reference   ? 
# 
_atom_sites.entry_id                    6XFX 
_atom_sites.Cartn_transf_matrix[1][1]   ? 
_atom_sites.Cartn_transf_matrix[1][2]   ? 
_atom_sites.Cartn_transf_matrix[1][3]   ? 
_atom_sites.Cartn_transf_matrix[2][1]   ? 
_atom_sites.Cartn_transf_matrix[2][2]   ? 
_atom_sites.Cartn_transf_matrix[2][3]   ? 
_atom_sites.Cartn_transf_matrix[3][1]   ? 
_atom_sites.Cartn_transf_matrix[3][2]   ? 
_atom_sites.Cartn_transf_matrix[3][3]   ? 
_atom_sites.Cartn_transf_vector[1]      ? 
_atom_sites.Cartn_transf_vector[2]      ? 
_atom_sites.Cartn_transf_vector[3]      ? 
_atom_sites.fract_transf_matrix[1][1]   -0.00513797 
_atom_sites.fract_transf_matrix[1][2]   0.00315924 
_atom_sites.fract_transf_matrix[1][3]   0.01597122 
_atom_sites.fract_transf_matrix[2][1]   -0.01400438 
_atom_sites.fract_transf_matrix[2][2]   -0.00760646 
_atom_sites.fract_transf_matrix[2][3]   0.00612425 
_atom_sites.fract_transf_matrix[3][1]   0.00919730 
_atom_sites.fract_transf_matrix[3][2]   -0.01255201 
_atom_sites.fract_transf_matrix[3][3]   0.00544168 
_atom_sites.fract_transf_vector[1]      1.803590 
_atom_sites.fract_transf_vector[2]      0.613276 
_atom_sites.fract_transf_vector[3]      2.151046 
_atom_sites.solution_primary            ? 
_atom_sites.solution_secondary          ? 
_atom_sites.solution_hydrogens          ? 
_atom_sites.special_details             ? 
# 
loop_
_atom_type.symbol 
C 
N 
O 
P 
# 
loop_
_atom_site.group_PDB 
_atom_site.id 
_atom_site.type_symbol 
_atom_site.label_atom_id 
_atom_site.label_alt_id 
_atom_site.label_comp_id 
_atom_site.label_asym_id 
_atom_site.label_entity_id 
_atom_site.label_seq_id 
_atom_site.pdbx_PDB_ins_code 
_atom_site.Cartn_x 
_atom_site.Cartn_y 
_atom_site.Cartn_z 
_atom_site.occupancy 
_atom_site.B_iso_or_equiv 
_atom_site.pdbx_formal_charge 
_atom_site.auth_seq_id 
_atom_site.auth_comp_id 
_atom_site.auth_asym_id 
_atom_site.auth_atom_id 
_atom_site.pdbx_PDB_model_num 
ATOM 1   O "O5'" . DG A 1 1  ? -2.527  -22.696 -11.468 1.00 163.16 ? 1  DG A "O5'" 1 
ATOM 2   C "C5'" . DG A 1 1  ? -3.154  -23.675 -10.634 1.00 160.22 ? 1  DG A "C5'" 1 
ATOM 3   C "C4'" . DG A 1 1  ? -4.637  -23.381 -10.470 1.00 158.00 ? 1  DG A "C4'" 1 
ATOM 4   O "O4'" . DG A 1 1  ? -5.192  -24.276 -9.482  1.00 150.19 ? 1  DG A "O4'" 1 
ATOM 5   C "C3'" . DG A 1 1  ? -4.956  -21.986 -9.960  1.00 161.71 ? 1  DG A "C3'" 1 
ATOM 6   O "O3'" . DG A 1 1  ? -5.080  -21.080 -11.057 1.00 165.48 ? 1  DG A "O3'" 1 
ATOM 7   C "C2'" . DG A 1 1  ? -6.294  -22.172 -9.240  1.00 152.95 ? 1  DG A "C2'" 1 
ATOM 8   C "C1'" . DG A 1 1  ? -6.289  -23.652 -8.840  1.00 147.46 ? 1  DG A "C1'" 1 
ATOM 9   N N9    . DG A 1 1  ? -6.182  -23.892 -7.399  1.00 143.72 ? 1  DG A N9    1 
ATOM 10  C C8    . DG A 1 1  ? -5.341  -24.774 -6.769  1.00 143.12 ? 1  DG A C8    1 
ATOM 11  N N7    . DG A 1 1  ? -5.477  -24.790 -5.470  1.00 142.09 ? 1  DG A N7    1 
ATOM 12  C C5    . DG A 1 1  ? -6.473  -23.860 -5.222  1.00 143.00 ? 1  DG A C5    1 
ATOM 13  C C6    . DG A 1 1  ? -7.054  -23.436 -3.995  1.00 141.90 ? 1  DG A C6    1 
ATOM 14  O O6    . DG A 1 1  ? -6.783  -23.823 -2.845  1.00 140.87 ? 1  DG A O6    1 
ATOM 15  N N1    . DG A 1 1  ? -8.036  -22.471 -4.194  1.00 142.57 ? 1  DG A N1    1 
ATOM 16  C C2    . DG A 1 1  ? -8.418  -21.969 -5.418  1.00 145.37 ? 1  DG A C2    1 
ATOM 17  N N2    . DG A 1 1  ? -9.387  -21.040 -5.405  1.00 145.67 ? 1  DG A N2    1 
ATOM 18  N N3    . DG A 1 1  ? -7.888  -22.353 -6.575  1.00 143.64 ? 1  DG A N3    1 
ATOM 19  C C4    . DG A 1 1  ? -6.929  -23.292 -6.402  1.00 144.95 ? 1  DG A C4    1 
ATOM 20  P P     . DA A 1 2  ? -4.429  -19.613 -10.975 1.00 174.00 ? 2  DA A P     1 
ATOM 21  O OP1   . DA A 1 2  ? -3.542  -19.469 -12.156 1.00 170.90 ? 2  DA A OP1   1 
ATOM 22  O OP2   . DA A 1 2  ? -3.880  -19.433 -9.609  1.00 160.48 ? 2  DA A OP2   1 
ATOM 23  O "O5'" . DA A 1 2  ? -5.677  -18.619 -11.138 1.00 162.79 ? 2  DA A "O5'" 1 
ATOM 24  C "C5'" . DA A 1 2  ? -6.975  -19.007 -10.686 1.00 153.46 ? 2  DA A "C5'" 1 
ATOM 25  C "C4'" . DA A 1 2  ? -7.360  -18.267 -9.413  1.00 154.86 ? 2  DA A "C4'" 1 
ATOM 26  O "O4'" . DA A 1 2  ? -7.149  -19.125 -8.264  1.00 152.87 ? 2  DA A "O4'" 1 
ATOM 27  C "C3'" . DA A 1 2  ? -6.580  -16.975 -9.134  1.00 149.27 ? 2  DA A "C3'" 1 
ATOM 28  O "O3'" . DA A 1 2  ? -7.483  -15.932 -8.794  1.00 149.97 ? 2  DA A "O3'" 1 
ATOM 29  C "C2'" . DA A 1 2  ? -5.680  -17.345 -7.955  1.00 144.63 ? 2  DA A "C2'" 1 
ATOM 30  C "C1'" . DA A 1 2  ? -6.519  -18.386 -7.245  1.00 143.31 ? 2  DA A "C1'" 1 
ATOM 31  N N9    . DA A 1 2  ? -5.734  -19.305 -6.432  1.00 141.64 ? 2  DA A N9    1 
ATOM 32  C C8    . DA A 1 2  ? -4.753  -20.149 -6.862  1.00 141.76 ? 2  DA A C8    1 
ATOM 33  N N7    . DA A 1 2  ? -4.218  -20.871 -5.906  1.00 143.16 ? 2  DA A N7    1 
ATOM 34  C C5    . DA A 1 2  ? -4.900  -20.471 -4.768  1.00 142.20 ? 2  DA A C5    1 
ATOM 35  C C6    . DA A 1 2  ? -4.806  -20.861 -3.413  1.00 142.64 ? 2  DA A C6    1 
ATOM 36  N N6    . DA A 1 2  ? -3.947  -21.781 -2.967  1.00 144.44 ? 2  DA A N6    1 
ATOM 37  N N1    . DA A 1 2  ? -5.634  -20.262 -2.532  1.00 141.58 ? 2  DA A N1    1 
ATOM 38  C C2    . DA A 1 2  ? -6.497  -19.343 -2.982  1.00 148.14 ? 2  DA A C2    1 
ATOM 39  N N3    . DA A 1 2  ? -6.673  -18.894 -4.226  1.00 148.46 ? 2  DA A N3    1 
ATOM 40  C C4    . DA A 1 2  ? -5.837  -19.505 -5.077  1.00 143.87 ? 2  DA A C4    1 
ATOM 41  P P     . DG A 1 3  ? -6.943  -14.465 -8.417  1.00 159.33 ? 3  DG A P     1 
ATOM 42  O OP1   . DG A 1 3  ? -7.936  -13.478 -8.900  1.00 164.55 ? 3  DG A OP1   1 
ATOM 43  O OP2   . DG A 1 3  ? -5.540  -14.355 -8.873  1.00 160.37 ? 3  DG A OP2   1 
ATOM 44  O "O5'" . DG A 1 3  ? -6.973  -14.456 -6.819  1.00 140.38 ? 3  DG A "O5'" 1 
ATOM 45  C "C5'" . DG A 1 3  ? -8.220  -14.538 -6.138  1.00 144.92 ? 3  DG A "C5'" 1 
ATOM 46  C "C4'" . DG A 1 3  ? -8.036  -14.323 -4.651  1.00 140.58 ? 3  DG A "C4'" 1 
ATOM 47  O "O4'" . DG A 1 3  ? -7.327  -15.459 -4.084  1.00 148.30 ? 3  DG A "O4'" 1 
ATOM 48  C "C3'" . DG A 1 3  ? -7.218  -13.087 -4.277  1.00 145.73 ? 3  DG A "C3'" 1 
ATOM 49  O "O3'" . DG A 1 3  ? -7.773  -12.473 -3.122  1.00 144.11 ? 3  DG A "O3'" 1 
ATOM 50  C "C2'" . DG A 1 3  ? -5.838  -13.676 -3.987  1.00 153.74 ? 3  DG A "C2'" 1 
ATOM 51  C "C1'" . DG A 1 3  ? -6.222  -14.995 -3.341  1.00 151.25 ? 3  DG A "C1'" 1 
ATOM 52  N N9    . DG A 1 3  ? -5.166  -16.016 -3.370  1.00 145.33 ? 3  DG A N9    1 
ATOM 53  C C8    . DG A 1 3  ? -4.451  -16.443 -4.465  1.00 143.27 ? 3  DG A C8    1 
ATOM 54  N N7    . DG A 1 3  ? -3.576  -17.372 -4.185  1.00 137.63 ? 3  DG A N7    1 
ATOM 55  C C5    . DG A 1 3  ? -3.723  -17.578 -2.818  1.00 137.61 ? 3  DG A C5    1 
ATOM 56  C C6    . DG A 1 3  ? -3.047  -18.468 -1.951  1.00 136.89 ? 3  DG A C6    1 
ATOM 57  O O6    . DG A 1 3  ? -2.152  -19.276 -2.230  1.00 134.41 ? 3  DG A O6    1 
ATOM 58  N N1    . DG A 1 3  ? -3.503  -18.358 -0.638  1.00 139.18 ? 3  DG A N1    1 
ATOM 59  C C2    . DG A 1 3  ? -4.486  -17.495 -0.218  1.00 138.36 ? 3  DG A C2    1 
ATOM 60  N N2    . DG A 1 3  ? -4.792  -17.527 1.090   1.00 137.83 ? 3  DG A N2    1 
ATOM 61  N N3    . DG A 1 3  ? -5.129  -16.657 -1.019  1.00 137.32 ? 3  DG A N3    1 
ATOM 62  C C4    . DG A 1 3  ? -4.697  -16.752 -2.302  1.00 139.27 ? 3  DG A C4    1 
ATOM 63  P P     . DC A 1 4  ? -7.464  -10.930 -2.797  1.00 164.35 ? 4  DC A P     1 
ATOM 64  O OP1   . DC A 1 4  ? -8.230  -10.118 -3.770  1.00 153.08 ? 4  DC A OP1   1 
ATOM 65  O OP2   . DC A 1 4  ? -5.995  -10.776 -2.691  1.00 163.14 ? 4  DC A OP2   1 
ATOM 66  O "O5'" . DC A 1 4  ? -8.076  -10.708 -1.333  1.00 153.61 ? 4  DC A "O5'" 1 
ATOM 67  C "C5'" . DC A 1 4  ? -8.216  -11.810 -0.445  1.00 152.54 ? 4  DC A "C5'" 1 
ATOM 68  C "C4'" . DC A 1 4  ? -7.197  -11.743 0.681   1.00 147.85 ? 4  DC A "C4'" 1 
ATOM 69  O "O4'" . DC A 1 4  ? -6.264  -12.845 0.575   1.00 150.47 ? 4  DC A "O4'" 1 
ATOM 70  C "C3'" . DC A 1 4  ? -6.357  -10.467 0.733   1.00 145.86 ? 4  DC A "C3'" 1 
ATOM 71  O "O3'" . DC A 1 4  ? -6.536  -9.852  2.009   1.00 155.08 ? 4  DC A "O3'" 1 
ATOM 72  C "C2'" . DC A 1 4  ? -4.913  -10.952 0.498   1.00 146.00 ? 4  DC A "C2'" 1 
ATOM 73  C "C1'" . DC A 1 4  ? -4.976  -12.406 0.929   1.00 146.25 ? 4  DC A "C1'" 1 
ATOM 74  N N1    . DC A 1 4  ? -3.988  -13.292 0.230   1.00 141.40 ? 4  DC A N1    1 
ATOM 75  C C2    . DC A 1 4  ? -3.257  -14.240 0.961   1.00 138.42 ? 4  DC A C2    1 
ATOM 76  O O2    . DC A 1 4  ? -3.420  -14.319 2.186   1.00 139.57 ? 4  DC A O2    1 
ATOM 77  N N3    . DC A 1 4  ? -2.381  -15.044 0.300   1.00 136.42 ? 4  DC A N3    1 
ATOM 78  C C4    . DC A 1 4  ? -2.232  -14.929 -1.023  1.00 138.04 ? 4  DC A C4    1 
ATOM 79  N N4    . DC A 1 4  ? -1.359  -15.741 -1.630  1.00 128.87 ? 4  DC A N4    1 
ATOM 80  C C5    . DC A 1 4  ? -2.971  -13.974 -1.780  1.00 138.46 ? 4  DC A C5    1 
ATOM 81  C C6    . DC A 1 4  ? -3.830  -13.188 -1.121  1.00 139.08 ? 4  DC A C6    1 
ATOM 82  P P     . DA A 1 5  ? -5.430  -8.871  2.638   1.00 160.08 ? 5  DA A P     1 
ATOM 83  O OP1   . DA A 1 5  ? -6.143  -8.038  3.632   1.00 161.64 ? 5  DA A OP1   1 
ATOM 84  O OP2   . DA A 1 5  ? -4.660  -8.203  1.563   1.00 161.90 ? 5  DA A OP2   1 
ATOM 85  O "O5'" . DA A 1 5  ? -4.476  -9.865  3.442   1.00 145.70 ? 5  DA A "O5'" 1 
ATOM 86  C "C5'" . DA A 1 5  ? -4.921  -10.416 4.679   1.00 147.52 ? 5  DA A "C5'" 1 
ATOM 87  C "C4'" . DA A 1 5  ? -3.786  -10.483 5.683   1.00 150.15 ? 5  DA A "C4'" 1 
ATOM 88  O "O4'" . DA A 1 5  ? -2.748  -11.348 5.170   1.00 152.49 ? 5  DA A "O4'" 1 
ATOM 89  C "C3'" . DA A 1 5  ? -3.101  -9.155  5.993   1.00 148.13 ? 5  DA A "C3'" 1 
ATOM 90  O "O3'" . DA A 1 5  ? -2.616  -9.165  7.335   1.00 149.36 ? 5  DA A "O3'" 1 
ATOM 91  C "C2'" . DA A 1 5  ? -1.960  -9.111  4.978   1.00 143.17 ? 5  DA A "C2'" 1 
ATOM 92  C "C1'" . DA A 1 5  ? -1.616  -10.587 4.781   1.00 142.85 ? 5  DA A "C1'" 1 
ATOM 93  N N9    . DA A 1 5  ? -1.294  -10.924 3.396   1.00 135.21 ? 5  DA A N9    1 
ATOM 94  C C8    . DA A 1 5  ? -1.727  -10.283 2.267   1.00 135.16 ? 5  DA A C8    1 
ATOM 95  N N7    . DA A 1 5  ? -1.277  -10.811 1.153   1.00 132.03 ? 5  DA A N7    1 
ATOM 96  C C5    . DA A 1 5  ? -0.492  -11.868 1.582   1.00 130.60 ? 5  DA A C5    1 
ATOM 97  C C6    . DA A 1 5  ? 0.269   -12.830 0.887   1.00 128.72 ? 5  DA A C6    1 
ATOM 98  N N6    . DA A 1 5  ? 0.362   -12.875 -0.447  1.00 128.53 ? 5  DA A N6    1 
ATOM 99  N N1    . DA A 1 5  ? 0.934   -13.746 1.619   1.00 128.85 ? 5  DA A N1    1 
ATOM 100 C C2    . DA A 1 5  ? 0.840   -13.699 2.955   1.00 131.08 ? 5  DA A C2    1 
ATOM 101 N N3    . DA A 1 5  ? 0.160   -12.847 3.717   1.00 128.62 ? 5  DA A N3    1 
ATOM 102 C C4    . DA A 1 5  ? -0.490  -11.949 2.962   1.00 131.08 ? 5  DA A C4    1 
ATOM 103 P P     . DG A 1 6  ? -1.857  -7.889  7.954   1.00 149.63 ? 6  DG A P     1 
ATOM 104 O OP1   . DG A 1 6  ? -2.350  -7.714  9.338   1.00 150.18 ? 6  DG A OP1   1 
ATOM 105 O OP2   . DG A 1 6  ? -1.945  -6.761  6.999   1.00 144.54 ? 6  DG A OP2   1 
ATOM 106 O "O5'" . DG A 1 6  ? -0.337  -8.366  8.035   1.00 146.49 ? 6  DG A "O5'" 1 
ATOM 107 C "C5'" . DG A 1 6  ? -0.011  -9.544  8.751   1.00 144.28 ? 6  DG A "C5'" 1 
ATOM 108 C "C4'" . DG A 1 6  ? 1.256   -10.175 8.202   1.00 153.44 ? 6  DG A "C4'" 1 
ATOM 109 O "O4'" . DG A 1 6  ? 1.136   -10.366 6.773   1.00 151.04 ? 6  DG A "O4'" 1 
ATOM 110 C "C3'" . DG A 1 6  ? 2.533   -9.355  8.411   1.00 148.89 ? 6  DG A "C3'" 1 
ATOM 111 O "O3'" . DG A 1 6  ? 3.420   -10.065 9.256   1.00 158.25 ? 6  DG A "O3'" 1 
ATOM 112 C "C2'" . DG A 1 6  ? 3.115   -9.176  6.995   1.00 139.39 ? 6  DG A "C2'" 1 
ATOM 113 C "C1'" . DG A 1 6  ? 2.416   -10.273 6.208   1.00 141.64 ? 6  DG A "C1'" 1 
ATOM 114 N N9    . DG A 1 6  ? 2.279   -9.991  4.778   1.00 135.86 ? 6  DG A N9    1 
ATOM 115 C C8    . DG A 1 6  ? 1.579   -8.959  4.196   1.00 134.56 ? 6  DG A C8    1 
ATOM 116 N N7    . DG A 1 6  ? 1.627   -8.967  2.891   1.00 124.16 ? 6  DG A N7    1 
ATOM 117 C C5    . DG A 1 6  ? 2.406   -10.078 2.589   1.00 125.93 ? 6  DG A C5    1 
ATOM 118 C C6    . DG A 1 6  ? 2.804   -10.599 1.332   1.00 125.58 ? 6  DG A C6    1 
ATOM 119 O O6    . DG A 1 6  ? 2.545   -10.166 0.200   1.00 122.14 ? 6  DG A O6    1 
ATOM 120 N N1    . DG A 1 6  ? 3.588   -11.741 1.476   1.00 121.80 ? 6  DG A N1    1 
ATOM 121 C C2    . DG A 1 6  ? 3.941   -12.306 2.679   1.00 127.11 ? 6  DG A C2    1 
ATOM 122 N N2    . DG A 1 6  ? 4.703   -13.409 2.617   1.00 131.28 ? 6  DG A N2    1 
ATOM 123 N N3    . DG A 1 6  ? 3.575   -11.829 3.861   1.00 126.74 ? 6  DG A N3    1 
ATOM 124 C C4    . DG A 1 6  ? 2.810   -10.717 3.739   1.00 128.78 ? 6  DG A C4    1 
ATOM 125 P P     . DA A 1 7  ? 4.728   -9.342  9.844   1.00 174.77 ? 7  DA A P     1 
ATOM 126 O OP1   . DA A 1 7  ? 4.832   -9.720  11.274  1.00 174.65 ? 7  DA A OP1   1 
ATOM 127 O OP2   . DA A 1 7  ? 4.669   -7.912  9.463   1.00 163.51 ? 7  DA A OP2   1 
ATOM 128 O "O5'" . DA A 1 7  ? 5.922   -10.014 9.020   1.00 152.51 ? 7  DA A "O5'" 1 
ATOM 129 C "C5'" . DA A 1 7  ? 5.934   -11.422 8.816   1.00 149.16 ? 7  DA A "C5'" 1 
ATOM 130 C "C4'" . DA A 1 7  ? 6.856   -11.794 7.672   1.00 150.32 ? 7  DA A "C4'" 1 
ATOM 131 O "O4'" . DA A 1 7  ? 6.218   -11.474 6.419   1.00 146.68 ? 7  DA A "O4'" 1 
ATOM 132 C "C3'" . DA A 1 7  ? 8.206   -11.072 7.669   1.00 153.62 ? 7  DA A "C3'" 1 
ATOM 133 O "O3'" . DA A 1 7  ? 9.259   -12.018 7.830   1.00 154.76 ? 7  DA A "O3'" 1 
ATOM 134 C "C2'" . DA A 1 7  ? 8.269   -10.362 6.305   1.00 142.09 ? 7  DA A "C2'" 1 
ATOM 135 C "C1'" . DA A 1 7  ? 7.194   -11.072 5.496   1.00 138.37 ? 7  DA A "C1'" 1 
ATOM 136 N N9    . DA A 1 7  ? 6.547   -10.222 4.502   1.00 132.34 ? 7  DA A N9    1 
ATOM 137 C C8    . DA A 1 7  ? 5.737   -9.147  4.739   1.00 132.79 ? 7  DA A C8    1 
ATOM 138 N N7    . DA A 1 7  ? 5.280   -8.576  3.650   1.00 128.70 ? 7  DA A N7    1 
ATOM 139 C C5    . DA A 1 7  ? 5.829   -9.330  2.626   1.00 128.23 ? 7  DA A C5    1 
ATOM 140 C C6    . DA A 1 7  ? 5.731   -9.239  1.221   1.00 125.55 ? 7  DA A C6    1 
ATOM 141 N N6    . DA A 1 7  ? 5.011   -8.305  0.590   1.00 123.57 ? 7  DA A N6    1 
ATOM 142 N N1    . DA A 1 7  ? 6.402   -10.151 0.487   1.00 120.26 ? 7  DA A N1    1 
ATOM 143 C C2    . DA A 1 7  ? 7.120   -11.086 1.122   1.00 123.54 ? 7  DA A C2    1 
ATOM 144 N N3    . DA A 1 7  ? 7.289   -11.270 2.432   1.00 126.63 ? 7  DA A N3    1 
ATOM 145 C C4    . DA A 1 7  ? 6.610   -10.350 3.134   1.00 128.87 ? 7  DA A C4    1 
ATOM 146 P P     . DC A 1 8  ? 10.775  -11.531 8.047   1.00 163.52 ? 8  DC A P     1 
ATOM 147 O OP1   . DC A 1 8  ? 11.482  -12.587 8.808   1.00 160.24 ? 8  DC A OP1   1 
ATOM 148 O OP2   . DC A 1 8  ? 10.764  -10.137 8.555   1.00 146.34 ? 8  DC A OP2   1 
ATOM 149 O "O5'" . DC A 1 8  ? 11.352  -11.524 6.565   1.00 146.15 ? 8  DC A "O5'" 1 
ATOM 150 C "C5'" . DC A 1 8  ? 10.997  -12.570 5.678   1.00 144.66 ? 8  DC A "C5'" 1 
ATOM 151 C "C4'" . DC A 1 8  ? 11.286  -12.169 4.249   1.00 144.98 ? 8  DC A "C4'" 1 
ATOM 152 O "O4'" . DC A 1 8  ? 10.242  -11.301 3.766   1.00 144.75 ? 8  DC A "O4'" 1 
ATOM 153 C "C3'" . DC A 1 8  ? 12.586  -11.386 4.064   1.00 148.85 ? 8  DC A "C3'" 1 
ATOM 154 O "O3'" . DC A 1 8  ? 13.547  -12.184 3.398   1.00 154.19 ? 8  DC A "O3'" 1 
ATOM 155 C "C2'" . DC A 1 8  ? 12.192  -10.158 3.225   1.00 143.25 ? 8  DC A "C2'" 1 
ATOM 156 C "C1'" . DC A 1 8  ? 10.790  -10.503 2.753   1.00 133.77 ? 8  DC A "C1'" 1 
ATOM 157 N N1    . DC A 1 8  ? 9.926   -9.309  2.554   1.00 130.05 ? 8  DC A N1    1 
ATOM 158 C C2    . DC A 1 8  ? 9.553   -8.938  1.259   1.00 128.15 ? 8  DC A C2    1 
ATOM 159 O O2    . DC A 1 8  ? 9.934   -9.621  0.302   1.00 128.29 ? 8  DC A O2    1 
ATOM 160 N N3    . DC A 1 8  ? 8.770   -7.847  1.091   1.00 125.77 ? 8  DC A N3    1 
ATOM 161 C C4    . DC A 1 8  ? 8.375   -7.140  2.147   1.00 125.21 ? 8  DC A C4    1 
ATOM 162 N N4    . DC A 1 8  ? 7.605   -6.070  1.928   1.00 126.40 ? 8  DC A N4    1 
ATOM 163 C C5    . DC A 1 8  ? 8.753   -7.496  3.475   1.00 125.66 ? 8  DC A C5    1 
ATOM 164 C C6    . DC A 1 8  ? 9.524   -8.577  3.629   1.00 128.46 ? 8  DC A C6    1 
ATOM 165 P P     . DT A 1 9  ? 15.020  -11.606 3.131   1.00 167.99 ? 9  DT A P     1 
ATOM 166 O OP1   . DT A 1 9  ? 15.963  -12.745 3.049   1.00 163.28 ? 9  DT A OP1   1 
ATOM 167 O OP2   . DT A 1 9  ? 15.253  -10.510 4.104   1.00 154.21 ? 9  DT A OP2   1 
ATOM 168 O "O5'" . DT A 1 9  ? 14.899  -10.939 1.688   1.00 147.54 ? 9  DT A "O5'" 1 
ATOM 169 C "C5'" . DT A 1 9  ? 14.337  -11.673 0.613   1.00 140.96 ? 9  DT A "C5'" 1 
ATOM 170 C "C4'" . DT A 1 9  ? 14.264  -10.804 -0.624  1.00 139.03 ? 9  DT A "C4'" 1 
ATOM 171 O "O4'" . DT A 1 9  ? 13.211  -9.816  -0.465  1.00 136.05 ? 9  DT A "O4'" 1 
ATOM 172 C "C3'" . DT A 1 9  ? 15.541  -10.004 -0.921  1.00 136.00 ? 9  DT A "C3'" 1 
ATOM 173 O "O3'" . DT A 1 9  ? 15.824  -10.055 -2.311  1.00 143.60 ? 9  DT A "O3'" 1 
ATOM 174 C "C2'" . DT A 1 9  ? 15.168  -8.589  -0.486  1.00 130.67 ? 9  DT A "C2'" 1 
ATOM 175 C "C1'" . DT A 1 9  ? 13.711  -8.571  -0.892  1.00 130.02 ? 9  DT A "C1'" 1 
ATOM 176 N N1    . DT A 1 9  ? 12.902  -7.452  -0.288  1.00 131.64 ? 9  DT A N1    1 
ATOM 177 C C2    . DT A 1 9  ? 12.261  -6.562  -1.133  1.00 124.52 ? 9  DT A C2    1 
ATOM 178 O O2    . DT A 1 9  ? 12.304  -6.643  -2.354  1.00 124.94 ? 9  DT A O2    1 
ATOM 179 N N3    . DT A 1 9  ? 11.552  -5.575  -0.497  1.00 114.22 ? 9  DT A N3    1 
ATOM 180 C C4    . DT A 1 9  ? 11.425  -5.381  0.865   1.00 120.24 ? 9  DT A C4    1 
ATOM 181 O O4    . DT A 1 9  ? 10.764  -4.460  1.338   1.00 124.93 ? 9  DT A O4    1 
ATOM 182 C C5    . DT A 1 9  ? 12.126  -6.338  1.696   1.00 118.63 ? 9  DT A C5    1 
ATOM 183 C C7    . DT A 1 9  ? 12.060  -6.221  3.189   1.00 113.70 ? 9  DT A C7    1 
ATOM 184 C C6    . DT A 1 9  ? 12.826  -7.316  1.088   1.00 123.80 ? 9  DT A C6    1 
ATOM 185 P P     . DT A 1 10 ? 17.034  -9.194  -2.922  1.00 146.77 ? 10 DT A P     1 
ATOM 186 O OP1   . DT A 1 10 ? 17.424  -9.821  -4.207  1.00 134.02 ? 10 DT A OP1   1 
ATOM 187 O OP2   . DT A 1 10 ? 18.033  -9.018  -1.841  1.00 146.14 ? 10 DT A OP2   1 
ATOM 188 O "O5'" . DT A 1 10 ? 16.387  -7.757  -3.205  1.00 137.98 ? 10 DT A "O5'" 1 
ATOM 189 C "C5'" . DT A 1 10 ? 15.268  -7.629  -4.082  1.00 139.75 ? 10 DT A "C5'" 1 
ATOM 190 C "C4'" . DT A 1 10 ? 15.673  -6.970  -5.392  1.00 138.31 ? 10 DT A "C4'" 1 
ATOM 191 O "O4'" . DT A 1 10 ? 14.968  -5.720  -5.552  1.00 133.57 ? 10 DT A "O4'" 1 
ATOM 192 C "C3'" . DT A 1 10 ? 17.131  -6.588  -5.504  1.00 138.14 ? 10 DT A "C3'" 1 
ATOM 193 O "O3'" . DT A 1 10 ? 17.475  -6.488  -6.880  1.00 141.61 ? 10 DT A "O3'" 1 
ATOM 194 C "C2'" . DT A 1 10 ? 17.171  -5.224  -4.799  1.00 138.45 ? 10 DT A "C2'" 1 
ATOM 195 C "C1'" . DT A 1 10 ? 15.787  -4.645  -5.106  1.00 131.82 ? 10 DT A "C1'" 1 
ATOM 196 N N1    . DT A 1 10 ? 15.111  -4.001  -3.927  1.00 123.78 ? 10 DT A N1    1 
ATOM 197 C C2    . DT A 1 10 ? 14.227  -2.961  -4.145  1.00 123.40 ? 10 DT A C2    1 
ATOM 198 O O2    . DT A 1 10 ? 13.969  -2.517  -5.257  1.00 129.75 ? 10 DT A O2    1 
ATOM 199 N N3    . DT A 1 10 ? 13.648  -2.455  -3.008  1.00 114.60 ? 10 DT A N3    1 
ATOM 200 C C4    . DT A 1 10 ? 13.857  -2.871  -1.705  1.00 117.73 ? 10 DT A C4    1 
ATOM 201 O O4    . DT A 1 10 ? 13.289  -2.350  -0.749  1.00 119.25 ? 10 DT A O4    1 
ATOM 202 C C5    . DT A 1 10 ? 14.792  -3.960  -1.545  1.00 116.86 ? 10 DT A C5    1 
ATOM 203 C C7    . DT A 1 10 ? 15.093  -4.493  -0.175  1.00 112.06 ? 10 DT A C7    1 
ATOM 204 C C6    . DT A 1 10 ? 15.368  -4.468  -2.650  1.00 116.73 ? 10 DT A C6    1 
ATOM 205 P P     . DG A 1 11 ? 18.943  -6.020  -7.327  1.00 158.25 ? 11 DG A P     1 
ATOM 206 O OP1   . DG A 1 11 ? 19.293  -6.789  -8.541  1.00 157.65 ? 11 DG A OP1   1 
ATOM 207 O OP2   . DG A 1 11 ? 19.841  -6.055  -6.150  1.00 152.41 ? 11 DG A OP2   1 
ATOM 208 O "O5'" . DG A 1 11 ? 18.728  -4.502  -7.744  1.00 141.04 ? 11 DG A "O5'" 1 
ATOM 209 C "C5'" . DG A 1 11 ? 17.750  -4.175  -8.707  1.00 144.83 ? 11 DG A "C5'" 1 
ATOM 210 C "C4'" . DG A 1 11 ? 17.882  -2.725  -9.127  1.00 149.21 ? 11 DG A "C4'" 1 
ATOM 211 O "O4'" . DG A 1 11 ? 17.240  -1.860  -8.151  1.00 151.68 ? 11 DG A "O4'" 1 
ATOM 212 C "C3'" . DG A 1 11 ? 19.312  -2.238  -9.255  1.00 145.86 ? 11 DG A "C3'" 1 
ATOM 213 O "O3'" . DG A 1 11 ? 19.419  -1.325  -10.333 1.00 143.46 ? 11 DG A "O3'" 1 
ATOM 214 C "C2'" . DG A 1 11 ? 19.579  -1.579  -7.901  1.00 133.94 ? 11 DG A "C2'" 1 
ATOM 215 C "C1'" . DG A 1 11 ? 18.200  -1.092  -7.460  1.00 134.00 ? 11 DG A "C1'" 1 
ATOM 216 N N9    . DG A 1 11 ? 17.976  -1.274  -6.034  1.00 128.21 ? 11 DG A N9    1 
ATOM 217 C C8    . DG A 1 11 ? 18.633  -2.153  -5.213  1.00 128.47 ? 11 DG A C8    1 
ATOM 218 N N7    . DG A 1 11 ? 18.237  -2.105  -3.974  1.00 126.36 ? 11 DG A N7    1 
ATOM 219 C C5    . DG A 1 11 ? 17.249  -1.131  -3.971  1.00 119.65 ? 11 DG A C5    1 
ATOM 220 C C6    . DG A 1 11 ? 16.455  -0.644  -2.909  1.00 117.96 ? 11 DG A C6    1 
ATOM 221 O O6    . DG A 1 11 ? 16.470  -0.988  -1.722  1.00 122.82 ? 11 DG A O6    1 
ATOM 222 N N1    . DG A 1 11 ? 15.576  0.346   -3.335  1.00 116.98 ? 11 DG A N1    1 
ATOM 223 C C2    . DG A 1 11 ? 15.472  0.806   -4.626  1.00 125.76 ? 11 DG A C2    1 
ATOM 224 N N2    . DG A 1 11 ? 14.561  1.764   -4.844  1.00 126.91 ? 11 DG A N2    1 
ATOM 225 N N3    . DG A 1 11 ? 16.210  0.357   -5.635  1.00 126.11 ? 11 DG A N3    1 
ATOM 226 C C4    . DG A 1 11 ? 17.074  -0.608  -5.233  1.00 125.97 ? 11 DG A C4    1 
ATOM 227 P P     . DA B 2 1  ? 9.759   20.747  -4.128  1.00 153.42 ? 12 DA B P     1 
ATOM 228 O OP1   . DA B 2 1  ? 10.620  21.938  -3.974  1.00 148.35 ? 12 DA B OP1   1 
ATOM 229 O OP2   . DA B 2 1  ? 10.357  19.402  -4.017  1.00 141.97 ? 12 DA B OP2   1 
ATOM 230 O "O5'" . DA B 2 1  ? 8.950   20.812  -5.509  1.00 138.25 ? 12 DA B "O5'" 1 
ATOM 231 C "C5'" . DA B 2 1  ? 8.762   22.067  -6.179  1.00 143.14 ? 12 DA B "C5'" 1 
ATOM 232 C "C4'" . DA B 2 1  ? 7.344   22.190  -6.697  1.00 138.22 ? 12 DA B "C4'" 1 
ATOM 233 O "O4'" . DA B 2 1  ? 7.107   21.159  -7.687  1.00 136.08 ? 12 DA B "O4'" 1 
ATOM 234 C "C3'" . DA B 2 1  ? 6.262   22.018  -5.637  1.00 136.69 ? 12 DA B "C3'" 1 
ATOM 235 O "O3'" . DA B 2 1  ? 5.187   22.899  -5.902  1.00 146.65 ? 12 DA B "O3'" 1 
ATOM 236 C "C2'" . DA B 2 1  ? 5.847   20.562  -5.804  1.00 131.97 ? 12 DA B "C2'" 1 
ATOM 237 C "C1'" . DA B 2 1  ? 6.004   20.366  -7.302  1.00 128.01 ? 12 DA B "C1'" 1 
ATOM 238 N N9    . DA B 2 1  ? 6.269   18.977  -7.683  1.00 128.60 ? 12 DA B N9    1 
ATOM 239 C C8    . DA B 2 1  ? 7.177   18.124  -7.115  1.00 130.68 ? 12 DA B C8    1 
ATOM 240 N N7    . DA B 2 1  ? 7.198   16.929  -7.664  1.00 127.96 ? 12 DA B N7    1 
ATOM 241 C C5    . DA B 2 1  ? 6.232   16.999  -8.654  1.00 122.52 ? 12 DA B C5    1 
ATOM 242 C C6    . DA B 2 1  ? 5.768   16.055  -9.594  1.00 123.56 ? 12 DA B C6    1 
ATOM 243 N N6    . DA B 2 1  ? 6.245   14.808  -9.684  1.00 121.70 ? 12 DA B N6    1 
ATOM 244 N N1    . DA B 2 1  ? 4.794   16.447  -10.440 1.00 124.75 ? 12 DA B N1    1 
ATOM 245 C C2    . DA B 2 1  ? 4.321   17.695  -10.345 1.00 126.74 ? 12 DA B C2    1 
ATOM 246 N N3    . DA B 2 1  ? 4.675   18.667  -9.504  1.00 122.04 ? 12 DA B N3    1 
ATOM 247 C C4    . DA B 2 1  ? 5.646   18.251  -8.676  1.00 122.17 ? 12 DA B C4    1 
ATOM 248 P P     . DC B 2 2  ? 4.175   23.325  -4.729  1.00 158.16 ? 13 DC B P     1 
ATOM 249 O OP1   . DC B 2 2  ? 3.363   24.447  -5.246  1.00 156.81 ? 13 DC B OP1   1 
ATOM 250 O OP2   . DC B 2 2  ? 4.927   23.492  -3.464  1.00 141.81 ? 13 DC B OP2   1 
ATOM 251 O "O5'" . DC B 2 2  ? 3.234   22.048  -4.570  1.00 136.98 ? 13 DC B "O5'" 1 
ATOM 252 C "C5'" . DC B 2 2  ? 1.861   22.155  -4.873  1.00 135.15 ? 13 DC B "C5'" 1 
ATOM 253 C "C4'" . DC B 2 2  ? 1.508   21.363  -6.117  1.00 134.27 ? 13 DC B "C4'" 1 
ATOM 254 O "O4'" . DC B 2 2  ? 2.545   20.413  -6.411  1.00 129.19 ? 13 DC B "O4'" 1 
ATOM 255 C "C3'" . DC B 2 2  ? 0.269   20.508  -5.973  1.00 138.39 ? 13 DC B "C3'" 1 
ATOM 256 O "O3'" . DC B 2 2  ? -0.875  21.268  -6.262  1.00 143.82 ? 13 DC B "O3'" 1 
ATOM 257 C "C2'" . DC B 2 2  ? 0.482   19.401  -7.008  1.00 131.11 ? 13 DC B "C2'" 1 
ATOM 258 C "C1'" . DC B 2 2  ? 1.994   19.404  -7.238  1.00 129.77 ? 13 DC B "C1'" 1 
ATOM 259 N N1    . DC B 2 2  ? 2.667   18.086  -6.948  1.00 126.76 ? 13 DC B N1    1 
ATOM 260 C C2    . DC B 2 2  ? 2.347   16.953  -7.715  1.00 124.07 ? 13 DC B C2    1 
ATOM 261 O O2    . DC B 2 2  ? 1.500   17.046  -8.611  1.00 124.47 ? 13 DC B O2    1 
ATOM 262 N N3    . DC B 2 2  ? 2.974   15.783  -7.453  1.00 121.09 ? 13 DC B N3    1 
ATOM 263 C C4    . DC B 2 2  ? 3.882   15.715  -6.482  1.00 122.84 ? 13 DC B C4    1 
ATOM 264 N N4    . DC B 2 2  ? 4.472   14.535  -6.262  1.00 119.37 ? 13 DC B N4    1 
ATOM 265 C C5    . DC B 2 2  ? 4.228   16.852  -5.693  1.00 119.52 ? 13 DC B C5    1 
ATOM 266 C C6    . DC B 2 2  ? 3.601   18.005  -5.959  1.00 123.32 ? 13 DC B C6    1 
ATOM 267 P P     . DA B 2 3  ? -2.296  20.800  -5.684  1.00 145.47 ? 14 DA B P     1 
ATOM 268 O OP1   . DA B 2 3  ? -2.775  21.873  -4.779  1.00 144.72 ? 14 DA B OP1   1 
ATOM 269 O OP2   . DA B 2 3  ? -2.141  19.421  -5.171  1.00 130.28 ? 14 DA B OP2   1 
ATOM 270 O "O5'" . DA B 2 3  ? -3.226  20.741  -6.982  1.00 146.37 ? 14 DA B "O5'" 1 
ATOM 271 C "C5'" . DA B 2 3  ? -2.712  20.233  -8.206  1.00 134.06 ? 14 DA B "C5'" 1 
ATOM 272 C "C4'" . DA B 2 3  ? -3.142  18.795  -8.410  1.00 136.96 ? 14 DA B "C4'" 1 
ATOM 273 O "O4'" . DA B 2 3  ? -2.042  17.908  -8.119  1.00 137.55 ? 14 DA B "O4'" 1 
ATOM 274 C "C3'" . DA B 2 3  ? -4.310  18.336  -7.531  1.00 129.56 ? 14 DA B "C3'" 1 
ATOM 275 O "O3'" . DA B 2 3  ? -5.452  18.049  -8.372  1.00 137.35 ? 14 DA B "O3'" 1 
ATOM 276 C "C2'" . DA B 2 3  ? -3.766  17.108  -6.774  1.00 129.04 ? 14 DA B "C2'" 1 
ATOM 277 C "C1'" . DA B 2 3  ? -2.556  16.707  -7.607  1.00 133.48 ? 14 DA B "C1'" 1 
ATOM 278 N N9    . DA B 2 3  ? -1.496  16.033  -6.842  1.00 125.86 ? 14 DA B N9    1 
ATOM 279 C C8    . DA B 2 3  ? -0.753  16.558  -5.822  1.00 128.19 ? 14 DA B C8    1 
ATOM 280 N N7    . DA B 2 3  ? 0.135   15.729  -5.327  1.00 122.12 ? 14 DA B N7    1 
ATOM 281 C C5    . DA B 2 3  ? -0.034  14.575  -6.069  1.00 114.47 ? 14 DA B C5    1 
ATOM 282 C C6    . DA B 2 3  ? 0.607   13.320  -6.028  1.00 112.05 ? 14 DA B C6    1 
ATOM 283 N N6    . DA B 2 3  ? 1.587   13.025  -5.171  1.00 115.93 ? 14 DA B N6    1 
ATOM 284 N N1    . DA B 2 3  ? 0.203   12.381  -6.904  1.00 109.16 ? 14 DA B N1    1 
ATOM 285 C C2    . DA B 2 3  ? -0.781  12.683  -7.761  1.00 115.81 ? 14 DA B C2    1 
ATOM 286 N N3    . DA B 2 3  ? -1.460  13.826  -7.895  1.00 121.66 ? 14 DA B N3    1 
ATOM 287 C C4    . DA B 2 3  ? -1.033  14.742  -7.011  1.00 118.75 ? 14 DA B C4    1 
ATOM 288 P P     . DC B 2 4  ? -6.349  16.721  -8.215  1.00 155.29 ? 15 DC B P     1 
ATOM 289 O OP1   . DC B 2 4  ? -7.427  16.856  -9.222  1.00 146.17 ? 15 DC B OP1   1 
ATOM 290 O OP2   . DC B 2 4  ? -6.712  16.506  -6.793  1.00 145.04 ? 15 DC B OP2   1 
ATOM 291 O "O5'" . DC B 2 4  ? -5.395  15.541  -8.716  1.00 145.97 ? 15 DC B "O5'" 1 
ATOM 292 C "C5'" . DC B 2 4  ? -5.776  14.744  -9.821  1.00 145.27 ? 15 DC B "C5'" 1 
ATOM 293 C "C4'" . DC B 2 4  ? -5.944  13.291  -9.405  1.00 146.43 ? 15 DC B "C4'" 1 
ATOM 294 O "O4'" . DC B 2 4  ? -4.801  12.866  -8.610  1.00 142.83 ? 15 DC B "O4'" 1 
ATOM 295 C "C3'" . DC B 2 4  ? -7.181  12.984  -8.562  1.00 139.20 ? 15 DC B "C3'" 1 
ATOM 296 O "O3'" . DC B 2 4  ? -7.714  11.740  -8.983  1.00 140.47 ? 15 DC B "O3'" 1 
ATOM 297 C "C2'" . DC B 2 4  ? -6.617  12.910  -7.142  1.00 131.14 ? 15 DC B "C2'" 1 
ATOM 298 C "C1'" . DC B 2 4  ? -5.249  12.296  -7.397  1.00 132.70 ? 15 DC B "C1'" 1 
ATOM 299 N N1    . DC B 2 4  ? -4.239  12.597  -6.330  1.00 125.69 ? 15 DC B N1    1 
ATOM 300 C C2    . DC B 2 4  ? -3.350  11.594  -5.901  1.00 122.31 ? 15 DC B C2    1 
ATOM 301 O O2    . DC B 2 4  ? -3.412  10.469  -6.414  1.00 122.18 ? 15 DC B O2    1 
ATOM 302 N N3    . DC B 2 4  ? -2.442  11.891  -4.935  1.00 119.26 ? 15 DC B N3    1 
ATOM 303 C C4    . DC B 2 4  ? -2.405  13.116  -4.407  1.00 119.72 ? 15 DC B C4    1 
ATOM 304 N N4    . DC B 2 4  ? -1.495  13.363  -3.458  1.00 118.76 ? 15 DC B N4    1 
ATOM 305 C C5    . DC B 2 4  ? -3.302  14.144  -4.830  1.00 120.79 ? 15 DC B C5    1 
ATOM 306 C C6    . DC B 2 4  ? -4.190  13.845  -5.784  1.00 124.56 ? 15 DC B C6    1 
ATOM 307 P P     . DC B 2 5  ? -9.014  11.112  -8.283  1.00 134.75 ? 16 DC B P     1 
ATOM 308 O OP1   . DC B 2 5  ? -9.930  10.693  -9.367  1.00 147.64 ? 16 DC B OP1   1 
ATOM 309 O OP2   . DC B 2 5  ? -9.503  12.031  -7.233  1.00 139.68 ? 16 DC B OP2   1 
ATOM 310 O "O5'" . DC B 2 5  ? -8.450  9.799   -7.579  1.00 129.50 ? 16 DC B "O5'" 1 
ATOM 311 C "C5'" . DC B 2 5  ? -7.737  8.839   -8.345  1.00 132.47 ? 16 DC B "C5'" 1 
ATOM 312 C "C4'" . DC B 2 5  ? -7.452  7.594   -7.522  1.00 138.93 ? 16 DC B "C4'" 1 
ATOM 313 O "O4'" . DC B 2 5  ? -6.378  7.858   -6.583  1.00 136.63 ? 16 DC B "O4'" 1 
ATOM 314 C "C3'" . DC B 2 5  ? -8.622  7.089   -6.687  1.00 145.74 ? 16 DC B "C3'" 1 
ATOM 315 O "O3'" . DC B 2 5  ? -8.594  5.661   -6.643  1.00 151.51 ? 16 DC B "O3'" 1 
ATOM 316 C "C2'" . DC B 2 5  ? -8.361  7.723   -5.318  1.00 143.03 ? 16 DC B "C2'" 1 
ATOM 317 C "C1'" . DC B 2 5  ? -6.843  7.716   -5.251  1.00 137.67 ? 16 DC B "C1'" 1 
ATOM 318 N N1    . DC B 2 5  ? -6.276  8.828   -4.447  1.00 133.19 ? 16 DC B N1    1 
ATOM 319 C C2    . DC B 2 5  ? -5.144  8.602   -3.654  1.00 129.39 ? 16 DC B C2    1 
ATOM 320 O O2    . DC B 2 5  ? -4.643  7.470   -3.623  1.00 128.30 ? 16 DC B O2    1 
ATOM 321 N N3    . DC B 2 5  ? -4.629  9.633   -2.939  1.00 124.56 ? 16 DC B N3    1 
ATOM 322 C C4    . DC B 2 5  ? -5.198  10.839  -3.001  1.00 128.29 ? 16 DC B C4    1 
ATOM 323 N N4    . DC B 2 5  ? -4.655  11.826  -2.278  1.00 125.04 ? 16 DC B N4    1 
ATOM 324 C C5    . DC B 2 5  ? -6.350  11.088  -3.806  1.00 132.27 ? 16 DC B C5    1 
ATOM 325 C C6    . DC B 2 5  ? -6.848  10.064  -4.507  1.00 131.33 ? 16 DC B C6    1 
ATOM 326 P P     . DA B 2 6  ? -9.279  4.849   -5.435  1.00 163.23 ? 17 DA B P     1 
ATOM 327 O OP1   . DA B 2 6  ? -9.492  3.471   -5.930  1.00 151.06 ? 17 DA B OP1   1 
ATOM 328 O OP2   . DA B 2 6  ? -10.431 5.614   -4.903  1.00 156.46 ? 17 DA B OP2   1 
ATOM 329 O "O5'" . DA B 2 6  ? -8.132  4.793   -4.324  1.00 146.45 ? 17 DA B "O5'" 1 
ATOM 330 C "C5'" . DA B 2 6  ? -6.853  4.275   -4.667  1.00 148.66 ? 17 DA B "C5'" 1 
ATOM 331 C "C4'" . DA B 2 6  ? -6.353  3.298   -3.622  1.00 149.36 ? 17 DA B "C4'" 1 
ATOM 332 O "O4'" . DA B 2 6  ? -5.556  3.996   -2.642  1.00 147.25 ? 17 DA B "O4'" 1 
ATOM 333 C "C3'" . DA B 2 6  ? -7.428  2.575   -2.833  1.00 146.28 ? 17 DA B "C3'" 1 
ATOM 334 O "O3'" . DA B 2 6  ? -6.949  1.291   -2.452  1.00 158.43 ? 17 DA B "O3'" 1 
ATOM 335 C "C2'" . DA B 2 6  ? -7.648  3.487   -1.622  1.00 139.79 ? 17 DA B "C2'" 1 
ATOM 336 C "C1'" . DA B 2 6  ? -6.302  4.198   -1.459  1.00 137.12 ? 17 DA B "C1'" 1 
ATOM 337 N N9    . DA B 2 6  ? -6.423  5.636   -1.245  1.00 128.48 ? 17 DA B N9    1 
ATOM 338 C C8    . DA B 2 6  ? -7.422  6.458   -1.688  1.00 132.44 ? 17 DA B C8    1 
ATOM 339 N N7    . DA B 2 6  ? -7.261  7.715   -1.347  1.00 127.47 ? 17 DA B N7    1 
ATOM 340 C C5    . DA B 2 6  ? -6.073  7.715   -0.635  1.00 127.14 ? 17 DA B C5    1 
ATOM 341 C C6    . DA B 2 6  ? -5.342  8.741   0.000   1.00 126.36 ? 17 DA B C6    1 
ATOM 342 N N6    . DA B 2 6  ? -5.727  10.021  0.016   1.00 122.42 ? 17 DA B N6    1 
ATOM 343 N N1    . DA B 2 6  ? -4.194  8.398   0.622   1.00 124.27 ? 17 DA B N1    1 
ATOM 344 C C2    . DA B 2 6  ? -3.811  7.114   0.604   1.00 127.28 ? 17 DA B C2    1 
ATOM 345 N N3    . DA B 2 6  ? -4.410  6.067   0.041   1.00 127.37 ? 17 DA B N3    1 
ATOM 346 C C4    . DA B 2 6  ? -5.546  6.439   -0.566  1.00 127.16 ? 17 DA B C4    1 
ATOM 347 P P     . DC B 2 7  ? -7.802  0.355   -1.462  1.00 166.13 ? 18 DC B P     1 
ATOM 348 O OP1   . DC B 2 7  ? -7.477  -1.049  -1.795  1.00 152.25 ? 18 DC B OP1   1 
ATOM 349 O OP2   . DC B 2 7  ? -9.215  0.790   -1.525  1.00 164.90 ? 18 DC B OP2   1 
ATOM 350 O "O5'" . DC B 2 7  ? -7.216  0.703   -0.011  1.00 146.07 ? 18 DC B "O5'" 1 
ATOM 351 C "C5'" . DC B 2 7  ? -5.807  0.695   0.205   1.00 145.30 ? 18 DC B "C5'" 1 
ATOM 352 C "C4'" . DC B 2 7  ? -5.457  1.336   1.536   1.00 151.95 ? 18 DC B "C4'" 1 
ATOM 353 O "O4'" . DC B 2 7  ? -5.595  2.776   1.449   1.00 146.86 ? 18 DC B "O4'" 1 
ATOM 354 C "C3'" . DC B 2 7  ? -6.330  0.897   2.720   1.00 149.24 ? 18 DC B "C3'" 1 
ATOM 355 O "O3'" . DC B 2 7  ? -5.521  0.273   3.711   1.00 152.84 ? 18 DC B "O3'" 1 
ATOM 356 C "C2'" . DC B 2 7  ? -6.950  2.206   3.232   1.00 143.16 ? 18 DC B "C2'" 1 
ATOM 357 C "C1'" . DC B 2 7  ? -5.988  3.253   2.705   1.00 135.11 ? 18 DC B "C1'" 1 
ATOM 358 N N1    . DC B 2 7  ? -6.606  4.603   2.544   1.00 131.32 ? 18 DC B N1    1 
ATOM 359 C C2    . DC B 2 7  ? -5.947  5.734   3.049   1.00 132.11 ? 18 DC B C2    1 
ATOM 360 O O2    . DC B 2 7  ? -4.854  5.595   3.616   1.00 126.73 ? 18 DC B O2    1 
ATOM 361 N N3    . DC B 2 7  ? -6.524  6.954   2.899   1.00 128.65 ? 18 DC B N3    1 
ATOM 362 C C4    . DC B 2 7  ? -7.703  7.065   2.284   1.00 129.79 ? 18 DC B C4    1 
ATOM 363 N N4    . DC B 2 7  ? -8.233  8.286   2.160   1.00 130.14 ? 18 DC B N4    1 
ATOM 364 C C5    . DC B 2 7  ? -8.390  5.925   1.767   1.00 131.11 ? 18 DC B C5    1 
ATOM 365 C C6    . DC B 2 7  ? -7.813  4.726   1.919   1.00 132.21 ? 18 DC B C6    1 
ATOM 366 P P     . DT B 2 8  ? -6.154  -0.221  5.105   1.00 153.69 ? 19 DT B P     1 
ATOM 367 O OP1   . DT B 2 8  ? -5.603  -1.569  5.358   1.00 147.40 ? 19 DT B OP1   1 
ATOM 368 O OP2   . DT B 2 8  ? -7.623  -0.033  5.083   1.00 145.56 ? 19 DT B OP2   1 
ATOM 369 O "O5'" . DT B 2 8  ? -5.518  0.779   6.181   1.00 146.85 ? 19 DT B "O5'" 1 
ATOM 370 C "C5'" . DT B 2 8  ? -4.101  0.922   6.244   1.00 151.11 ? 19 DT B "C5'" 1 
ATOM 371 C "C4'" . DT B 2 8  ? -3.686  2.043   7.187   1.00 153.49 ? 19 DT B "C4'" 1 
ATOM 372 O "O4'" . DT B 2 8  ? -4.281  3.300   6.771   1.00 150.66 ? 19 DT B "O4'" 1 
ATOM 373 C "C3'" . DT B 2 8  ? -4.074  1.864   8.650   1.00 161.03 ? 19 DT B "C3'" 1 
ATOM 374 O "O3'" . DT B 2 8  ? -3.045  2.426   9.462   1.00 166.49 ? 19 DT B "O3'" 1 
ATOM 375 C "C2'" . DT B 2 8  ? -5.374  2.669   8.745   1.00 163.36 ? 19 DT B "C2'" 1 
ATOM 376 C "C1'" . DT B 2 8  ? -5.047  3.843   7.833   1.00 152.32 ? 19 DT B "C1'" 1 
ATOM 377 N N1    . DT B 2 8  ? -6.240  4.544   7.231   1.00 145.08 ? 19 DT B N1    1 
ATOM 378 C C2    . DT B 2 8  ? -6.310  5.926   7.285   1.00 143.19 ? 19 DT B C2    1 
ATOM 379 O O2    . DT B 2 8  ? -5.467  6.623   7.834   1.00 142.53 ? 19 DT B O2    1 
ATOM 380 N N3    . DT B 2 8  ? -7.416  6.468   6.678   1.00 135.87 ? 19 DT B N3    1 
ATOM 381 C C4    . DT B 2 8  ? -8.433  5.791   6.030   1.00 133.45 ? 19 DT B C4    1 
ATOM 382 O O4    . DT B 2 8  ? -9.386  6.374   5.515   1.00 131.65 ? 19 DT B O4    1 
ATOM 383 C C5    . DT B 2 8  ? -8.298  4.349   5.999   1.00 138.08 ? 19 DT B C5    1 
ATOM 384 C C7    . DT B 2 8  ? -9.346  3.511   5.325   1.00 136.65 ? 19 DT B C7    1 
ATOM 385 C C6    . DT B 2 8  ? -7.217  3.801   6.589   1.00 138.80 ? 19 DT B C6    1 
ATOM 386 P P     . DC B 2 9  ? -2.869  1.988   10.997  1.00 176.20 ? 20 DC B P     1 
ATOM 387 O OP1   . DC B 2 9  ? -1.423  1.792   11.244  1.00 161.11 ? 20 DC B OP1   1 
ATOM 388 O OP2   . DC B 2 9  ? -3.835  0.901   11.284  1.00 174.63 ? 20 DC B OP2   1 
ATOM 389 O "O5'" . DC B 2 9  ? -3.314  3.287   11.807  1.00 159.78 ? 20 DC B "O5'" 1 
ATOM 390 C "C5'" . DC B 2 9  ? -2.522  4.460   11.751  1.00 160.40 ? 20 DC B "C5'" 1 
ATOM 391 C "C4'" . DC B 2 9  ? -3.148  5.558   12.591  1.00 162.34 ? 20 DC B "C4'" 1 
ATOM 392 O "O4'" . DC B 2 9  ? -4.247  6.170   11.861  1.00 163.92 ? 20 DC B "O4'" 1 
ATOM 393 C "C3'" . DC B 2 9  ? -3.731  5.094   13.924  1.00 163.79 ? 20 DC B "C3'" 1 
ATOM 394 O "O3'" . DC B 2 9  ? -3.475  6.073   14.914  1.00 164.98 ? 20 DC B "O3'" 1 
ATOM 395 C "C2'" . DC B 2 9  ? -5.225  4.963   13.620  1.00 159.18 ? 20 DC B "C2'" 1 
ATOM 396 C "C1'" . DC B 2 9  ? -5.438  6.087   12.621  1.00 157.05 ? 20 DC B "C1'" 1 
ATOM 397 N N1    . DC B 2 9  ? -6.580  5.844   11.685  1.00 151.20 ? 20 DC B N1    1 
ATOM 398 C C2    . DC B 2 9  ? -7.283  6.934   11.151  1.00 146.19 ? 20 DC B C2    1 
ATOM 399 O O2    . DC B 2 9  ? -6.943  8.086   11.465  1.00 143.48 ? 20 DC B O2    1 
ATOM 400 N N3    . DC B 2 9  ? -8.316  6.695   10.301  1.00 136.38 ? 20 DC B N3    1 
ATOM 401 C C4    . DC B 2 9  ? -8.650  5.439   9.989   1.00 139.23 ? 20 DC B C4    1 
ATOM 402 N N4    . DC B 2 9  ? -9.673  5.253   9.149   1.00 139.59 ? 20 DC B N4    1 
ATOM 403 C C5    . DC B 2 9  ? -7.949  4.319   10.525  1.00 142.43 ? 20 DC B C5    1 
ATOM 404 C C6    . DC B 2 9  ? -6.933  4.564   11.360  1.00 146.17 ? 20 DC B C6    1 
ATOM 405 P P     . DA B 2 10 ? -3.961  5.865   16.432  1.00 174.06 ? 21 DA B P     1 
ATOM 406 O OP1   . DA B 2 10 ? -2.757  6.019   17.278  1.00 168.30 ? 21 DA B OP1   1 
ATOM 407 O OP2   . DA B 2 10 ? -4.768  4.626   16.549  1.00 168.54 ? 21 DA B OP2   1 
ATOM 408 O "O5'" . DA B 2 10 ? -4.917  7.126   16.677  1.00 158.91 ? 21 DA B "O5'" 1 
ATOM 409 C "C5'" . DA B 2 10 ? -4.405  8.446   16.481  1.00 148.10 ? 21 DA B "C5'" 1 
ATOM 410 C "C4'" . DA B 2 10 ? -5.527  9.464   16.362  1.00 147.99 ? 21 DA B "C4'" 1 
ATOM 411 O "O4'" . DA B 2 10 ? -6.454  9.043   15.330  1.00 147.85 ? 21 DA B "O4'" 1 
ATOM 412 C "C3'" . DA B 2 10 ? -6.367  9.659   17.618  1.00 151.11 ? 21 DA B "C3'" 1 
ATOM 413 O "O3'" . DA B 2 10 ? -6.825  11.005  17.688  1.00 161.64 ? 21 DA B "O3'" 1 
ATOM 414 C "C2'" . DA B 2 10 ? -7.519  8.691   17.397  1.00 145.65 ? 21 DA B "C2'" 1 
ATOM 415 C "C1'" . DA B 2 10 ? -7.725  8.806   15.895  1.00 142.01 ? 21 DA B "C1'" 1 
ATOM 416 N N9    . DA B 2 10 ? -8.266  7.599   15.295  1.00 140.09 ? 21 DA B N9    1 
ATOM 417 C C8    . DA B 2 10 ? -7.896  6.310   15.555  1.00 140.45 ? 21 DA B C8    1 
ATOM 418 N N7    . DA B 2 10 ? -8.563  5.420   14.860  1.00 144.17 ? 21 DA B N7    1 
ATOM 419 C C5    . DA B 2 10 ? -9.430  6.183   14.093  1.00 145.81 ? 21 DA B C5    1 
ATOM 420 C C6    . DA B 2 10 ? -10.411 5.841   13.138  1.00 146.68 ? 21 DA B C6    1 
ATOM 421 N N6    . DA B 2 10 ? -10.688 4.581   12.784  1.00 142.99 ? 21 DA B N6    1 
ATOM 422 N N1    . DA B 2 10 ? -11.097 6.849   12.557  1.00 143.90 ? 21 DA B N1    1 
ATOM 423 C C2    . DA B 2 10 ? -10.815 8.110   12.914  1.00 142.77 ? 21 DA B C2    1 
ATOM 424 N N3    . DA B 2 10 ? -9.918  8.551   13.794  1.00 141.25 ? 21 DA B N3    1 
ATOM 425 C C4    . DA B 2 10 ? -9.256  7.528   14.353  1.00 141.50 ? 21 DA B C4    1 
ATOM 426 P P     . DC C 3 1  ? 10.326  7.937   2.534   1.00 142.88 ? 1  DC C P     1 
ATOM 427 O OP1   . DC C 3 1  ? 10.900  8.956   3.445   1.00 124.01 ? 1  DC C OP1   1 
ATOM 428 O OP2   . DC C 3 1  ? 10.434  6.500   2.883   1.00 135.68 ? 1  DC C OP2   1 
ATOM 429 O "O5'" . DC C 3 1  ? 10.929  8.165   1.064   1.00 134.00 ? 1  DC C "O5'" 1 
ATOM 430 C "C5'" . DC C 3 1  ? 11.791  7.201   0.480   1.00 117.98 ? 1  DC C "C5'" 1 
ATOM 431 C "C4'" . DC C 3 1  ? 11.610  7.176   -1.020  1.00 115.50 ? 1  DC C "C4'" 1 
ATOM 432 O "O4'" . DC C 3 1  ? 12.434  6.133   -1.595  1.00 122.94 ? 1  DC C "O4'" 1 
ATOM 433 C "C3'" . DC C 3 1  ? 10.210  6.848   -1.476  1.00 115.97 ? 1  DC C "C3'" 1 
ATOM 434 O "O3'" . DC C 3 1  ? 10.015  7.324   -2.787  1.00 109.75 ? 1  DC C "O3'" 1 
ATOM 435 C "C2'" . DC C 3 1  ? 10.218  5.327   -1.433  1.00 124.03 ? 1  DC C "C2'" 1 
ATOM 436 C "C1'" . DC C 3 1  ? 11.627  5.015   -1.933  1.00 116.96 ? 1  DC C "C1'" 1 
ATOM 437 N N1    . DC C 3 1  ? 12.236  3.826   -1.298  1.00 111.74 ? 1  DC C N1    1 
ATOM 438 C C2    . DC C 3 1  ? 13.080  3.000   -2.046  1.00 114.51 ? 1  DC C C2    1 
ATOM 439 O O2    . DC C 3 1  ? 13.281  3.262   -3.236  1.00 115.60 ? 1  DC C O2    1 
ATOM 440 N N3    . DC C 3 1  ? 13.648  1.930   -1.444  1.00 112.88 ? 1  DC C N3    1 
ATOM 441 C C4    . DC C 3 1  ? 13.404  1.682   -0.158  1.00 115.96 ? 1  DC C C4    1 
ATOM 442 N N4    . DC C 3 1  ? 13.983  0.613   0.392   1.00 120.92 ? 1  DC C N4    1 
ATOM 443 C C5    . DC C 3 1  ? 12.554  2.519   0.622   1.00 116.04 ? 1  DC C C5    1 
ATOM 444 C C6    . DC C 3 1  ? 12.003  3.572   0.019   1.00 113.68 ? 1  DC C C6    1 
ATOM 445 P P     . DA C 3 2  ? 8.601   7.960   -3.186  1.00 111.02 ? 2  DA C P     1 
ATOM 446 O OP1   . DA C 3 2  ? 8.840   9.172   -4.001  1.00 104.74 ? 2  DA C OP1   1 
ATOM 447 O OP2   . DA C 3 2  ? 7.815   8.072   -1.937  1.00 127.05 ? 2  DA C OP2   1 
ATOM 448 O "O5'" . DA C 3 2  ? 7.939   6.836   -4.101  1.00 104.01 ? 2  DA C "O5'" 1 
ATOM 449 C "C5'" . DA C 3 2  ? 8.434   6.623   -5.409  1.00 111.32 ? 2  DA C "C5'" 1 
ATOM 450 C "C4'" . DA C 3 2  ? 8.347   5.162   -5.783  1.00 105.86 ? 2  DA C "C4'" 1 
ATOM 451 O "O4'" . DA C 3 2  ? 9.244   4.404   -4.953  1.00 111.72 ? 2  DA C "O4'" 1 
ATOM 452 C "C3'" . DA C 3 2  ? 7.005   4.520   -5.517  1.00 108.62 ? 2  DA C "C3'" 1 
ATOM 453 O "O3'" . DA C 3 2  ? 6.063   4.780   -6.586  1.00 110.06 ? 2  DA C "O3'" 1 
ATOM 454 C "C2'" . DA C 3 2  ? 7.364   3.039   -5.404  1.00 110.13 ? 2  DA C "C2'" 1 
ATOM 455 C "C1'" . DA C 3 2  ? 8.836   3.054   -4.981  1.00 111.72 ? 2  DA C "C1'" 1 
ATOM 456 N N9    . DA C 3 2  ? 9.046   2.453   -3.670  1.00 107.18 ? 2  DA C N9    1 
ATOM 457 C C8    . DA C 3 2  ? 8.404   2.770   -2.508  1.00 112.17 ? 2  DA C C8    1 
ATOM 458 N N7    . DA C 3 2  ? 8.783   2.048   -1.480  1.00 114.40 ? 2  DA C N7    1 
ATOM 459 C C5    . DA C 3 2  ? 9.731   1.189   -2.008  1.00 111.11 ? 2  DA C C5    1 
ATOM 460 C C6    . DA C 3 2  ? 10.512  0.169   -1.430  1.00 114.36 ? 2  DA C C6    1 
ATOM 461 N N6    . DA C 3 2  ? 10.449  -0.159  -0.133  1.00 118.17 ? 2  DA C N6    1 
ATOM 462 N N1    . DA C 3 2  ? 11.359  -0.503  -2.236  1.00 111.54 ? 2  DA C N1    1 
ATOM 463 C C2    . DA C 3 2  ? 11.417  -0.169  -3.530  1.00 112.68 ? 2  DA C C2    1 
ATOM 464 N N3    . DA C 3 2  ? 10.733  0.767   -4.186  1.00 110.55 ? 2  DA C N3    1 
ATOM 465 C C4    . DA C 3 2  ? 9.899   1.416   -3.359  1.00 106.91 ? 2  DA C C4    1 
ATOM 466 P P     . DT C 3 3  ? 6.412   4.494   -8.132  1.00 117.10 ? 3  DT C P     1 
ATOM 467 O OP1   . DT C 3 3  ? 6.861   3.100   -8.332  1.00 112.05 ? 3  DT C OP1   1 
ATOM 468 O OP2   . DT C 3 3  ? 7.250   5.616   -8.600  1.00 120.27 ? 3  DT C OP2   1 
ATOM 469 O "O5'" . DT C 3 3  ? 4.994   4.619   -8.866  1.00 122.25 ? 3  DT C "O5'" 1 
ATOM 470 C "C5'" . DT C 3 3  ? 3.925   3.728   -8.522  1.00 116.16 ? 3  DT C "C5'" 1 
ATOM 471 C "C4'" . DT C 3 3  ? 2.587   4.430   -8.629  1.00 109.59 ? 3  DT C "C4'" 1 
ATOM 472 O "O4'" . DT C 3 3  ? 2.413   5.271   -7.479  1.00 103.45 ? 3  DT C "O4'" 1 
ATOM 473 C "C3'" . DT C 3 3  ? 2.468   5.371   -9.808  1.00 110.98 ? 3  DT C "C3'" 1 
ATOM 474 O "O3'" . DT C 3 3  ? 2.006   4.669   -10.936 1.00 114.68 ? 3  DT C "O3'" 1 
ATOM 475 C "C2'" . DT C 3 3  ? 1.435   6.386   -9.333  1.00 104.54 ? 3  DT C "C2'" 1 
ATOM 476 C "C1'" . DT C 3 3  ? 1.562   6.344   -7.808  1.00 98.65  ? 3  DT C "C1'" 1 
ATOM 477 N N1    . DT C 3 3  ? 2.112   7.603   -7.199  1.00 99.97  ? 3  DT C N1    1 
ATOM 478 C C2    . DT C 3 3  ? 1.401   8.784   -7.321  1.00 105.05 ? 3  DT C C2    1 
ATOM 479 O O2    . DT C 3 3  ? 0.339   8.875   -7.912  1.00 108.80 ? 3  DT C O2    1 
ATOM 480 N N3    . DT C 3 3  ? 1.980   9.864   -6.718  1.00 99.13  ? 3  DT C N3    1 
ATOM 481 C C4    . DT C 3 3  ? 3.167   9.892   -6.018  1.00 102.80 ? 3  DT C C4    1 
ATOM 482 O O4    . DT C 3 3  ? 3.602   10.921  -5.516  1.00 113.23 ? 3  DT C O4    1 
ATOM 483 C C5    . DT C 3 3  ? 3.862   8.628   -5.921  1.00 102.14 ? 3  DT C C5    1 
ATOM 484 C C7    . DT C 3 3  ? 5.166   8.540   -5.181  1.00 105.91 ? 3  DT C C7    1 
ATOM 485 C C6    . DT C 3 3  ? 3.306   7.555   -6.507  1.00 97.09  ? 3  DT C C6    1 
ATOM 486 P P     . DG C 3 4  ? 2.546   5.074   -12.391 1.00 132.51 ? 4  DG C P     1 
ATOM 487 O OP1   . DG C 3 4  ? 1.965   4.129   -13.372 1.00 130.03 ? 4  DG C OP1   1 
ATOM 488 O OP2   . DG C 3 4  ? 4.011   5.226   -12.290 1.00 127.86 ? 4  DG C OP2   1 
ATOM 489 O "O5'" . DG C 3 4  ? 1.927   6.524   -12.641 1.00 118.63 ? 4  DG C "O5'" 1 
ATOM 490 C "C5'" . DG C 3 4  ? 0.639   6.644   -13.224 1.00 121.82 ? 4  DG C "C5'" 1 
ATOM 491 C "C4'" . DG C 3 4  ? 0.005   7.962   -12.840 1.00 123.60 ? 4  DG C "C4'" 1 
ATOM 492 O "O4'" . DG C 3 4  ? 0.484   8.340   -11.539 1.00 117.21 ? 4  DG C "O4'" 1 
ATOM 493 C "C3'" . DG C 3 4  ? 0.373   9.140   -13.724 1.00 126.63 ? 4  DG C "C3'" 1 
ATOM 494 O "O3'" . DG C 3 4  ? -0.488  9.192   -14.876 1.00 130.58 ? 4  DG C "O3'" 1 
ATOM 495 C "C2'" . DG C 3 4  ? 0.142   10.331  -12.793 1.00 120.65 ? 4  DG C "C2'" 1 
ATOM 496 C "C1'" . DG C 3 4  ? 0.381   9.738   -11.399 1.00 116.79 ? 4  DG C "C1'" 1 
ATOM 497 N N9    . DG C 3 4  ? 1.581   10.241  -10.750 1.00 113.82 ? 4  DG C N9    1 
ATOM 498 C C8    . DG C 3 4  ? 2.708   9.531   -10.412 1.00 115.87 ? 4  DG C C8    1 
ATOM 499 N N7    . DG C 3 4  ? 3.623   10.260  -9.828  1.00 114.24 ? 4  DG C N7    1 
ATOM 500 C C5    . DG C 3 4  ? 3.060   11.532  -9.779  1.00 111.49 ? 4  DG C C5    1 
ATOM 501 C C6    . DG C 3 4  ? 3.584   12.740  -9.258  1.00 116.92 ? 4  DG C C6    1 
ATOM 502 O O6    . DG C 3 4  ? 4.678   12.932  -8.720  1.00 122.89 ? 4  DG C O6    1 
ATOM 503 N N1    . DG C 3 4  ? 2.689   13.799  -9.411  1.00 116.12 ? 4  DG C N1    1 
ATOM 504 C C2    . DG C 3 4  ? 1.452   13.694  -9.995  1.00 115.09 ? 4  DG C C2    1 
ATOM 505 N N2    . DG C 3 4  ? 0.718   14.816  -10.057 1.00 118.95 ? 4  DG C N2    1 
ATOM 506 N N3    . DG C 3 4  ? 0.954   12.568  -10.482 1.00 112.48 ? 4  DG C N3    1 
ATOM 507 C C4    . DG C 3 4  ? 1.815   11.533  -10.340 1.00 110.23 ? 4  DG C C4    1 
ATOM 508 P P     . DT C 3 5  ? -0.017  9.953   -16.213 1.00 147.24 ? 5  DT C P     1 
ATOM 509 O OP1   . DT C 3 5  ? -0.975  9.605   -17.288 1.00 143.12 ? 5  DT C OP1   1 
ATOM 510 O OP2   . DT C 3 5  ? 1.418   9.644   -16.410 1.00 147.79 ? 5  DT C OP2   1 
ATOM 511 O "O5'" . DT C 3 5  ? -0.185  11.504  -15.844 1.00 129.12 ? 5  DT C "O5'" 1 
ATOM 512 C "C5'" . DT C 3 5  ? -1.435  11.983  -15.391 1.00 121.17 ? 5  DT C "C5'" 1 
ATOM 513 C "C4'" . DT C 3 5  ? -1.305  13.367  -14.768 1.00 131.06 ? 5  DT C "C4'" 1 
ATOM 514 O "O4'" . DT C 3 5  ? -0.259  13.397  -13.750 1.00 129.49 ? 5  DT C "O4'" 1 
ATOM 515 C "C3'" . DT C 3 5  ? -0.942  14.479  -15.741 1.00 123.73 ? 5  DT C "C3'" 1 
ATOM 516 O "O3'" . DT C 3 5  ? -1.641  15.658  -15.381 1.00 125.43 ? 5  DT C "O3'" 1 
ATOM 517 C "C2'" . DT C 3 5  ? 0.552   14.644  -15.501 1.00 117.56 ? 5  DT C "C2'" 1 
ATOM 518 C "C1'" . DT C 3 5  ? 0.573   14.510  -13.997 1.00 119.91 ? 5  DT C "C1'" 1 
ATOM 519 N N1    . DT C 3 5  ? 1.915   14.224  -13.430 1.00 120.18 ? 5  DT C N1    1 
ATOM 520 C C2    . DT C 3 5  ? 2.614   15.227  -12.801 1.00 119.11 ? 5  DT C C2    1 
ATOM 521 O O2    . DT C 3 5  ? 2.199   16.363  -12.696 1.00 116.06 ? 5  DT C O2    1 
ATOM 522 N N3    . DT C 3 5  ? 3.834   14.851  -12.301 1.00 117.73 ? 5  DT C N3    1 
ATOM 523 C C4    . DT C 3 5  ? 4.412   13.595  -12.360 1.00 117.57 ? 5  DT C C4    1 
ATOM 524 O O4    . DT C 3 5  ? 5.518   13.356  -11.877 1.00 112.78 ? 5  DT C O4    1 
ATOM 525 C C5    . DT C 3 5  ? 3.624   12.587  -13.023 1.00 117.73 ? 5  DT C C5    1 
ATOM 526 C C7    . DT C 3 5  ? 4.146   11.186  -13.147 1.00 116.32 ? 5  DT C C7    1 
ATOM 527 C C6    . DT C 3 5  ? 2.425   12.946  -13.518 1.00 118.84 ? 5  DT C C6    1 
ATOM 528 O "O5'" . DT D 4 1  ? -21.292 -2.055  13.219  1.00 160.60 ? 1  DT D "O5'" 1 
ATOM 529 C "C5'" . DT D 4 1  ? -20.370 -1.439  12.320  1.00 152.54 ? 1  DT D "C5'" 1 
ATOM 530 C "C4'" . DT D 4 1  ? -20.719 0.023   12.111  1.00 151.01 ? 1  DT D "C4'" 1 
ATOM 531 O "O4'" . DT D 4 1  ? -20.174 0.815   13.201  1.00 148.37 ? 1  DT D "O4'" 1 
ATOM 532 C "C3'" . DT D 4 1  ? -20.177 0.639   10.823  1.00 150.67 ? 1  DT D "C3'" 1 
ATOM 533 O "O3'" . DT D 4 1  ? -21.151 1.518   10.265  1.00 151.65 ? 1  DT D "O3'" 1 
ATOM 534 C "C2'" . DT D 4 1  ? -18.933 1.389   11.296  1.00 147.80 ? 1  DT D "C2'" 1 
ATOM 535 C "C1'" . DT D 4 1  ? -19.355 1.842   12.687  1.00 142.59 ? 1  DT D "C1'" 1 
ATOM 536 N N1    . DT D 4 1  ? -18.210 2.045   13.622  1.00 137.84 ? 1  DT D N1    1 
ATOM 537 C C2    . DT D 4 1  ? -18.052 3.266   14.241  1.00 143.32 ? 1  DT D C2    1 
ATOM 538 O O2    . DT D 4 1  ? -18.808 4.205   14.067  1.00 146.56 ? 1  DT D O2    1 
ATOM 539 N N3    . DT D 4 1  ? -16.970 3.349   15.080  1.00 140.97 ? 1  DT D N3    1 
ATOM 540 C C4    . DT D 4 1  ? -16.048 2.356   15.358  1.00 138.79 ? 1  DT D C4    1 
ATOM 541 O O4    . DT D 4 1  ? -15.107 2.530   16.130  1.00 130.77 ? 1  DT D O4    1 
ATOM 542 C C5    . DT D 4 1  ? -16.272 1.101   14.676  1.00 135.86 ? 1  DT D C5    1 
ATOM 543 C C7    . DT D 4 1  ? -15.338 -0.051  14.896  1.00 137.77 ? 1  DT D C7    1 
ATOM 544 C C6    . DT D 4 1  ? -17.329 1.007   13.849  1.00 132.44 ? 1  DT D C6    1 
ATOM 545 P P     . DC D 4 2  ? -21.039 2.000   8.736   1.00 171.37 ? 2  DC D P     1 
ATOM 546 O OP1   . DC D 4 2  ? -22.404 1.993   8.163   1.00 169.26 ? 2  DC D OP1   1 
ATOM 547 O OP2   . DC D 4 2  ? -19.957 1.232   8.076   1.00 172.15 ? 2  DC D OP2   1 
ATOM 548 O "O5'" . DC D 4 2  ? -20.612 3.528   8.868   1.00 144.80 ? 2  DC D "O5'" 1 
ATOM 549 C "C5'" . DC D 4 2  ? -21.437 4.412   9.592   1.00 137.75 ? 2  DC D "C5'" 1 
ATOM 550 C "C4'" . DC D 4 2  ? -20.647 5.610   10.068  1.00 144.75 ? 2  DC D "C4'" 1 
ATOM 551 O "O4'" . DC D 4 2  ? -19.593 5.184   10.953  1.00 145.49 ? 2  DC D "O4'" 1 
ATOM 552 C "C3'" . DC D 4 2  ? -19.962 6.409   8.959   1.00 141.05 ? 2  DC D "C3'" 1 
ATOM 553 O "O3'" . DC D 4 2  ? -20.552 7.692   8.865   1.00 141.02 ? 2  DC D "O3'" 1 
ATOM 554 C "C2'" . DC D 4 2  ? -18.485 6.487   9.393   1.00 141.04 ? 2  DC D "C2'" 1 
ATOM 555 C "C1'" . DC D 4 2  ? -18.556 6.119   10.865  1.00 139.35 ? 2  DC D "C1'" 1 
ATOM 556 N N1    . DC D 4 2  ? -17.316 5.493   11.404  1.00 138.95 ? 2  DC D N1    1 
ATOM 557 C C2    . DC D 4 2  ? -16.503 6.215   12.284  1.00 136.32 ? 2  DC D C2    1 
ATOM 558 O O2    . DC D 4 2  ? -16.816 7.370   12.586  1.00 131.61 ? 2  DC D O2    1 
ATOM 559 N N3    . DC D 4 2  ? -15.386 5.627   12.776  1.00 137.46 ? 2  DC D N3    1 
ATOM 560 C C4    . DC D 4 2  ? -15.078 4.378   12.425  1.00 140.27 ? 2  DC D C4    1 
ATOM 561 N N4    . DC D 4 2  ? -13.964 3.842   12.937  1.00 137.47 ? 2  DC D N4    1 
ATOM 562 C C5    . DC D 4 2  ? -15.898 3.623   11.534  1.00 139.79 ? 2  DC D C5    1 
ATOM 563 C C6    . DC D 4 2  ? -16.998 4.214   11.056  1.00 138.50 ? 2  DC D C6    1 
ATOM 564 P P     . DT D 4 3  ? -20.208 8.647   7.623   1.00 153.64 ? 3  DT D P     1 
ATOM 565 O OP1   . DT D 4 3  ? -21.338 9.584   7.437   1.00 149.45 ? 3  DT D OP1   1 
ATOM 566 O OP2   . DT D 4 3  ? -19.777 7.782   6.502   1.00 156.19 ? 3  DT D OP2   1 
ATOM 567 O "O5'" . DT D 4 3  ? -18.962 9.494   8.141   1.00 138.73 ? 3  DT D "O5'" 1 
ATOM 568 C "C5'" . DT D 4 3  ? -19.048 10.164  9.383   1.00 137.40 ? 3  DT D "C5'" 1 
ATOM 569 C "C4'" . DT D 4 3  ? -17.715 10.781  9.755   1.00 146.14 ? 3  DT D "C4'" 1 
ATOM 570 O "O4'" . DT D 4 3  ? -16.834 9.770   10.311  1.00 156.78 ? 3  DT D "O4'" 1 
ATOM 571 C "C3'" . DT D 4 3  ? -16.951 11.416  8.593   1.00 149.09 ? 3  DT D "C3'" 1 
ATOM 572 O "O3'" . DT D 4 3  ? -16.578 12.730  8.941   1.00 157.13 ? 3  DT D "O3'" 1 
ATOM 573 C "C2'" . DT D 4 3  ? -15.726 10.510  8.422   1.00 147.17 ? 3  DT D "C2'" 1 
ATOM 574 C "C1'" . DT D 4 3  ? -15.531 10.003  9.836   1.00 145.70 ? 3  DT D "C1'" 1 
ATOM 575 N N1    . DT D 4 3  ? -14.765 8.727   9.920   1.00 142.19 ? 3  DT D N1    1 
ATOM 576 C C2    . DT D 4 3  ? -13.687 8.640   10.769  1.00 143.95 ? 3  DT D C2    1 
ATOM 577 O O2    . DT D 4 3  ? -13.305 9.568   11.461  1.00 141.25 ? 3  DT D O2    1 
ATOM 578 N N3    . DT D 4 3  ? -13.063 7.419   10.778  1.00 142.81 ? 3  DT D N3    1 
ATOM 579 C C4    . DT D 4 3  ? -13.404 6.300   10.040  1.00 142.72 ? 3  DT D C4    1 
ATOM 580 O O4    . DT D 4 3  ? -12.780 5.245   10.117  1.00 138.30 ? 3  DT D O4    1 
ATOM 581 C C5    . DT D 4 3  ? -14.546 6.461   9.171   1.00 142.98 ? 3  DT D C5    1 
ATOM 582 C C7    . DT D 4 3  ? -15.014 5.319   8.319   1.00 134.39 ? 3  DT D C7    1 
ATOM 583 C C6    . DT D 4 3  ? -15.162 7.653   9.155   1.00 140.06 ? 3  DT D C6    1 
ATOM 584 P P     . DG D 4 4  ? -16.721 13.912  7.866   1.00 169.03 ? 4  DG D P     1 
ATOM 585 O OP1   . DG D 4 4  ? -17.794 14.821  8.331   1.00 167.86 ? 4  DG D OP1   1 
ATOM 586 O OP2   . DG D 4 4  ? -16.835 13.267  6.538   1.00 162.16 ? 4  DG D OP2   1 
ATOM 587 O "O5'" . DG D 4 4  ? -15.317 14.673  7.960   1.00 143.61 ? 4  DG D "O5'" 1 
ATOM 588 C "C5'" . DG D 4 4  ? -15.026 15.474  9.093   1.00 139.53 ? 4  DG D "C5'" 1 
ATOM 589 C "C4'" . DG D 4 4  ? -13.551 15.410  9.435   1.00 146.20 ? 4  DG D "C4'" 1 
ATOM 590 O "O4'" . DG D 4 4  ? -13.139 14.027  9.566   1.00 150.99 ? 4  DG D "O4'" 1 
ATOM 591 C "C3'" . DG D 4 4  ? -12.606 16.043  8.408   1.00 144.42 ? 4  DG D "C3'" 1 
ATOM 592 O "O3'" . DG D 4 4  ? -11.682 16.893  9.091   1.00 148.26 ? 4  DG D "O3'" 1 
ATOM 593 C "C2'" . DG D 4 4  ? -11.918 14.832  7.761   1.00 141.60 ? 4  DG D "C2'" 1 
ATOM 594 C "C1'" . DG D 4 4  ? -11.904 13.849  8.915   1.00 145.09 ? 4  DG D "C1'" 1 
ATOM 595 N N9    . DG D 4 4  ? -11.797 12.446  8.515   1.00 144.18 ? 4  DG D N9    1 
ATOM 596 C C8    . DG D 4 4  ? -12.564 11.783  7.584   1.00 141.51 ? 4  DG D C8    1 
ATOM 597 N N7    . DG D 4 4  ? -12.253 10.521  7.454   1.00 139.74 ? 4  DG D N7    1 
ATOM 598 C C5    . DG D 4 4  ? -11.217 10.334  8.359   1.00 139.62 ? 4  DG D C5    1 
ATOM 599 C C6    . DG D 4 4  ? -10.475 9.168   8.664   1.00 136.21 ? 4  DG D C6    1 
ATOM 600 O O6    . DG D 4 4  ? -10.591 8.034   8.177   1.00 135.86 ? 4  DG D O6    1 
ATOM 601 N N1    . DG D 4 4  ? -9.515  9.413   9.644   1.00 136.26 ? 4  DG D N1    1 
ATOM 602 C C2    . DG D 4 4  ? -9.298  10.630  10.254  1.00 139.81 ? 4  DG D C2    1 
ATOM 603 N N2    . DG D 4 4  ? -8.321  10.667  11.177  1.00 133.38 ? 4  DG D N2    1 
ATOM 604 N N3    . DG D 4 4  ? -9.986  11.731  9.978   1.00 139.90 ? 4  DG D N3    1 
ATOM 605 C C4    . DG D 4 4  ? -10.926 11.508  9.024   1.00 141.01 ? 4  DG D C4    1 
ATOM 606 P P     . DA D 4 5  ? -10.347 17.430  8.374   1.00 165.69 ? 5  DA D P     1 
ATOM 607 O OP1   . DA D 4 5  ? -9.944  18.674  9.073   1.00 148.43 ? 5  DA D OP1   1 
ATOM 608 O OP2   . DA D 4 5  ? -10.565 17.451  6.910   1.00 164.20 ? 5  DA D OP2   1 
ATOM 609 O "O5'" . DA D 4 5  ? -9.270  16.291  8.692   1.00 155.24 ? 5  DA D "O5'" 1 
ATOM 610 C "C5'" . DA D 4 5  ? -8.902  16.015  10.043  1.00 153.34 ? 5  DA D "C5'" 1 
ATOM 611 C "C4'" . DA D 4 5  ? -7.447  15.576  10.138  1.00 154.64 ? 5  DA D "C4'" 1 
ATOM 612 O "O4'" . DA D 4 5  ? -7.327  14.197  9.716   1.00 147.00 ? 5  DA D "O4'" 1 
ATOM 613 C "C3'" . DA D 4 5  ? -6.473  16.356  9.268   1.00 149.71 ? 5  DA D "C3'" 1 
ATOM 614 O "O3'" . DA D 4 5  ? -5.188  16.364  9.866   1.00 146.16 ? 5  DA D "O3'" 1 
ATOM 615 C "C2'" . DA D 4 5  ? -6.473  15.557  7.970   1.00 145.96 ? 5  DA D "C2'" 1 
ATOM 616 C "C1'" . DA D 4 5  ? -6.655  14.127  8.471   1.00 142.76 ? 5  DA D "C1'" 1 
ATOM 617 N N9    . DA D 4 5  ? -7.453  13.301  7.576   1.00 139.27 ? 5  DA D N9    1 
ATOM 618 C C8    . DA D 4 5  ? -8.474  13.712  6.759   1.00 141.10 ? 5  DA D C8    1 
ATOM 619 N N7    . DA D 4 5  ? -9.019  12.738  6.065   1.00 139.32 ? 5  DA D N7    1 
ATOM 620 C C5    . DA D 4 5  ? -8.310  11.614  6.460   1.00 136.65 ? 5  DA D C5    1 
ATOM 621 C C6    . DA D 4 5  ? -8.399  10.255  6.093   1.00 132.52 ? 5  DA D C6    1 
ATOM 622 N N6    . DA D 4 5  ? -9.282  9.787   5.205   1.00 134.36 ? 5  DA D N6    1 
ATOM 623 N N1    . DA D 4 5  ? -7.539  9.393   6.678   1.00 129.59 ? 5  DA D N1    1 
ATOM 624 C C2    . DA D 4 5  ? -6.654  9.863   7.566   1.00 134.58 ? 5  DA D C2    1 
ATOM 625 N N3    . DA D 4 5  ? -6.475  11.114  7.989   1.00 136.76 ? 5  DA D N3    1 
ATOM 626 C C4    . DA D 4 5  ? -7.344  11.947  7.391   1.00 138.34 ? 5  DA D C4    1 
ATOM 627 P P     . DG D 4 6  ? -4.134  17.516  9.493   1.00 166.40 ? 6  DG D P     1 
ATOM 628 O OP1   . DG D 4 6  ? -3.796  18.262  10.729  1.00 166.75 ? 6  DG D OP1   1 
ATOM 629 O OP2   . DG D 4 6  ? -4.669  18.234  8.314   1.00 161.66 ? 6  DG D OP2   1 
ATOM 630 O "O5'" . DG D 4 6  ? -2.845  16.704  9.021   1.00 161.82 ? 6  DG D "O5'" 1 
ATOM 631 C "C5'" . DG D 4 6  ? -2.977  15.705  8.032   1.00 156.21 ? 6  DG D "C5'" 1 
ATOM 632 C "C4'" . DG D 4 6  ? -2.331  14.415  8.477   1.00 153.08 ? 6  DG D "C4'" 1 
ATOM 633 O "O4'" . DG D 4 6  ? -3.223  13.310  8.173   1.00 144.22 ? 6  DG D "O4'" 1 
ATOM 634 C "C3'" . DG D 4 6  ? -1.033  14.097  7.757   1.00 144.99 ? 6  DG D "C3'" 1 
ATOM 635 O "O3'" . DG D 4 6  ? -0.209  13.271  8.560   1.00 152.17 ? 6  DG D "O3'" 1 
ATOM 636 C "C2'" . DG D 4 6  ? -1.530  13.358  6.524   1.00 133.99 ? 6  DG D "C2'" 1 
ATOM 637 C "C1'" . DG D 4 6  ? -2.698  12.556  7.094   1.00 135.58 ? 6  DG D "C1'" 1 
ATOM 638 N N9    . DG D 4 6  ? -3.758  12.321  6.116   1.00 128.19 ? 6  DG D N9    1 
ATOM 639 C C8    . DG D 4 6  ? -4.576  13.262  5.540   1.00 130.09 ? 6  DG D C8    1 
ATOM 640 N N7    . DG D 4 6  ? -5.423  12.761  4.684   1.00 126.15 ? 6  DG D N7    1 
ATOM 641 C C5    . DG D 4 6  ? -5.147  11.402  4.684   1.00 123.05 ? 6  DG D C5    1 
ATOM 642 C C6    . DG D 4 6  ? -5.748  10.348  3.950   1.00 119.62 ? 6  DG D C6    1 
ATOM 643 O O6    . DG D 4 6  ? -6.671  10.414  3.128   1.00 116.59 ? 6  DG D O6    1 
ATOM 644 N N1    . DG D 4 6  ? -5.169  9.119   4.245   1.00 120.59 ? 6  DG D N1    1 
ATOM 645 C C2    . DG D 4 6  ? -4.139  8.930   5.139   1.00 129.60 ? 6  DG D C2    1 
ATOM 646 N N2    . DG D 4 6  ? -3.710  7.668   5.291   1.00 133.24 ? 6  DG D N2    1 
ATOM 647 N N3    . DG D 4 6  ? -3.566  9.908   5.836   1.00 126.47 ? 6  DG D N3    1 
ATOM 648 C C4    . DG D 4 6  ? -4.119  11.113  5.557   1.00 125.27 ? 6  DG D C4    1 
ATOM 649 P P     . DT D 4 7  ? 1.248   12.848  8.031   1.00 164.58 ? 7  DT D P     1 
ATOM 650 O OP1   . DT D 4 7  ? 2.060   12.415  9.191   1.00 165.45 ? 7  DT D OP1   1 
ATOM 651 O OP2   . DT D 4 7  ? 1.733   13.943  7.162   1.00 159.55 ? 7  DT D OP2   1 
ATOM 652 O "O5'" . DT D 4 7  ? 0.967   11.581  7.098   1.00 144.01 ? 7  DT D "O5'" 1 
ATOM 653 C "C5'" . DT D 4 7  ? 0.534   10.355  7.670   1.00 138.49 ? 7  DT D "C5'" 1 
ATOM 654 C "C4'" . DT D 4 7  ? 0.870   9.203   6.749   1.00 140.43 ? 7  DT D "C4'" 1 
ATOM 655 O "O4'" . DT D 4 7  ? -0.224  8.990   5.817   1.00 130.14 ? 7  DT D "O4'" 1 
ATOM 656 C "C3'" . DT D 4 7  ? 2.120   9.422   5.896   1.00 137.86 ? 7  DT D "C3'" 1 
ATOM 657 O "O3'" . DT D 4 7  ? 2.873   8.220   5.825   1.00 140.08 ? 7  DT D "O3'" 1 
ATOM 658 C "C2'" . DT D 4 7  ? 1.549   9.825   4.537   1.00 125.43 ? 7  DT D "C2'" 1 
ATOM 659 C "C1'" . DT D 4 7  ? 0.265   9.021   4.492   1.00 126.54 ? 7  DT D "C1'" 1 
ATOM 660 N N1    . DT D 4 7  ? -0.769  9.626   3.615   1.00 121.37 ? 7  DT D N1    1 
ATOM 661 C C2    . DT D 4 7  ? -1.532  8.810   2.813   1.00 117.14 ? 7  DT D C2    1 
ATOM 662 O O2    . DT D 4 7  ? -1.416  7.595   2.790   1.00 114.12 ? 7  DT D O2    1 
ATOM 663 N N3    . DT D 4 7  ? -2.451  9.467   2.040   1.00 113.30 ? 7  DT D N3    1 
ATOM 664 C C4    . DT D 4 7  ? -2.673  10.828  1.984   1.00 115.36 ? 7  DT D C4    1 
ATOM 665 O O4    . DT D 4 7  ? -3.526  11.325  1.253   1.00 117.50 ? 7  DT D O4    1 
ATOM 666 C C5    . DT D 4 7  ? -1.834  11.626  2.842   1.00 117.46 ? 7  DT D C5    1 
ATOM 667 C C7    . DT D 4 7  ? -1.985  13.114  2.864   1.00 122.93 ? 7  DT D C7    1 
ATOM 668 C C6    . DT D 4 7  ? -0.930  10.995  3.605   1.00 117.23 ? 7  DT D C6    1 
ATOM 669 P P     . DG D 4 8  ? 4.131   8.091   4.834   1.00 140.81 ? 8  DG D P     1 
ATOM 670 O OP1   . DG D 4 8  ? 5.160   7.313   5.556   1.00 132.25 ? 8  DG D OP1   1 
ATOM 671 O OP2   . DG D 4 8  ? 4.494   9.425   4.302   1.00 141.34 ? 8  DG D OP2   1 
ATOM 672 O "O5'" . DG D 4 8  ? 3.573   7.176   3.652   1.00 119.11 ? 8  DG D "O5'" 1 
ATOM 673 C "C5'" . DG D 4 8  ? 3.006   5.916   3.967   1.00 118.76 ? 8  DG D "C5'" 1 
ATOM 674 C "C4'" . DG D 4 8  ? 2.657   5.131   2.714   1.00 119.04 ? 8  DG D "C4'" 1 
ATOM 675 O "O4'" . DG D 4 8  ? 1.557   5.770   2.015   1.00 121.17 ? 8  DG D "O4'" 1 
ATOM 676 C "C3'" . DG D 4 8  ? 3.773   4.989   1.689   1.00 104.97 ? 8  DG D "C3'" 1 
ATOM 677 O "O3'" . DG D 4 8  ? 3.658   3.729   1.055   1.00 101.32 ? 8  DG D "O3'" 1 
ATOM 678 C "C2'" . DG D 4 8  ? 3.477   6.129   0.721   1.00 112.24 ? 8  DG D "C2'" 1 
ATOM 679 C "C1'" . DG D 4 8  ? 1.957   6.115   0.706   1.00 111.72 ? 8  DG D "C1'" 1 
ATOM 680 N N9    . DG D 4 8  ? 1.356   7.402   0.387   1.00 109.33 ? 8  DG D N9    1 
ATOM 681 C C8    . DG D 4 8  ? 1.760   8.640   0.831   1.00 113.24 ? 8  DG D C8    1 
ATOM 682 N N7    . DG D 4 8  ? 1.015   9.617   0.394   1.00 111.54 ? 8  DG D N7    1 
ATOM 683 C C5    . DG D 4 8  ? 0.049   8.983   -0.378  1.00 107.36 ? 8  DG D C5    1 
ATOM 684 C C6    . DG D 4 8  ? -1.033  9.528   -1.106  1.00 113.78 ? 8  DG D C6    1 
ATOM 685 O O6    . DG D 4 8  ? -1.362  10.719  -1.216  1.00 114.18 ? 8  DG D O6    1 
ATOM 686 N N1    . DG D 4 8  ? -1.770  8.533   -1.751  1.00 115.45 ? 8  DG D N1    1 
ATOM 687 C C2    . DG D 4 8  ? -1.494  7.188   -1.700  1.00 112.63 ? 8  DG D C2    1 
ATOM 688 N N2    . DG D 4 8  ? -2.322  6.383   -2.386  1.00 112.33 ? 8  DG D N2    1 
ATOM 689 N N3    . DG D 4 8  ? -0.482  6.665   -1.021  1.00 108.96 ? 8  DG D N3    1 
ATOM 690 C C4    . DG D 4 8  ? 0.242   7.621   -0.387  1.00 105.65 ? 8  DG D C4    1 
ATOM 691 P P     . DA D 4 9  ? 4.808   3.201   0.069   1.00 114.70 ? 9  DA D P     1 
ATOM 692 O OP1   . DA D 4 9  ? 5.114   1.792   0.413   1.00 116.75 ? 9  DA D OP1   1 
ATOM 693 O OP2   . DA D 4 9  ? 5.900   4.199   0.054   1.00 121.90 ? 9  DA D OP2   1 
ATOM 694 O "O5'" . DA D 4 9  ? 4.098   3.212   -1.361  1.00 116.79 ? 9  DA D "O5'" 1 
ATOM 695 C "C5'" . DA D 4 9  ? 3.086   2.254   -1.657  1.00 110.96 ? 9  DA D "C5'" 1 
ATOM 696 C "C4'" . DA D 4 9  ? 2.410   2.591   -2.965  1.00 111.44 ? 9  DA D "C4'" 1 
ATOM 697 O "O4'" . DA D 4 9  ? 1.804   3.906   -2.862  1.00 110.72 ? 9  DA D "O4'" 1 
ATOM 698 C "C3'" . DA D 4 9  ? 3.357   2.638   -4.165  1.00 103.40 ? 9  DA D "C3'" 1 
ATOM 699 O "O3'" . DA D 4 9  ? 2.835   1.867   -5.241  1.00 107.07 ? 9  DA D "O3'" 1 
ATOM 700 C "C2'" . DA D 4 9  ? 3.428   4.126   -4.513  1.00 109.04 ? 9  DA D "C2'" 1 
ATOM 701 C "C1'" . DA D 4 9  ? 2.083   4.637   -4.023  1.00 100.46 ? 9  DA D "C1'" 1 
ATOM 702 N N9    . DA D 4 9  ? 2.089   6.059   -3.698  1.00 100.17 ? 9  DA D N9    1 
ATOM 703 C C8    . DA D 4 9  ? 3.030   6.742   -2.973  1.00 101.33 ? 9  DA D C8    1 
ATOM 704 N N7    . DA D 4 9  ? 2.781   8.025   -2.854  1.00 98.72  ? 9  DA D N7    1 
ATOM 705 C C5    . DA D 4 9  ? 1.591   8.194   -3.552  1.00 98.83  ? 9  DA D C5    1 
ATOM 706 C C6    . DA D 4 9  ? 0.794   9.329   -3.804  1.00 103.94 ? 9  DA D C6    1 
ATOM 707 N N6    . DA D 4 9  ? 1.091   10.551  -3.363  1.00 110.26 ? 9  DA D N6    1 
ATOM 708 N N1    . DA D 4 9  ? -0.331  9.151   -4.536  1.00 104.68 ? 9  DA D N1    1 
ATOM 709 C C2    . DA D 4 9  ? -0.628  7.922   -4.976  1.00 104.19 ? 9  DA D C2    1 
ATOM 710 N N3    . DA D 4 9  ? 0.048   6.785   -4.806  1.00 98.12  ? 9  DA D N3    1 
ATOM 711 C C4    . DA D 4 9  ? 1.156   6.995   -4.073  1.00 97.27  ? 9  DA D C4    1 
ATOM 712 P P     . DG D 4 10 ? 3.037   0.273   -5.261  1.00 123.44 ? 10 DG D P     1 
ATOM 713 O OP1   . DG D 4 10 ? 1.723   -0.336  -5.562  1.00 138.04 ? 10 DG D OP1   1 
ATOM 714 O OP2   . DG D 4 10 ? 3.755   -0.083  -4.018  1.00 113.29 ? 10 DG D OP2   1 
ATOM 715 O "O5'" . DG D 4 10 ? 4.019   0.000   -6.498  1.00 116.63 ? 10 DG D "O5'" 1 
ATOM 716 C "C5'" . DG D 4 10 ? 5.213   0.736   -6.610  1.00 115.34 ? 10 DG D "C5'" 1 
ATOM 717 C "C4'" . DG D 4 10 ? 6.289   -0.039  -7.351  1.00 113.35 ? 10 DG D "C4'" 1 
ATOM 718 O "O4'" . DG D 4 10 ? 7.571   0.236   -6.732  1.00 117.62 ? 10 DG D "O4'" 1 
ATOM 719 C "C3'" . DG D 4 10 ? 6.133   -1.554  -7.341  1.00 112.45 ? 10 DG D "C3'" 1 
ATOM 720 O "O3'" . DG D 4 10 ? 5.488   -1.975  -8.536  1.00 114.39 ? 10 DG D "O3'" 1 
ATOM 721 C "C2'" . DG D 4 10 ? 7.579   -2.041  -7.296  1.00 114.20 ? 10 DG D "C2'" 1 
ATOM 722 C "C1'" . DG D 4 10 ? 8.250   -0.969  -6.452  1.00 114.49 ? 10 DG D "C1'" 1 
ATOM 723 N N9    . DG D 4 10 ? 8.177   -1.219  -5.014  1.00 106.10 ? 10 DG D N9    1 
ATOM 724 C C8    . DG D 4 10 ? 7.368   -0.577  -4.110  1.00 118.16 ? 10 DG D C8    1 
ATOM 725 N N7    . DG D 4 10 ? 7.513   -1.001  -2.883  1.00 122.06 ? 10 DG D N7    1 
ATOM 726 C C5    . DG D 4 10 ? 8.486   -1.984  -2.975  1.00 113.72 ? 10 DG D C5    1 
ATOM 727 C C6    . DG D 4 10 ? 9.052   -2.795  -1.965  1.00 113.42 ? 10 DG D C6    1 
ATOM 728 O O6    . DG D 4 10 ? 8.796   -2.804  -0.747  1.00 113.62 ? 10 DG D O6    1 
ATOM 729 N N1    . DG D 4 10 ? 10.007  -3.665  -2.485  1.00 110.45 ? 10 DG D N1    1 
ATOM 730 C C2    . DG D 4 10 ? 10.364  -3.741  -3.813  1.00 108.54 ? 10 DG D C2    1 
ATOM 731 N N2    . DG D 4 10 ? 11.302  -4.644  -4.120  1.00 110.99 ? 10 DG D N2    1 
ATOM 732 N N3    . DG D 4 10 ? 9.840   -2.984  -4.772  1.00 103.39 ? 10 DG D N3    1 
ATOM 733 C C4    . DG D 4 10 ? 8.908   -2.132  -4.282  1.00 106.88 ? 10 DG D C4    1 
ATOM 734 P P     . DG D 4 11 ? 4.706   -3.378  -8.580  1.00 128.03 ? 11 DG D P     1 
ATOM 735 O OP1   . DG D 4 11 ? 4.282   -3.622  -9.976  1.00 121.00 ? 11 DG D OP1   1 
ATOM 736 O OP2   . DG D 4 11 ? 3.687   -3.372  -7.504  1.00 121.59 ? 11 DG D OP2   1 
ATOM 737 O "O5'" . DG D 4 11 ? 5.824   -4.451  -8.180  1.00 115.62 ? 11 DG D "O5'" 1 
ATOM 738 C "C5'" . DG D 4 11 ? 6.782   -4.899  -9.145  1.00 116.97 ? 11 DG D "C5'" 1 
ATOM 739 C "C4'" . DG D 4 11 ? 7.809   -5.801  -8.483  1.00 115.86 ? 11 DG D "C4'" 1 
ATOM 740 O "O4'" . DG D 4 11 ? 8.192   -5.211  -7.229  1.00 108.08 ? 11 DG D "O4'" 1 
ATOM 741 C "C3'" . DG D 4 11 ? 7.296   -7.190  -8.131  1.00 132.53 ? 11 DG D "C3'" 1 
ATOM 742 O "O3'" . DG D 4 11 ? 7.576   -8.098  -9.187  1.00 127.79 ? 11 DG D "O3'" 1 
ATOM 743 C "C2'" . DG D 4 11 ? 8.069   -7.564  -6.863  1.00 125.77 ? 11 DG D "C2'" 1 
ATOM 744 C "C1'" . DG D 4 11 ? 8.507   -6.219  -6.290  1.00 109.84 ? 11 DG D "C1'" 1 
ATOM 745 N N9    . DG D 4 11 ? 7.885   -5.875  -5.010  1.00 104.33 ? 11 DG D N9    1 
ATOM 746 C C8    . DG D 4 11 ? 6.895   -4.952  -4.788  1.00 107.44 ? 11 DG D C8    1 
ATOM 747 N N7    . DG D 4 11 ? 6.552   -4.851  -3.532  1.00 104.65 ? 11 DG D N7    1 
ATOM 748 C C5    . DG D 4 11 ? 7.370   -5.759  -2.884  1.00 104.44 ? 11 DG D C5    1 
ATOM 749 C C6    . DG D 4 11 ? 7.460   -6.096  -1.511  1.00 120.23 ? 11 DG D C6    1 
ATOM 750 O O6    . DG D 4 11 ? 6.804   -5.632  -0.561  1.00 127.54 ? 11 DG D O6    1 
ATOM 751 N N1    . DG D 4 11 ? 8.424   -7.072  -1.283  1.00 119.94 ? 11 DG D N1    1 
ATOM 752 C C2    . DG D 4 11 ? 9.204   -7.651  -2.256  1.00 113.42 ? 11 DG D C2    1 
ATOM 753 N N2    . DG D 4 11 ? 10.079  -8.576  -1.843  1.00 114.42 ? 11 DG D N2    1 
ATOM 754 N N3    . DG D 4 11 ? 9.132   -7.345  -3.542  1.00 105.45 ? 11 DG D N3    1 
ATOM 755 C C4    . DG D 4 11 ? 8.202   -6.399  -3.781  1.00 102.15 ? 11 DG D C4    1 
ATOM 756 P P     . DT D 4 12 ? 6.789   -9.493  -9.265  1.00 132.80 ? 12 DT D P     1 
ATOM 757 O OP1   . DT D 4 12 ? 7.069   -10.082 -10.594 1.00 134.79 ? 12 DT D OP1   1 
ATOM 758 O OP2   . DT D 4 12 ? 5.400   -9.236  -8.821  1.00 125.84 ? 12 DT D OP2   1 
ATOM 759 O "O5'" . DT D 4 12 ? 7.493   -10.406 -8.160  1.00 111.24 ? 12 DT D "O5'" 1 
ATOM 760 C "C5'" . DT D 4 12 ? 8.848   -10.773 -8.323  1.00 112.48 ? 12 DT D "C5'" 1 
ATOM 761 C "C4'" . DT D 4 12 ? 9.338   -11.588 -7.144  1.00 122.23 ? 12 DT D "C4'" 1 
ATOM 762 O "O4'" . DT D 4 12 ? 9.076   -10.877 -5.903  1.00 124.74 ? 12 DT D "O4'" 1 
ATOM 763 C "C3'" . DT D 4 12 ? 8.683   -12.957 -6.981  1.00 122.68 ? 12 DT D "C3'" 1 
ATOM 764 O "O3'" . DT D 4 12 ? 9.653   -13.871 -6.508  1.00 129.49 ? 12 DT D "O3'" 1 
ATOM 765 C "C2'" . DT D 4 12 ? 7.623   -12.682 -5.921  1.00 124.46 ? 12 DT D "C2'" 1 
ATOM 766 C "C1'" . DT D 4 12 ? 8.388   -11.734 -5.022  1.00 117.90 ? 12 DT D "C1'" 1 
ATOM 767 N N1    . DT D 4 12 ? 7.525   -10.918 -4.152  1.00 115.16 ? 12 DT D N1    1 
ATOM 768 C C2    . DT D 4 12 ? 7.663   -11.010 -2.786  1.00 122.43 ? 12 DT D C2    1 
ATOM 769 O O2    . DT D 4 12 ? 8.472   -11.744 -2.245  1.00 122.90 ? 12 DT D O2    1 
ATOM 770 N N3    . DT D 4 12 ? 6.816   -10.204 -2.069  1.00 122.11 ? 12 DT D N3    1 
ATOM 771 C C4    . DT D 4 12 ? 5.862   -9.335  -2.571  1.00 116.52 ? 12 DT D C4    1 
ATOM 772 O O4    . DT D 4 12 ? 5.142   -8.650  -1.843  1.00 116.45 ? 12 DT D O4    1 
ATOM 773 C C5    . DT D 4 12 ? 5.773   -9.291  -4.015  1.00 107.12 ? 12 DT D C5    1 
ATOM 774 C C7    . DT D 4 12 ? 4.782   -8.389  -4.678  1.00 110.59 ? 12 DT D C7    1 
ATOM 775 C C6    . DT D 4 12 ? 6.598   -10.075 -4.725  1.00 108.55 ? 12 DT D C6    1 
ATOM 776 P P     . DC D 4 13 ? 9.322   -15.435 -6.373  1.00 137.82 ? 13 DC D P     1 
ATOM 777 O OP1   . DC D 4 13 ? 10.248  -16.132 -7.288  1.00 152.62 ? 13 DC D OP1   1 
ATOM 778 O OP2   . DC D 4 13 ? 7.865   -15.650 -6.504  1.00 131.68 ? 13 DC D OP2   1 
ATOM 779 O "O5'" . DC D 4 13 ? 9.749   -15.784 -4.874  1.00 120.20 ? 13 DC D "O5'" 1 
ATOM 780 C "C5'" . DC D 4 13 ? 9.478   -14.870 -3.840  1.00 116.89 ? 13 DC D "C5'" 1 
ATOM 781 C "C4'" . DC D 4 13 ? 9.637   -15.534 -2.498  1.00 121.89 ? 13 DC D "C4'" 1 
ATOM 782 O "O4'" . DC D 4 13 ? 8.832   -14.826 -1.531  1.00 128.43 ? 13 DC D "O4'" 1 
ATOM 783 C "C3'" . DC D 4 13 ? 9.114   -16.947 -2.439  1.00 117.79 ? 13 DC D "C3'" 1 
ATOM 784 O "O3'" . DC D 4 13 ? 9.612   -17.572 -1.277  1.00 119.83 ? 13 DC D "O3'" 1 
ATOM 785 C "C2'" . DC D 4 13 ? 7.623   -16.688 -2.327  1.00 119.53 ? 13 DC D "C2'" 1 
ATOM 786 C "C1'" . DC D 4 13 ? 7.606   -15.511 -1.354  1.00 122.73 ? 13 DC D "C1'" 1 
ATOM 787 N N1    . DC D 4 13 ? 6.496   -14.543 -1.583  1.00 120.33 ? 13 DC D N1    1 
ATOM 788 C C2    . DC D 4 13 ? 5.916   -13.894 -0.488  1.00 121.64 ? 13 DC D C2    1 
ATOM 789 O O2    . DC D 4 13 ? 6.332   -14.147 0.650   1.00 123.84 ? 13 DC D O2    1 
ATOM 790 N N3    . DC D 4 13 ? 4.913   -13.008 -0.703  1.00 118.99 ? 13 DC D N3    1 
ATOM 791 C C4    . DC D 4 13 ? 4.495   -12.763 -1.943  1.00 118.04 ? 13 DC D C4    1 
ATOM 792 N N4    . DC D 4 13 ? 3.501   -11.881 -2.106  1.00 120.98 ? 13 DC D N4    1 
ATOM 793 C C5    . DC D 4 13 ? 5.077   -13.411 -3.074  1.00 113.99 ? 13 DC D C5    1 
ATOM 794 C C6    . DC D 4 13 ? 6.068   -14.283 -2.850  1.00 117.06 ? 13 DC D C6    1 
ATOM 795 P P     . DT D 4 14 ? 9.419   -19.149 -1.056  1.00 133.79 ? 14 DT D P     1 
ATOM 796 O OP1   . DT D 4 14 ? 10.662  -19.654 -0.435  1.00 128.53 ? 14 DT D OP1   1 
ATOM 797 O OP2   . DT D 4 14 ? 8.925   -19.742 -2.316  1.00 134.30 ? 14 DT D OP2   1 
ATOM 798 O "O5'" . DT D 4 14 ? 8.275   -19.241 0.052   1.00 124.90 ? 14 DT D "O5'" 1 
ATOM 799 C "C5'" . DT D 4 14 ? 8.621   -19.026 1.408   1.00 119.57 ? 14 DT D "C5'" 1 
ATOM 800 C "C4'" . DT D 4 14 ? 7.425   -18.565 2.214   1.00 125.43 ? 14 DT D "C4'" 1 
ATOM 801 O "O4'" . DT D 4 14 ? 6.663   -17.613 1.463   1.00 125.35 ? 14 DT D "O4'" 1 
ATOM 802 C "C3'" . DT D 4 14 ? 6.443   -19.667 2.591   1.00 132.23 ? 14 DT D "C3'" 1 
ATOM 803 O "O3'" . DT D 4 14 ? 6.553   -19.923 3.960   1.00 141.54 ? 14 DT D "O3'" 1 
ATOM 804 C "C2'" . DT D 4 14 ? 5.056   -19.102 2.236   1.00 135.96 ? 14 DT D "C2'" 1 
ATOM 805 C "C1'" . DT D 4 14 ? 5.344   -17.646 1.940   1.00 127.98 ? 14 DT D "C1'" 1 
ATOM 806 N N1    . DT D 4 14 ? 4.484   -17.060 0.899   1.00 129.17 ? 14 DT D N1    1 
ATOM 807 C C2    . DT D 4 14 ? 3.539   -16.132 1.255   1.00 132.45 ? 14 DT D C2    1 
ATOM 808 O O2    . DT D 4 14 ? 3.347   -15.786 2.407   1.00 134.97 ? 14 DT D O2    1 
ATOM 809 N N3    . DT D 4 14 ? 2.816   -15.620 0.209   1.00 129.94 ? 14 DT D N3    1 
ATOM 810 C C4    . DT D 4 14 ? 2.947   -15.933 -1.131  1.00 126.03 ? 14 DT D C4    1 
ATOM 811 O O4    . DT D 4 14 ? 2.249   -15.417 -2.001  1.00 122.42 ? 14 DT D O4    1 
ATOM 812 C C5    . DT D 4 14 ? 3.964   -16.911 -1.436  1.00 120.98 ? 14 DT D C5    1 
ATOM 813 C C7    . DT D 4 14 ? 4.196   -17.332 -2.854  1.00 117.40 ? 14 DT D C7    1 
ATOM 814 C C6    . DT D 4 14 ? 4.680   -17.419 -0.418  1.00 122.75 ? 14 DT D C6    1 
ATOM 815 P P     . DG D 4 15 ? 7.062   -21.356 4.463   1.00 155.73 ? 15 DG D P     1 
ATOM 816 O OP1   . DG D 4 15 ? 8.309   -21.145 5.238   1.00 154.18 ? 15 DG D OP1   1 
ATOM 817 O OP2   . DG D 4 15 ? 7.082   -22.242 3.275   1.00 141.72 ? 15 DG D OP2   1 
ATOM 818 O "O5'" . DG D 4 15 ? 5.900   -21.818 5.463   1.00 149.49 ? 15 DG D "O5'" 1 
ATOM 819 C "C5'" . DG D 4 15 ? 5.269   -20.859 6.319   1.00 142.01 ? 15 DG D "C5'" 1 
ATOM 820 C "C4'" . DG D 4 15 ? 3.757   -20.960 6.219   1.00 140.47 ? 15 DG D "C4'" 1 
ATOM 821 O "O4'" . DG D 4 15 ? 3.279   -20.078 5.188   1.00 144.78 ? 15 DG D "O4'" 1 
ATOM 822 C "C3'" . DG D 4 15 ? 3.238   -22.332 5.827   1.00 141.05 ? 15 DG D "C3'" 1 
ATOM 823 O "O3'" . DG D 4 15 ? 2.989   -23.162 6.999   1.00 148.21 ? 15 DG D "O3'" 1 
ATOM 824 C "C2'" . DG D 4 15 ? 1.954   -22.037 5.032   1.00 140.84 ? 15 DG D "C2'" 1 
ATOM 825 C "C1'" . DG D 4 15 ? 2.015   -20.528 4.758   1.00 139.30 ? 15 DG D "C1'" 1 
ATOM 826 N N9    . DG D 4 15 ? 1.862   -20.196 3.344   1.00 137.84 ? 15 DG D N9    1 
ATOM 827 C C8    . DG D 4 15 ? 2.423   -20.860 2.281   1.00 134.96 ? 15 DG D C8    1 
ATOM 828 N N7    . DG D 4 15 ? 2.124   -20.343 1.123   1.00 127.50 ? 15 DG D N7    1 
ATOM 829 C C5    . DG D 4 15 ? 1.292   -19.277 1.432   1.00 132.22 ? 15 DG D C5    1 
ATOM 830 C C6    . DG D 4 15 ? 0.651   -18.351 0.578   1.00 133.27 ? 15 DG D C6    1 
ATOM 831 O O6    . DG D 4 15 ? 0.693   -18.292 -0.661  1.00 129.84 ? 15 DG D O6    1 
ATOM 832 N N1    . DG D 4 15 ? -0.105  -17.427 1.298   1.00 134.93 ? 15 DG D N1    1 
ATOM 833 C C2    . DG D 4 15 ? -0.226  -17.398 2.670   1.00 138.40 ? 15 DG D C2    1 
ATOM 834 N N2    . DG D 4 15 ? -1.004  -16.425 3.176   1.00 130.80 ? 15 DG D N2    1 
ATOM 835 N N3    . DG D 4 15 ? 0.372   -18.263 3.487   1.00 140.26 ? 15 DG D N3    1 
ATOM 836 C C4    . DG D 4 15 ? 1.113   -19.172 2.799   1.00 136.50 ? 15 DG D C4    1 
ATOM 837 P P     . DC D 4 16 ? 2.403   -22.568 8.381   1.00 148.21 ? 16 DC D P     1 
ATOM 838 O OP1   . DC D 4 16 ? 3.410   -21.714 9.055   1.00 150.27 ? 16 DC D OP1   1 
ATOM 839 O OP2   . DC D 4 16 ? 1.903   -23.746 9.121   1.00 146.83 ? 16 DC D OP2   1 
ATOM 840 O "O5'" . DC D 4 16 ? 1.122   -21.706 7.942   1.00 160.57 ? 16 DC D "O5'" 1 
ATOM 841 C "C5'" . DC D 4 16 ? -0.142  -22.355 7.737   1.00 163.52 ? 16 DC D "C5'" 1 
ATOM 842 C "C4'" . DC D 4 16 ? -1.208  -21.358 7.302   1.00 166.23 ? 16 DC D "C4'" 1 
ATOM 843 O "O4'" . DC D 4 16 ? -0.951  -20.928 5.942   1.00 154.47 ? 16 DC D "O4'" 1 
ATOM 844 C "C3'" . DC D 4 16 ? -2.643  -21.902 7.316   1.00 168.57 ? 16 DC D "C3'" 1 
ATOM 845 O "O3'" . DC D 4 16 ? -3.470  -21.082 8.144   1.00 176.57 ? 16 DC D "O3'" 1 
ATOM 846 C "C2'" . DC D 4 16 ? -3.083  -21.857 5.844   1.00 153.97 ? 16 DC D "C2'" 1 
ATOM 847 C "C1'" . DC D 4 16 ? -2.174  -20.787 5.266   1.00 147.78 ? 16 DC D "C1'" 1 
ATOM 848 N N1    . DC D 4 16 ? -1.933  -20.937 3.803   1.00 141.59 ? 16 DC D N1    1 
ATOM 849 C C2    . DC D 4 16 ? -2.498  -20.019 2.911   1.00 140.08 ? 16 DC D C2    1 
ATOM 850 O O2    . DC D 4 16 ? -3.188  -19.091 3.353   1.00 144.84 ? 16 DC D O2    1 
ATOM 851 N N3    . DC D 4 16 ? -2.270  -20.172 1.583   1.00 135.49 ? 16 DC D N3    1 
ATOM 852 C C4    . DC D 4 16 ? -1.523  -21.184 1.146   1.00 132.27 ? 16 DC D C4    1 
ATOM 853 N N4    . DC D 4 16 ? -1.327  -21.293 -0.173  1.00 134.57 ? 16 DC D N4    1 
ATOM 854 C C5    . DC D 4 16 ? -0.942  -22.129 2.040   1.00 129.08 ? 16 DC D C5    1 
ATOM 855 C C6    . DC D 4 16 ? -1.173  -21.971 3.347   1.00 135.00 ? 16 DC D C6    1 
# 
loop_
_pdbx_poly_seq_scheme.asym_id 
_pdbx_poly_seq_scheme.entity_id 
_pdbx_poly_seq_scheme.seq_id 
_pdbx_poly_seq_scheme.mon_id 
_pdbx_poly_seq_scheme.ndb_seq_num 
_pdbx_poly_seq_scheme.pdb_seq_num 
_pdbx_poly_seq_scheme.auth_seq_num 
_pdbx_poly_seq_scheme.pdb_mon_id 
_pdbx_poly_seq_scheme.auth_mon_id 
_pdbx_poly_seq_scheme.pdb_strand_id 
_pdbx_poly_seq_scheme.pdb_ins_code 
_pdbx_poly_seq_scheme.hetero 
A 1 1  DG 1  1  1  DG DG A . n 
A 1 2  DA 2  2  2  DA DA A . n 
A 1 3  DG 3  3  3  DG DG A . n 
A 1 4  DC 4  4  4  DC DC A . n 
A 1 5  DA 5  5  5  DA DA A . n 
A 1 6  DG 6  6  6  DG DG A . n 
A 1 7  DA 7  7  7  DA DA A . n 
A 1 8  DC 8  8  8  DC DC A . n 
A 1 9  DT 9  9  9  DT DT A . n 
A 1 10 DT 10 10 10 DT DT A . n 
A 1 11 DG 11 11 11 DG DG A . n 
B 2 1  DA 1  12 12 DA DA B . n 
B 2 2  DC 2  13 13 DC DC B . n 
B 2 3  DA 3  14 14 DA DA B . n 
B 2 4  DC 4  15 15 DC DC B . n 
B 2 5  DC 5  16 16 DC DC B . n 
B 2 6  DA 6  17 17 DA DA B . n 
B 2 7  DC 7  18 18 DC DC B . n 
B 2 8  DT 8  19 19 DT DT B . n 
B 2 9  DC 9  20 20 DC DC B . n 
B 2 10 DA 10 21 21 DA DA B . n 
C 3 1  DC 1  1  1  DC DC C . n 
C 3 2  DA 2  2  2  DA DA C . n 
C 3 3  DT 3  3  3  DT DT C . n 
C 3 4  DG 4  4  4  DG DG C . n 
C 3 5  DT 5  5  5  DT DT C . n 
D 4 1  DT 1  1  1  DT DT D . n 
D 4 2  DC 2  2  2  DC DC D . n 
D 4 3  DT 3  3  3  DT DT D . n 
D 4 4  DG 4  4  4  DG DG D . n 
D 4 5  DA 5  5  5  DA DA D . n 
D 4 6  DG 6  6  6  DG DG D . n 
D 4 7  DT 7  7  7  DT DT D . n 
D 4 8  DG 8  8  8  DG DG D . n 
D 4 9  DA 9  9  9  DA DA D . n 
D 4 10 DG 10 10 10 DG DG D . n 
D 4 11 DG 11 11 11 DG DG D . n 
D 4 12 DT 12 12 12 DT DT D . n 
D 4 13 DC 13 13 13 DC DC D . n 
D 4 14 DT 14 14 14 DT DT D . n 
D 4 15 DG 15 15 15 DG DG D . n 
D 4 16 DC 16 16 16 DC DC D . n 
# 
_pdbx_struct_assembly.id                   1 
_pdbx_struct_assembly.details              author_defined_assembly 
_pdbx_struct_assembly.method_details       ? 
_pdbx_struct_assembly.oligomeric_details   tetrameric 
_pdbx_struct_assembly.oligomeric_count     4 
# 
_pdbx_struct_assembly_gen.assembly_id       1 
_pdbx_struct_assembly_gen.oper_expression   1 
_pdbx_struct_assembly_gen.asym_id_list      A,B,C,D 
# 
_pdbx_struct_oper_list.id                   1 
_pdbx_struct_oper_list.type                 'identity operation' 
_pdbx_struct_oper_list.name                 1_555 
_pdbx_struct_oper_list.symmetry_operation   x,y,z 
_pdbx_struct_oper_list.matrix[1][1]         1.0000000000 
_pdbx_struct_oper_list.matrix[1][2]         0.0000000000 
_pdbx_struct_oper_list.matrix[1][3]         0.0000000000 
_pdbx_struct_oper_list.vector[1]            0.0000000000 
_pdbx_struct_oper_list.matrix[2][1]         0.0000000000 
_pdbx_struct_oper_list.matrix[2][2]         1.0000000000 
_pdbx_struct_oper_list.matrix[2][3]         0.0000000000 
_pdbx_struct_oper_list.vector[2]            0.0000000000 
_pdbx_struct_oper_list.matrix[3][1]         0.0000000000 
_pdbx_struct_oper_list.matrix[3][2]         0.0000000000 
_pdbx_struct_oper_list.matrix[3][3]         1.0000000000 
_pdbx_struct_oper_list.vector[3]            0.0000000000 
# 
loop_
_pdbx_audit_revision_history.ordinal 
_pdbx_audit_revision_history.data_content_type 
_pdbx_audit_revision_history.major_revision 
_pdbx_audit_revision_history.minor_revision 
_pdbx_audit_revision_history.revision_date 
1 'Structure model' 1 0 2021-07-14 
2 'Structure model' 1 1 2022-07-06 
3 'Structure model' 1 2 2023-10-18 
# 
_pdbx_audit_revision_details.ordinal             1 
_pdbx_audit_revision_details.revision_ordinal    1 
_pdbx_audit_revision_details.data_content_type   'Structure model' 
_pdbx_audit_revision_details.provider            repository 
_pdbx_audit_revision_details.type                'Initial release' 
_pdbx_audit_revision_details.description         ? 
_pdbx_audit_revision_details.details             ? 
# 
loop_
_pdbx_audit_revision_group.ordinal 
_pdbx_audit_revision_group.revision_ordinal 
_pdbx_audit_revision_group.data_content_type 
_pdbx_audit_revision_group.group 
1 2 'Structure model' 'Database references'    
2 3 'Structure model' 'Data collection'        
3 3 'Structure model' 'Refinement description' 
# 
loop_
_pdbx_audit_revision_category.ordinal 
_pdbx_audit_revision_category.revision_ordinal 
_pdbx_audit_revision_category.data_content_type 
_pdbx_audit_revision_category.category 
1 2 'Structure model' citation                      
2 2 'Structure model' citation_author               
3 2 'Structure model' database_2                    
4 3 'Structure model' chem_comp_atom                
5 3 'Structure model' chem_comp_bond                
6 3 'Structure model' pdbx_initial_refinement_model 
# 
loop_
_pdbx_audit_revision_item.ordinal 
_pdbx_audit_revision_item.revision_ordinal 
_pdbx_audit_revision_item.data_content_type 
_pdbx_audit_revision_item.item 
1  2 'Structure model' '_citation.country'                   
2  2 'Structure model' '_citation.journal_abbrev'            
3  2 'Structure model' '_citation.journal_id_CSD'            
4  2 'Structure model' '_citation.journal_id_ISSN'           
5  2 'Structure model' '_citation.journal_volume'            
6  2 'Structure model' '_citation.page_first'                
7  2 'Structure model' '_citation.page_last'                 
8  2 'Structure model' '_citation.pdbx_database_id_DOI'      
9  2 'Structure model' '_citation.pdbx_database_id_PubMed'   
10 2 'Structure model' '_citation.title'                     
11 2 'Structure model' '_citation.year'                      
12 2 'Structure model' '_database_2.pdbx_DOI'                
13 2 'Structure model' '_database_2.pdbx_database_accession' 
# 
loop_
_software.citation_id 
_software.classification 
_software.compiler_name 
_software.compiler_version 
_software.contact_author 
_software.contact_author_email 
_software.date 
_software.description 
_software.dependencies 
_software.hardware 
_software.language 
_software.location 
_software.mods 
_software.name 
_software.os 
_software.os_version 
_software.type 
_software.version 
_software.pdbx_ordinal 
? 'data reduction'  ? ? ? ? ? ? ? ? ? ? ? HKL-2000    ? ? ? .           1 
? 'data scaling'    ? ? ? ? ? ? ? ? ? ? ? HKL-2000    ? ? ? .           2 
? refinement        ? ? ? ? ? ? ? ? ? ? ? PHENIX      ? ? ? 1.11.1_2575 3 
? 'data extraction' ? ? ? ? ? ? ? ? ? ? ? PDB_EXTRACT ? ? ? 3.25        4 
? phasing           ? ? ? ? ? ? ? ? ? ? ? PHASER      ? ? ? .           5 
# 
_pdbx_validate_rmsd_angle.id                         1 
_pdbx_validate_rmsd_angle.PDB_model_num              1 
_pdbx_validate_rmsd_angle.auth_atom_id_1             "O4'" 
_pdbx_validate_rmsd_angle.auth_asym_id_1             A 
_pdbx_validate_rmsd_angle.auth_comp_id_1             DT 
_pdbx_validate_rmsd_angle.auth_seq_id_1              9 
_pdbx_validate_rmsd_angle.PDB_ins_code_1             ? 
_pdbx_validate_rmsd_angle.label_alt_id_1             ? 
_pdbx_validate_rmsd_angle.auth_atom_id_2             "C1'" 
_pdbx_validate_rmsd_angle.auth_asym_id_2             A 
_pdbx_validate_rmsd_angle.auth_comp_id_2             DT 
_pdbx_validate_rmsd_angle.auth_seq_id_2              9 
_pdbx_validate_rmsd_angle.PDB_ins_code_2             ? 
_pdbx_validate_rmsd_angle.label_alt_id_2             ? 
_pdbx_validate_rmsd_angle.auth_atom_id_3             N1 
_pdbx_validate_rmsd_angle.auth_asym_id_3             A 
_pdbx_validate_rmsd_angle.auth_comp_id_3             DT 
_pdbx_validate_rmsd_angle.auth_seq_id_3              9 
_pdbx_validate_rmsd_angle.PDB_ins_code_3             ? 
_pdbx_validate_rmsd_angle.label_alt_id_3             ? 
_pdbx_validate_rmsd_angle.angle_value                110.17 
_pdbx_validate_rmsd_angle.angle_target_value         108.30 
_pdbx_validate_rmsd_angle.angle_deviation            1.87 
_pdbx_validate_rmsd_angle.angle_standard_deviation   0.30 
_pdbx_validate_rmsd_angle.linker_flag                N 
# 
loop_
_chem_comp_atom.comp_id 
_chem_comp_atom.atom_id 
_chem_comp_atom.type_symbol 
_chem_comp_atom.pdbx_aromatic_flag 
_chem_comp_atom.pdbx_stereo_config 
_chem_comp_atom.pdbx_ordinal 
DA OP3    O N N 1   
DA P      P N N 2   
DA OP1    O N N 3   
DA OP2    O N N 4   
DA "O5'"  O N N 5   
DA "C5'"  C N N 6   
DA "C4'"  C N R 7   
DA "O4'"  O N N 8   
DA "C3'"  C N S 9   
DA "O3'"  O N N 10  
DA "C2'"  C N N 11  
DA "C1'"  C N R 12  
DA N9     N Y N 13  
DA C8     C Y N 14  
DA N7     N Y N 15  
DA C5     C Y N 16  
DA C6     C Y N 17  
DA N6     N N N 18  
DA N1     N Y N 19  
DA C2     C Y N 20  
DA N3     N Y N 21  
DA C4     C Y N 22  
DA HOP3   H N N 23  
DA HOP2   H N N 24  
DA "H5'"  H N N 25  
DA "H5''" H N N 26  
DA "H4'"  H N N 27  
DA "H3'"  H N N 28  
DA "HO3'" H N N 29  
DA "H2'"  H N N 30  
DA "H2''" H N N 31  
DA "H1'"  H N N 32  
DA H8     H N N 33  
DA H61    H N N 34  
DA H62    H N N 35  
DA H2     H N N 36  
DC OP3    O N N 37  
DC P      P N N 38  
DC OP1    O N N 39  
DC OP2    O N N 40  
DC "O5'"  O N N 41  
DC "C5'"  C N N 42  
DC "C4'"  C N R 43  
DC "O4'"  O N N 44  
DC "C3'"  C N S 45  
DC "O3'"  O N N 46  
DC "C2'"  C N N 47  
DC "C1'"  C N R 48  
DC N1     N N N 49  
DC C2     C N N 50  
DC O2     O N N 51  
DC N3     N N N 52  
DC C4     C N N 53  
DC N4     N N N 54  
DC C5     C N N 55  
DC C6     C N N 56  
DC HOP3   H N N 57  
DC HOP2   H N N 58  
DC "H5'"  H N N 59  
DC "H5''" H N N 60  
DC "H4'"  H N N 61  
DC "H3'"  H N N 62  
DC "HO3'" H N N 63  
DC "H2'"  H N N 64  
DC "H2''" H N N 65  
DC "H1'"  H N N 66  
DC H41    H N N 67  
DC H42    H N N 68  
DC H5     H N N 69  
DC H6     H N N 70  
DG OP3    O N N 71  
DG P      P N N 72  
DG OP1    O N N 73  
DG OP2    O N N 74  
DG "O5'"  O N N 75  
DG "C5'"  C N N 76  
DG "C4'"  C N R 77  
DG "O4'"  O N N 78  
DG "C3'"  C N S 79  
DG "O3'"  O N N 80  
DG "C2'"  C N N 81  
DG "C1'"  C N R 82  
DG N9     N Y N 83  
DG C8     C Y N 84  
DG N7     N Y N 85  
DG C5     C Y N 86  
DG C6     C N N 87  
DG O6     O N N 88  
DG N1     N N N 89  
DG C2     C N N 90  
DG N2     N N N 91  
DG N3     N N N 92  
DG C4     C Y N 93  
DG HOP3   H N N 94  
DG HOP2   H N N 95  
DG "H5'"  H N N 96  
DG "H5''" H N N 97  
DG "H4'"  H N N 98  
DG "H3'"  H N N 99  
DG "HO3'" H N N 100 
DG "H2'"  H N N 101 
DG "H2''" H N N 102 
DG "H1'"  H N N 103 
DG H8     H N N 104 
DG H1     H N N 105 
DG H21    H N N 106 
DG H22    H N N 107 
DT OP3    O N N 108 
DT P      P N N 109 
DT OP1    O N N 110 
DT OP2    O N N 111 
DT "O5'"  O N N 112 
DT "C5'"  C N N 113 
DT "C4'"  C N R 114 
DT "O4'"  O N N 115 
DT "C3'"  C N S 116 
DT "O3'"  O N N 117 
DT "C2'"  C N N 118 
DT "C1'"  C N R 119 
DT N1     N N N 120 
DT C2     C N N 121 
DT O2     O N N 122 
DT N3     N N N 123 
DT C4     C N N 124 
DT O4     O N N 125 
DT C5     C N N 126 
DT C7     C N N 127 
DT C6     C N N 128 
DT HOP3   H N N 129 
DT HOP2   H N N 130 
DT "H5'"  H N N 131 
DT "H5''" H N N 132 
DT "H4'"  H N N 133 
DT "H3'"  H N N 134 
DT "HO3'" H N N 135 
DT "H2'"  H N N 136 
DT "H2''" H N N 137 
DT "H1'"  H N N 138 
DT H3     H N N 139 
DT H71    H N N 140 
DT H72    H N N 141 
DT H73    H N N 142 
DT H6     H N N 143 
# 
loop_
_chem_comp_bond.comp_id 
_chem_comp_bond.atom_id_1 
_chem_comp_bond.atom_id_2 
_chem_comp_bond.value_order 
_chem_comp_bond.pdbx_aromatic_flag 
_chem_comp_bond.pdbx_stereo_config 
_chem_comp_bond.pdbx_ordinal 
DA OP3   P      sing N N 1   
DA OP3   HOP3   sing N N 2   
DA P     OP1    doub N N 3   
DA P     OP2    sing N N 4   
DA P     "O5'"  sing N N 5   
DA OP2   HOP2   sing N N 6   
DA "O5'" "C5'"  sing N N 7   
DA "C5'" "C4'"  sing N N 8   
DA "C5'" "H5'"  sing N N 9   
DA "C5'" "H5''" sing N N 10  
DA "C4'" "O4'"  sing N N 11  
DA "C4'" "C3'"  sing N N 12  
DA "C4'" "H4'"  sing N N 13  
DA "O4'" "C1'"  sing N N 14  
DA "C3'" "O3'"  sing N N 15  
DA "C3'" "C2'"  sing N N 16  
DA "C3'" "H3'"  sing N N 17  
DA "O3'" "HO3'" sing N N 18  
DA "C2'" "C1'"  sing N N 19  
DA "C2'" "H2'"  sing N N 20  
DA "C2'" "H2''" sing N N 21  
DA "C1'" N9     sing N N 22  
DA "C1'" "H1'"  sing N N 23  
DA N9    C8     sing Y N 24  
DA N9    C4     sing Y N 25  
DA C8    N7     doub Y N 26  
DA C8    H8     sing N N 27  
DA N7    C5     sing Y N 28  
DA C5    C6     sing Y N 29  
DA C5    C4     doub Y N 30  
DA C6    N6     sing N N 31  
DA C6    N1     doub Y N 32  
DA N6    H61    sing N N 33  
DA N6    H62    sing N N 34  
DA N1    C2     sing Y N 35  
DA C2    N3     doub Y N 36  
DA C2    H2     sing N N 37  
DA N3    C4     sing Y N 38  
DC OP3   P      sing N N 39  
DC OP3   HOP3   sing N N 40  
DC P     OP1    doub N N 41  
DC P     OP2    sing N N 42  
DC P     "O5'"  sing N N 43  
DC OP2   HOP2   sing N N 44  
DC "O5'" "C5'"  sing N N 45  
DC "C5'" "C4'"  sing N N 46  
DC "C5'" "H5'"  sing N N 47  
DC "C5'" "H5''" sing N N 48  
DC "C4'" "O4'"  sing N N 49  
DC "C4'" "C3'"  sing N N 50  
DC "C4'" "H4'"  sing N N 51  
DC "O4'" "C1'"  sing N N 52  
DC "C3'" "O3'"  sing N N 53  
DC "C3'" "C2'"  sing N N 54  
DC "C3'" "H3'"  sing N N 55  
DC "O3'" "HO3'" sing N N 56  
DC "C2'" "C1'"  sing N N 57  
DC "C2'" "H2'"  sing N N 58  
DC "C2'" "H2''" sing N N 59  
DC "C1'" N1     sing N N 60  
DC "C1'" "H1'"  sing N N 61  
DC N1    C2     sing N N 62  
DC N1    C6     sing N N 63  
DC C2    O2     doub N N 64  
DC C2    N3     sing N N 65  
DC N3    C4     doub N N 66  
DC C4    N4     sing N N 67  
DC C4    C5     sing N N 68  
DC N4    H41    sing N N 69  
DC N4    H42    sing N N 70  
DC C5    C6     doub N N 71  
DC C5    H5     sing N N 72  
DC C6    H6     sing N N 73  
DG OP3   P      sing N N 74  
DG OP3   HOP3   sing N N 75  
DG P     OP1    doub N N 76  
DG P     OP2    sing N N 77  
DG P     "O5'"  sing N N 78  
DG OP2   HOP2   sing N N 79  
DG "O5'" "C5'"  sing N N 80  
DG "C5'" "C4'"  sing N N 81  
DG "C5'" "H5'"  sing N N 82  
DG "C5'" "H5''" sing N N 83  
DG "C4'" "O4'"  sing N N 84  
DG "C4'" "C3'"  sing N N 85  
DG "C4'" "H4'"  sing N N 86  
DG "O4'" "C1'"  sing N N 87  
DG "C3'" "O3'"  sing N N 88  
DG "C3'" "C2'"  sing N N 89  
DG "C3'" "H3'"  sing N N 90  
DG "O3'" "HO3'" sing N N 91  
DG "C2'" "C1'"  sing N N 92  
DG "C2'" "H2'"  sing N N 93  
DG "C2'" "H2''" sing N N 94  
DG "C1'" N9     sing N N 95  
DG "C1'" "H1'"  sing N N 96  
DG N9    C8     sing Y N 97  
DG N9    C4     sing Y N 98  
DG C8    N7     doub Y N 99  
DG C8    H8     sing N N 100 
DG N7    C5     sing Y N 101 
DG C5    C6     sing N N 102 
DG C5    C4     doub Y N 103 
DG C6    O6     doub N N 104 
DG C6    N1     sing N N 105 
DG N1    C2     sing N N 106 
DG N1    H1     sing N N 107 
DG C2    N2     sing N N 108 
DG C2    N3     doub N N 109 
DG N2    H21    sing N N 110 
DG N2    H22    sing N N 111 
DG N3    C4     sing N N 112 
DT OP3   P      sing N N 113 
DT OP3   HOP3   sing N N 114 
DT P     OP1    doub N N 115 
DT P     OP2    sing N N 116 
DT P     "O5'"  sing N N 117 
DT OP2   HOP2   sing N N 118 
DT "O5'" "C5'"  sing N N 119 
DT "C5'" "C4'"  sing N N 120 
DT "C5'" "H5'"  sing N N 121 
DT "C5'" "H5''" sing N N 122 
DT "C4'" "O4'"  sing N N 123 
DT "C4'" "C3'"  sing N N 124 
DT "C4'" "H4'"  sing N N 125 
DT "O4'" "C1'"  sing N N 126 
DT "C3'" "O3'"  sing N N 127 
DT "C3'" "C2'"  sing N N 128 
DT "C3'" "H3'"  sing N N 129 
DT "O3'" "HO3'" sing N N 130 
DT "C2'" "C1'"  sing N N 131 
DT "C2'" "H2'"  sing N N 132 
DT "C2'" "H2''" sing N N 133 
DT "C1'" N1     sing N N 134 
DT "C1'" "H1'"  sing N N 135 
DT N1    C2     sing N N 136 
DT N1    C6     sing N N 137 
DT C2    O2     doub N N 138 
DT C2    N3     sing N N 139 
DT N3    C4     sing N N 140 
DT N3    H3     sing N N 141 
DT C4    O4     doub N N 142 
DT C4    C5     sing N N 143 
DT C5    C7     sing N N 144 
DT C5    C6     doub N N 145 
DT C7    H71    sing N N 146 
DT C7    H72    sing N N 147 
DT C7    H73    sing N N 148 
DT C6    H6     sing N N 149 
# 
loop_
_ndb_struct_conf_na.entry_id 
_ndb_struct_conf_na.feature 
6XFX 'double helix'        
6XFX 'a-form double helix' 
6XFX 'b-form double helix' 
# 
loop_
_ndb_struct_na_base_pair.model_number 
_ndb_struct_na_base_pair.i_label_asym_id 
_ndb_struct_na_base_pair.i_label_comp_id 
_ndb_struct_na_base_pair.i_label_seq_id 
_ndb_struct_na_base_pair.i_symmetry 
_ndb_struct_na_base_pair.j_label_asym_id 
_ndb_struct_na_base_pair.j_label_comp_id 
_ndb_struct_na_base_pair.j_label_seq_id 
_ndb_struct_na_base_pair.j_symmetry 
_ndb_struct_na_base_pair.shear 
_ndb_struct_na_base_pair.stretch 
_ndb_struct_na_base_pair.stagger 
_ndb_struct_na_base_pair.buckle 
_ndb_struct_na_base_pair.propeller 
_ndb_struct_na_base_pair.opening 
_ndb_struct_na_base_pair.pair_number 
_ndb_struct_na_base_pair.pair_name 
_ndb_struct_na_base_pair.i_auth_asym_id 
_ndb_struct_na_base_pair.i_auth_seq_id 
_ndb_struct_na_base_pair.i_PDB_ins_code 
_ndb_struct_na_base_pair.j_auth_asym_id 
_ndb_struct_na_base_pair.j_auth_seq_id 
_ndb_struct_na_base_pair.j_PDB_ins_code 
_ndb_struct_na_base_pair.hbond_type_28 
_ndb_struct_na_base_pair.hbond_type_12 
1 A DG 3  1_555 D DC 16 1_555 0.117  0.092  0.018  -1.912 -11.908 -4.036  1  A_DG3:DC16_D A 3  ? D 16 ? 19 1 
1 A DC 4  1_555 D DG 15 1_555 -0.715 0.417  -0.200 -3.265 -6.631  -0.760  2  A_DC4:DG15_D A 4  ? D 15 ? 19 1 
1 A DA 5  1_555 D DT 14 1_555 -0.590 0.051  0.063  8.164  -10.009 9.976   3  A_DA5:DT14_D A 5  ? D 14 ? 20 1 
1 A DG 6  1_555 D DC 13 1_555 0.040  -0.106 -0.006 4.850  -13.591 4.335   4  A_DG6:DC13_D A 6  ? D 13 ? 19 1 
1 A DA 7  1_555 D DT 12 1_555 0.617  -0.418 -0.240 0.543  -10.099 -6.060  5  A_DA7:DT12_D A 7  ? D 12 ? 20 1 
1 A DC 8  1_555 D DG 11 1_555 0.161  -0.477 -0.101 5.275  -15.311 2.792   6  A_DC8:DG11_D A 8  ? D 11 ? 19 1 
1 A DT 9  1_555 D DG 10 1_555 0.059  0.087  0.247  -2.364 -12.179 0.499   7  A_DT9:DG10_D A 9  ? D 10 ? ?  1 
1 A DT 10 1_555 C DA 2  1_555 -1.383 0.020  0.363  -0.689 -6.797  10.508  8  A_DT10:DA2_C A 10 ? C 2  ? 20 1 
1 A DG 11 1_555 C DC 1  1_555 -0.293 0.248  0.191  6.378  -7.946  11.948  9  A_DG11:DC1_C A 11 ? C 1  ? 19 1 
1 B DA 1  1_555 C DT 5  1_555 0.149  -0.354 0.806  18.110 -8.279  -3.424  10 B_DA12:DT5_C B 12 ? C 5  ? 20 1 
1 B DC 2  1_555 C DG 4  1_555 0.137  -0.427 0.957  9.427  -20.782 -6.142  11 B_DC13:DG4_C B 13 ? C 4  ? 19 1 
1 B DA 3  1_555 C DT 3  1_555 -0.237 -0.031 0.377  3.004  -16.067 -10.308 12 B_DA14:DT3_C B 14 ? C 3  ? 20 1 
1 B DC 5  1_555 D DG 8  1_555 0.744  0.177  0.672  -0.684 -8.758  6.759   13 B_DC16:DG8_D B 16 ? D 8  ? 19 1 
1 B DA 6  1_555 D DT 7  1_555 0.587  -0.422 0.260  7.296  -10.351 4.733   14 B_DA17:DT7_D B 17 ? D 7  ? 20 1 
1 B DC 7  1_555 D DG 6  1_555 0.334  -0.189 -0.050 7.393  -11.812 -2.795  15 B_DC18:DG6_D B 18 ? D 6  ? 19 1 
1 B DT 8  1_555 D DA 5  1_555 -0.123 0.055  0.297  4.415  -11.452 7.949   16 B_DT19:DA5_D B 19 ? D 5  ? 20 1 
1 B DC 9  1_555 D DG 4  1_555 0.781  -0.138 0.095  5.519  -11.641 -0.244  17 B_DC20:DG4_D B 20 ? D 4  ? 19 1 
1 B DA 10 1_555 D DT 3  1_555 0.481  -0.110 0.384  5.272  -14.283 13.862  18 B_DA21:DT3_D B 21 ? D 3  ? 20 1 
# 
loop_
_ndb_struct_na_base_pair_step.model_number 
_ndb_struct_na_base_pair_step.i_label_asym_id_1 
_ndb_struct_na_base_pair_step.i_label_comp_id_1 
_ndb_struct_na_base_pair_step.i_label_seq_id_1 
_ndb_struct_na_base_pair_step.i_symmetry_1 
_ndb_struct_na_base_pair_step.j_label_asym_id_1 
_ndb_struct_na_base_pair_step.j_label_comp_id_1 
_ndb_struct_na_base_pair_step.j_label_seq_id_1 
_ndb_struct_na_base_pair_step.j_symmetry_1 
_ndb_struct_na_base_pair_step.i_label_asym_id_2 
_ndb_struct_na_base_pair_step.i_label_comp_id_2 
_ndb_struct_na_base_pair_step.i_label_seq_id_2 
_ndb_struct_na_base_pair_step.i_symmetry_2 
_ndb_struct_na_base_pair_step.j_label_asym_id_2 
_ndb_struct_na_base_pair_step.j_label_comp_id_2 
_ndb_struct_na_base_pair_step.j_label_seq_id_2 
_ndb_struct_na_base_pair_step.j_symmetry_2 
_ndb_struct_na_base_pair_step.shift 
_ndb_struct_na_base_pair_step.slide 
_ndb_struct_na_base_pair_step.rise 
_ndb_struct_na_base_pair_step.tilt 
_ndb_struct_na_base_pair_step.roll 
_ndb_struct_na_base_pair_step.twist 
_ndb_struct_na_base_pair_step.x_displacement 
_ndb_struct_na_base_pair_step.y_displacement 
_ndb_struct_na_base_pair_step.helical_rise 
_ndb_struct_na_base_pair_step.inclination 
_ndb_struct_na_base_pair_step.tip 
_ndb_struct_na_base_pair_step.helical_twist 
_ndb_struct_na_base_pair_step.step_number 
_ndb_struct_na_base_pair_step.step_name 
_ndb_struct_na_base_pair_step.i_auth_asym_id_1 
_ndb_struct_na_base_pair_step.i_auth_seq_id_1 
_ndb_struct_na_base_pair_step.i_PDB_ins_code_1 
_ndb_struct_na_base_pair_step.j_auth_asym_id_1 
_ndb_struct_na_base_pair_step.j_auth_seq_id_1 
_ndb_struct_na_base_pair_step.j_PDB_ins_code_1 
_ndb_struct_na_base_pair_step.i_auth_asym_id_2 
_ndb_struct_na_base_pair_step.i_auth_seq_id_2 
_ndb_struct_na_base_pair_step.i_PDB_ins_code_2 
_ndb_struct_na_base_pair_step.j_auth_asym_id_2 
_ndb_struct_na_base_pair_step.j_auth_seq_id_2 
_ndb_struct_na_base_pair_step.j_PDB_ins_code_2 
1 A DG 3  1_555 D DC 16 1_555 A DC 4  1_555 D DG 15 1_555 -0.680 -0.377 3.196 -0.865 1.433  27.115 -1.155 1.235  3.192 3.053  
1.844  27.165 1  AA_DG3DC4:DG15DC16_DD A 3  ? D 16 ? A 4  ? D 15 ? 
1 A DC 4  1_555 D DG 15 1_555 A DA 5  1_555 D DT 14 1_555 0.111  1.172  3.208 -3.016 7.414  35.584 0.829  -0.603 3.357 11.945 
4.860  36.445 2  AA_DC4DA5:DT14DG15_DD A 4  ? D 15 ? A 5  ? D 14 ? 
1 A DA 5  1_555 D DT 14 1_555 A DG 6  1_555 D DC 13 1_555 -0.087 0.174  3.390 0.756  -0.954 33.354 0.467  0.281  3.381 -1.661 
-1.317 33.375 3  AA_DA5DG6:DC13DT14_DD A 5  ? D 14 ? A 6  ? D 13 ? 
1 A DG 6  1_555 D DC 13 1_555 A DA 7  1_555 D DT 12 1_555 -0.279 -0.566 3.293 -0.794 0.668  40.536 -0.892 0.314  3.288 0.964  
1.146  40.548 4  AA_DG6DA7:DT12DC13_DD A 6  ? D 13 ? A 7  ? D 12 ? 
1 A DA 7  1_555 D DT 12 1_555 A DC 8  1_555 D DG 11 1_555 1.009  -0.931 3.203 -2.889 -1.117 32.130 -1.483 -2.312 3.132 -2.013 
5.205  32.275 5  AA_DA7DC8:DG11DT12_DD A 7  ? D 12 ? A 8  ? D 11 ? 
1 A DC 8  1_555 D DG 11 1_555 A DT 9  1_555 D DG 10 1_555 -0.150 -1.399 3.543 -2.269 1.457  30.756 -2.933 -0.192 3.476 2.740  
4.267  30.871 6  AA_DC8DT9:DG10DG11_DD A 8  ? D 11 ? A 9  ? D 10 ? 
1 A DT 9  1_555 D DG 10 1_555 A DT 10 1_555 C DA 2  1_555 -0.516 -1.497 3.153 0.549  4.741  23.867 -4.919 1.382  2.795 11.320 
-1.310 24.332 7  AA_DT9DT10:DA2DG10_CD A 9  ? D 10 ? A 10 ? C 2  ? 
1 A DT 10 1_555 C DA 2  1_555 A DG 11 1_555 C DC 1  1_555 -0.398 1.645  3.190 -0.479 4.785  37.384 1.923  0.554  3.372 7.427  
0.743  37.681 8  AA_DT10DG11:DC1DA2_CC A 10 ? C 2  ? A 11 ? C 1  ? 
1 B DA 1  1_555 C DT 5  1_555 B DC 2  1_555 C DG 4  1_555 0.446  -1.138 3.430 -2.643 -1.314 32.380 -1.791 -1.283 3.426 -2.351 
4.727  32.511 9  BB_DA12DC13:DG4DT5_CC B 12 ? C 5  ? B 13 ? C 4  ? 
1 B DC 2  1_555 C DG 4  1_555 B DA 3  1_555 C DT 3  1_555 -0.420 -1.058 3.343 2.447  -1.822 35.812 -1.449 1.039  3.356 -2.956 
-3.971 35.937 10 BB_DC13DA14:DT3DG4_CC B 13 ? C 4  ? B 14 ? C 3  ? 
1 B DA 3  1_555 C DT 3  1_555 B DC 5  1_555 D DG 8  1_555 -0.755 -0.773 6.361 -3.078 5.415  69.875 -1.045 0.445  6.319 4.718  
2.682  70.117 11 BB_DA14DC16:DG8DT3_DC B 14 ? C 3  ? B 16 ? D 8  ? 
1 B DC 5  1_555 D DG 8  1_555 B DA 6  1_555 D DT 7  1_555 -0.336 -0.032 2.917 0.461  2.437  37.000 -0.341 0.583  2.905 3.835  
-0.725 37.080 12 BB_DC16DA17:DT7DG8_DD B 16 ? D 8  ? B 17 ? D 7  ? 
1 B DA 6  1_555 D DT 7  1_555 B DC 7  1_555 D DG 6  1_555 0.155  -0.608 3.366 0.983  -1.441 30.326 -0.862 -0.092 3.394 -2.752 
-1.877 30.375 13 BB_DA17DC18:DG6DT7_DD B 17 ? D 7  ? B 18 ? D 6  ? 
1 B DC 7  1_555 D DG 6  1_555 B DT 8  1_555 D DA 5  1_555 0.152  -0.195 3.490 0.671  1.109  31.557 -0.578 -0.146 3.484 2.038  
-1.234 31.583 14 BB_DC18DT19:DA5DG6_DD B 18 ? D 6  ? B 19 ? D 5  ? 
1 B DT 8  1_555 D DA 5  1_555 B DC 9  1_555 D DG 4  1_555 -0.458 0.415  3.352 1.080  5.002  43.362 0.064  0.723  3.366 6.742  
-1.455 43.648 15 BB_DT19DC20:DG4DA5_DD B 19 ? D 5  ? B 20 ? D 4  ? 
1 B DC 9  1_555 D DG 4  1_555 B DA 10 1_555 D DT 3  1_555 0.935  1.097  3.482 -0.764 2.622  38.393 1.314  -1.521 3.528 3.981  
1.160  38.486 16 BB_DC20DA21:DT3DG4_DD B 20 ? D 4  ? B 21 ? D 3  ? 
# 
loop_
_pdbx_audit_support.funding_organization 
_pdbx_audit_support.country 
_pdbx_audit_support.grant_number 
_pdbx_audit_support.ordinal 
'National Science Foundation (NSF, United States)'                                         'United States' 1360635     1 
'National Institutes of Health/National Institute of General Medical Sciences (NIH/NIGMS)' 'United States' R01GM104960 2 
'National Science Foundation (NSF, United States)'                                         'United States' NSF2004250  3 
# 
_pdbx_initial_refinement_model.id               1 
_pdbx_initial_refinement_model.entity_id_list   ? 
_pdbx_initial_refinement_model.type             'experimental model' 
_pdbx_initial_refinement_model.source_name      PDB 
_pdbx_initial_refinement_model.accession_code   6X8C 
_pdbx_initial_refinement_model.details          ? 
# 
_pdbx_struct_assembly_auth_evidence.id                     1 
_pdbx_struct_assembly_auth_evidence.assembly_id            1 
_pdbx_struct_assembly_auth_evidence.experimental_support   none 
_pdbx_struct_assembly_auth_evidence.details                ? 
# 
